data_5SKF
#
_entry.id   5SKF
#
_cell.length_a   135.050
_cell.length_b   135.050
_cell.length_c   234.400
_cell.angle_alpha   90.000
_cell.angle_beta   90.000
_cell.angle_gamma   120.000
#
_symmetry.space_group_name_H-M   'H 3'
#
loop_
_entity.id
_entity.type
_entity.pdbx_description
1 polymer "cAMP and cAMP-inhibited cGMP 3',5'-cyclic phosphodiesterase 10A"
2 non-polymer 'ZINC ION'
3 non-polymer 'MAGNESIUM ION'
4 non-polymer 'CHLORIDE ION'
5 non-polymer GLYCEROL
6 non-polymer 3-{5-[1-(2,2-difluoro-2H-1,3-benzodioxol-4-yl)-4-oxo-1,4-dihydropyridazin-3-yl]-1H-pyrazol-1-yl}benzonitrile
7 non-polymer 'PRASEODYMIUM ION'
8 water water
#
_entity_poly.entity_id   1
_entity_poly.type   'polypeptide(L)'
_entity_poly.pdbx_seq_one_letter_code
;GSSICTSEEWQGLMQFTLPVRLCKEIELFHFDIGPFENMWPGIFVYMVHRSCGTSCFELEKL(CME)RFIMSVKKNYRRV
PYHNWKHAVTVAHCMYAILQNNHTLFTDLERKGLLIACLCHDLDHRGFSNSYLQKFDHPLAALYSTSTMEQHHFSQTVSI
LQLEGHNIFSTLSSSEYEQVLEIIRKAIIATDLALYFGNRKQLEEMYQTGSLNLNNQSHRDRVIGLMMTACDLCSVTKLW
PVTKLTANDIYAEFWAEGDEMKKLGIQPIPMMDRDKKDEVPQGQLGFYNAVAIPCYTTLTQILPPTEPLLKACRDNLSQW
EKVIRGEETATWISSPSVAQKAAASED
;
_entity_poly.pdbx_strand_id   A,B,C,D
#
loop_
_chem_comp.id
_chem_comp.type
_chem_comp.name
_chem_comp.formula
CL non-polymer 'CHLORIDE ION' 'Cl -1'
GOL non-polymer GLYCEROL 'C3 H8 O3'
KF9 non-polymer 3-{5-[1-(2,2-difluoro-2H-1,3-benzodioxol-4-yl)-4-oxo-1,4-dihydropyridazin-3-yl]-1H-pyrazol-1-yl}benzonitrile 'C21 H11 F2 N5 O3'
MG non-polymer 'MAGNESIUM ION' 'Mg 2'
PR non-polymer 'PRASEODYMIUM ION' 'Pr 3'
ZN non-polymer 'ZINC ION' 'Zn 2'
#
# COMPACT_ATOMS: atom_id res chain seq x y z
N GLY A 12 -0.35 8.44 46.96
CA GLY A 12 -0.42 9.78 47.59
C GLY A 12 0.81 10.62 47.30
N LEU A 13 2.00 10.02 47.45
CA LEU A 13 3.32 10.67 47.23
C LEU A 13 3.82 10.45 45.79
N MET A 14 2.95 10.02 44.87
CA MET A 14 3.27 9.80 43.44
C MET A 14 3.00 11.10 42.66
N GLN A 15 3.90 12.07 42.78
CA GLN A 15 3.83 13.36 42.04
C GLN A 15 4.23 13.14 40.58
N PHE A 16 3.37 13.54 39.65
CA PHE A 16 3.65 13.55 38.19
C PHE A 16 4.68 14.65 37.91
N THR A 17 5.68 14.35 37.09
CA THR A 17 6.77 15.28 36.72
C THR A 17 6.91 15.33 35.19
N LEU A 18 7.27 16.49 34.65
CA LEU A 18 7.45 16.71 33.21
C LEU A 18 8.91 17.02 32.94
N PRO A 19 9.39 16.83 31.70
CA PRO A 19 10.73 17.29 31.33
C PRO A 19 10.89 18.79 31.60
N VAL A 20 12.13 19.23 31.81
CA VAL A 20 12.48 20.62 32.22
C VAL A 20 11.75 21.64 31.32
N ARG A 21 11.74 21.45 29.99
CA ARG A 21 11.18 22.47 29.07
C ARG A 21 9.66 22.59 29.28
N LEU A 22 8.95 21.47 29.48
CA LEU A 22 7.47 21.44 29.63
C LEU A 22 7.09 21.93 31.02
N CYS A 23 7.86 21.52 32.03
CA CYS A 23 7.69 21.93 33.45
C CYS A 23 7.53 23.46 33.53
N LYS A 24 8.35 24.19 32.76
CA LYS A 24 8.43 25.67 32.76
C LYS A 24 7.45 26.31 31.78
N GLU A 25 7.36 25.79 30.55
CA GLU A 25 6.52 26.38 29.48
C GLU A 25 5.04 26.11 29.76
N ILE A 26 4.69 25.01 30.46
CA ILE A 26 3.26 24.67 30.80
C ILE A 26 2.64 25.78 31.66
N GLU A 27 3.45 26.54 32.39
CA GLU A 27 2.96 27.65 33.25
C GLU A 27 2.52 28.83 32.39
N LEU A 28 2.97 28.93 31.15
CA LEU A 28 2.69 30.06 30.23
C LEU A 28 1.40 29.80 29.46
N PHE A 29 0.67 30.87 29.14
CA PHE A 29 -0.65 30.81 28.48
C PHE A 29 -0.50 30.18 27.09
N HIS A 30 0.63 30.44 26.40
CA HIS A 30 0.82 30.10 24.97
C HIS A 30 1.49 28.72 24.80
N PHE A 31 1.61 27.93 25.87
CA PHE A 31 2.05 26.51 25.81
C PHE A 31 1.26 25.76 24.74
N ASP A 32 1.98 25.01 23.90
CA ASP A 32 1.44 24.01 22.96
C ASP A 32 1.74 22.64 23.59
N ILE A 33 0.76 21.76 23.72
CA ILE A 33 0.90 20.46 24.44
C ILE A 33 1.70 19.44 23.61
N GLY A 34 2.00 19.74 22.33
CA GLY A 34 2.91 18.93 21.50
C GLY A 34 2.20 17.81 20.75
N PRO A 35 2.91 17.08 19.86
CA PRO A 35 2.30 16.04 19.03
C PRO A 35 2.39 14.61 19.61
N PHE A 36 2.82 14.44 20.86
CA PHE A 36 2.92 13.13 21.53
C PHE A 36 1.67 12.90 22.38
N GLU A 37 0.64 12.28 21.77
CA GLU A 37 -0.71 12.03 22.35
C GLU A 37 -0.59 11.34 23.72
N ASN A 38 0.35 10.42 23.87
CA ASN A 38 0.43 9.56 25.08
C ASN A 38 0.96 10.36 26.28
N MET A 39 1.51 11.56 26.06
CA MET A 39 1.95 12.47 27.16
C MET A 39 0.79 13.33 27.69
N TRP A 40 -0.32 13.46 26.94
CA TRP A 40 -1.40 14.44 27.25
C TRP A 40 -2.12 14.09 28.55
N PRO A 41 -2.41 12.80 28.85
CA PRO A 41 -2.99 12.43 30.15
C PRO A 41 -2.11 12.91 31.31
N GLY A 42 -0.81 12.60 31.27
CA GLY A 42 0.18 13.03 32.27
C GLY A 42 0.23 14.55 32.39
N ILE A 43 0.13 15.26 31.28
CA ILE A 43 0.08 16.75 31.24
C ILE A 43 -1.17 17.22 32.00
N PHE A 44 -2.31 16.54 31.81
CA PHE A 44 -3.57 16.93 32.49
C PHE A 44 -3.47 16.66 33.99
N VAL A 45 -3.01 15.47 34.41
CA VAL A 45 -2.90 15.09 35.85
C VAL A 45 -1.93 16.08 36.52
N TYR A 46 -0.79 16.31 35.87
CA TYR A 46 0.22 17.28 36.33
C TYR A 46 -0.47 18.59 36.69
N MET A 47 -1.29 19.11 35.77
CA MET A 47 -2.03 20.40 35.92
C MET A 47 -3.06 20.29 37.04
N VAL A 48 -3.75 19.16 37.14
CA VAL A 48 -4.78 18.93 38.20
C VAL A 48 -4.07 18.98 39.56
N HIS A 49 -3.00 18.20 39.71
CA HIS A 49 -2.21 18.05 40.96
C HIS A 49 -1.66 19.40 41.42
N ARG A 50 -1.30 20.28 40.48
CA ARG A 50 -0.71 21.62 40.75
C ARG A 50 -1.80 22.69 40.92
N SER A 51 -2.96 22.52 40.30
CA SER A 51 -4.07 23.51 40.25
C SER A 51 -5.07 23.27 41.38
N CYS A 52 -5.15 22.03 41.87
CA CYS A 52 -6.19 21.55 42.83
C CYS A 52 -5.52 20.87 44.01
N GLY A 53 -4.62 19.92 43.75
CA GLY A 53 -3.89 19.12 44.75
C GLY A 53 -3.87 17.66 44.37
N THR A 54 -3.07 16.84 45.06
CA THR A 54 -2.89 15.39 44.80
C THR A 54 -4.02 14.59 45.46
N SER A 55 -4.75 15.22 46.39
CA SER A 55 -5.80 14.60 47.23
C SER A 55 -7.20 14.81 46.62
N CYS A 56 -7.36 15.80 45.74
CA CYS A 56 -8.70 16.25 45.22
C CYS A 56 -9.38 15.09 44.50
N PHE A 57 -8.60 14.19 43.88
CA PHE A 57 -9.10 12.98 43.18
C PHE A 57 -8.27 11.76 43.58
N GLU A 58 -8.89 10.58 43.56
CA GLU A 58 -8.19 9.26 43.60
C GLU A 58 -7.53 9.05 42.23
N LEU A 59 -6.23 8.77 42.20
CA LEU A 59 -5.41 8.74 40.95
C LEU A 59 -5.91 7.62 40.02
N GLU A 60 -6.32 6.48 40.59
CA GLU A 60 -6.86 5.32 39.84
C GLU A 60 -8.15 5.73 39.12
N LYS A 61 -9.06 6.42 39.81
CA LYS A 61 -10.37 6.88 39.26
C LYS A 61 -10.13 7.96 38.21
N LEU A 62 -9.27 8.94 38.51
CA LEU A 62 -9.01 10.09 37.61
C LEU A 62 -8.48 9.55 36.28
N CME A 63 -7.49 8.65 36.35
CA CME A 63 -6.86 7.98 35.19
CB CME A 63 -5.75 7.04 35.62
SG CME A 63 -4.16 7.86 35.95
SD CME A 63 -3.86 8.95 34.27
CE CME A 63 -2.53 8.10 33.38
CZ CME A 63 -1.34 8.99 33.16
OH CME A 63 -0.42 8.45 32.23
C CME A 63 -7.93 7.28 34.35
O CME A 63 -7.93 7.47 33.13
N ARG A 64 -8.82 6.53 35.00
CA ARG A 64 -9.89 5.76 34.32
C ARG A 64 -10.89 6.74 33.71
N PHE A 65 -11.19 7.85 34.40
CA PHE A 65 -12.04 8.94 33.89
C PHE A 65 -11.40 9.57 32.64
N ILE A 66 -10.13 9.97 32.72
CA ILE A 66 -9.38 10.64 31.61
C ILE A 66 -9.41 9.75 30.36
N MET A 67 -9.17 8.45 30.51
CA MET A 67 -9.04 7.51 29.37
C MET A 67 -10.42 7.23 28.77
N SER A 68 -11.49 7.21 29.57
CA SER A 68 -12.88 7.09 29.05
C SER A 68 -13.28 8.37 28.29
N VAL A 69 -12.91 9.54 28.81
CA VAL A 69 -13.15 10.86 28.14
C VAL A 69 -12.46 10.81 26.78
N LYS A 70 -11.15 10.51 26.78
CA LYS A 70 -10.32 10.34 25.57
C LYS A 70 -11.04 9.44 24.57
N LYS A 71 -11.51 8.27 25.01
CA LYS A 71 -12.19 7.28 24.13
C LYS A 71 -13.41 7.91 23.46
N ASN A 72 -14.05 8.89 24.10
CA ASN A 72 -15.37 9.44 23.69
C ASN A 72 -15.22 10.77 22.93
N TYR A 73 -13.98 11.22 22.69
CA TYR A 73 -13.65 12.21 21.64
C TYR A 73 -13.40 11.46 20.33
N ARG A 74 -13.87 12.02 19.22
CA ARG A 74 -13.78 11.36 17.90
C ARG A 74 -12.50 11.82 17.21
N ARG A 75 -12.10 11.09 16.17
CA ARG A 75 -10.92 11.37 15.32
C ARG A 75 -11.32 12.39 14.24
N VAL A 76 -11.73 13.58 14.67
CA VAL A 76 -12.16 14.68 13.76
C VAL A 76 -11.00 15.66 13.67
N PRO A 77 -10.93 16.51 12.62
CA PRO A 77 -9.76 17.37 12.40
C PRO A 77 -9.42 18.35 13.53
N TYR A 78 -10.42 18.92 14.20
CA TYR A 78 -10.22 19.99 15.21
C TYR A 78 -10.86 19.62 16.56
N HIS A 79 -12.15 19.25 16.59
CA HIS A 79 -12.90 18.99 17.84
C HIS A 79 -12.54 17.61 18.38
N ASN A 80 -11.28 17.46 18.80
CA ASN A 80 -10.62 16.16 19.09
C ASN A 80 -10.01 16.22 20.49
N TRP A 81 -9.43 15.12 20.93
CA TRP A 81 -8.78 14.93 22.24
C TRP A 81 -7.75 16.04 22.48
N LYS A 82 -6.97 16.40 21.46
CA LYS A 82 -5.95 17.48 21.56
C LYS A 82 -6.60 18.80 21.96
N HIS A 83 -7.75 19.14 21.38
CA HIS A 83 -8.51 20.38 21.68
C HIS A 83 -8.92 20.38 23.15
N ALA A 84 -9.44 19.26 23.63
CA ALA A 84 -9.93 19.09 25.03
C ALA A 84 -8.80 19.41 25.99
N VAL A 85 -7.63 18.81 25.77
CA VAL A 85 -6.45 18.97 26.67
C VAL A 85 -5.90 20.39 26.53
N THR A 86 -5.89 20.95 25.33
CA THR A 86 -5.42 22.34 25.07
C THR A 86 -6.27 23.35 25.87
N VAL A 87 -7.59 23.20 25.83
CA VAL A 87 -8.57 24.10 26.51
C VAL A 87 -8.41 23.97 28.04
N ALA A 88 -8.21 22.75 28.56
CA ALA A 88 -7.93 22.48 29.98
C ALA A 88 -6.64 23.21 30.39
N HIS A 89 -5.64 23.23 29.51
CA HIS A 89 -4.35 23.92 29.82
C HIS A 89 -4.54 25.44 29.92
N CYS A 90 -5.30 26.06 29.01
CA CYS A 90 -5.59 27.51 29.09
C CYS A 90 -6.22 27.80 30.46
N MET A 91 -7.20 26.99 30.87
CA MET A 91 -7.94 27.15 32.15
C MET A 91 -6.96 27.00 33.32
N TYR A 92 -6.04 26.04 33.23
CA TYR A 92 -4.99 25.81 34.26
C TYR A 92 -4.17 27.10 34.41
N ALA A 93 -3.78 27.72 33.29
CA ALA A 93 -2.98 28.96 33.26
C ALA A 93 -3.77 30.09 33.93
N ILE A 94 -5.05 30.24 33.60
CA ILE A 94 -5.93 31.29 34.20
C ILE A 94 -5.99 31.06 35.73
N LEU A 95 -6.33 29.85 36.17
CA LEU A 95 -6.48 29.49 37.61
C LEU A 95 -5.17 29.75 38.38
N GLN A 96 -4.03 29.43 37.78
CA GLN A 96 -2.71 29.50 38.46
C GLN A 96 -2.27 30.96 38.59
N ASN A 97 -2.68 31.81 37.64
CA ASN A 97 -2.43 33.27 37.65
C ASN A 97 -3.48 34.03 38.49
N ASN A 98 -4.55 33.37 38.95
CA ASN A 98 -5.65 33.97 39.77
C ASN A 98 -5.93 33.05 40.96
N HIS A 99 -4.88 32.70 41.69
CA HIS A 99 -4.84 31.66 42.77
C HIS A 99 -6.01 31.86 43.75
N THR A 100 -6.15 33.05 44.33
CA THR A 100 -7.02 33.29 45.52
C THR A 100 -8.46 33.61 45.12
N LEU A 101 -8.79 33.72 43.83
CA LEU A 101 -10.14 34.15 43.37
C LEU A 101 -11.11 32.98 43.27
N PHE A 102 -10.64 31.72 43.31
CA PHE A 102 -11.49 30.54 43.04
C PHE A 102 -11.52 29.58 44.24
N THR A 103 -12.69 29.00 44.47
CA THR A 103 -13.01 28.08 45.59
C THR A 103 -12.33 26.72 45.32
N ASP A 104 -12.48 25.77 46.25
CA ASP A 104 -11.97 24.39 46.13
C ASP A 104 -12.70 23.70 44.96
N LEU A 105 -14.03 23.69 44.99
CA LEU A 105 -14.89 22.96 44.01
C LEU A 105 -14.68 23.55 42.61
N GLU A 106 -14.44 24.87 42.52
CA GLU A 106 -14.33 25.59 41.22
C GLU A 106 -13.05 25.17 40.49
N ARG A 107 -11.94 25.04 41.21
CA ARG A 107 -10.66 24.55 40.64
C ARG A 107 -10.84 23.11 40.11
N LYS A 108 -11.44 22.23 40.92
CA LYS A 108 -11.80 20.83 40.55
C LYS A 108 -12.65 20.83 39.28
N GLY A 109 -13.81 21.48 39.34
CA GLY A 109 -14.89 21.40 38.33
C GLY A 109 -14.46 21.95 36.98
N LEU A 110 -13.73 23.07 36.98
CA LEU A 110 -13.44 23.86 35.76
C LEU A 110 -12.45 23.11 34.84
N LEU A 111 -11.43 22.46 35.38
CA LEU A 111 -10.46 21.66 34.58
C LEU A 111 -11.17 20.45 33.95
N ILE A 112 -12.02 19.78 34.72
CA ILE A 112 -12.83 18.63 34.23
C ILE A 112 -13.78 19.17 33.15
N ALA A 113 -14.45 20.27 33.43
CA ALA A 113 -15.42 20.91 32.49
C ALA A 113 -14.74 21.14 31.14
N CYS A 114 -13.52 21.67 31.15
CA CYS A 114 -12.73 22.00 29.94
C CYS A 114 -12.38 20.71 29.19
N LEU A 115 -11.91 19.69 29.89
CA LEU A 115 -11.55 18.38 29.29
C LEU A 115 -12.75 17.75 28.59
N CYS A 116 -13.97 17.94 29.13
CA CYS A 116 -15.20 17.23 28.68
C CYS A 116 -16.06 18.12 27.78
N HIS A 117 -15.70 19.40 27.61
CA HIS A 117 -16.63 20.42 27.06
C HIS A 117 -17.00 20.14 25.61
N ASP A 118 -16.23 19.32 24.87
CA ASP A 118 -16.57 18.95 23.48
C ASP A 118 -16.72 17.43 23.33
N LEU A 119 -17.14 16.74 24.39
CA LEU A 119 -17.27 15.26 24.37
C LEU A 119 -18.18 14.81 23.23
N ASP A 120 -17.71 13.87 22.41
CA ASP A 120 -18.47 13.18 21.34
C ASP A 120 -18.85 14.14 20.21
N HIS A 121 -18.07 15.20 20.01
CA HIS A 121 -18.24 16.17 18.90
C HIS A 121 -18.00 15.47 17.55
N ARG A 122 -18.90 15.70 16.59
CA ARG A 122 -18.91 15.05 15.26
C ARG A 122 -18.21 15.95 14.24
N GLY A 123 -17.82 17.15 14.64
CA GLY A 123 -17.14 18.16 13.81
C GLY A 123 -18.12 19.12 13.15
N PHE A 124 -19.38 19.12 13.61
CA PHE A 124 -20.51 19.86 12.99
C PHE A 124 -21.11 20.83 14.00
N SER A 125 -21.58 21.97 13.51
CA SER A 125 -22.24 23.05 14.29
C SER A 125 -23.69 22.66 14.66
N ASN A 126 -24.22 23.34 15.68
CA ASN A 126 -25.65 23.24 16.10
C ASN A 126 -26.55 23.53 14.88
N SER A 127 -26.19 24.52 14.06
CA SER A 127 -26.91 24.95 12.84
C SER A 127 -27.09 23.77 11.89
N TYR A 128 -26.03 23.00 11.65
CA TYR A 128 -26.05 21.84 10.71
C TYR A 128 -26.94 20.73 11.30
N LEU A 129 -26.82 20.45 12.61
CA LEU A 129 -27.65 19.40 13.27
C LEU A 129 -29.13 19.76 13.08
N GLN A 130 -29.47 21.04 13.18
CA GLN A 130 -30.87 21.55 13.05
C GLN A 130 -31.35 21.34 11.61
N LYS A 131 -30.58 21.76 10.62
CA LYS A 131 -30.99 21.71 9.19
C LYS A 131 -31.06 20.27 8.71
N PHE A 132 -30.15 19.42 9.20
CA PHE A 132 -30.13 17.96 8.90
C PHE A 132 -31.36 17.30 9.53
N ASP A 133 -31.81 17.84 10.68
CA ASP A 133 -32.90 17.29 11.53
C ASP A 133 -32.32 16.08 12.26
N HIS A 134 -31.14 16.24 12.86
CA HIS A 134 -30.47 15.21 13.70
C HIS A 134 -31.31 15.02 14.95
N PRO A 135 -31.48 13.77 15.44
CA PRO A 135 -32.22 13.51 16.68
C PRO A 135 -31.84 14.43 17.86
N LEU A 136 -30.58 14.82 17.97
CA LEU A 136 -30.08 15.67 19.08
C LEU A 136 -30.72 17.07 19.02
N ALA A 137 -31.05 17.55 17.82
CA ALA A 137 -31.73 18.86 17.62
C ALA A 137 -33.15 18.78 18.21
N ALA A 138 -33.81 17.62 18.12
CA ALA A 138 -35.16 17.38 18.69
C ALA A 138 -35.05 17.26 20.22
N LEU A 139 -33.97 16.67 20.73
CA LEU A 139 -33.77 16.43 22.18
C LEU A 139 -33.40 17.76 22.87
N TYR A 140 -32.46 18.50 22.30
CA TYR A 140 -31.95 19.80 22.83
C TYR A 140 -32.11 20.87 21.76
N SER A 141 -33.16 21.67 21.87
CA SER A 141 -33.56 22.69 20.85
C SER A 141 -32.51 23.81 20.80
N THR A 142 -31.96 24.20 21.94
CA THR A 142 -30.87 25.22 22.04
C THR A 142 -29.63 24.63 22.73
N SER A 143 -28.47 25.23 22.46
CA SER A 143 -27.13 24.75 22.88
C SER A 143 -27.05 23.24 22.71
N THR A 144 -27.36 22.76 21.51
CA THR A 144 -27.65 21.31 21.21
C THR A 144 -26.43 20.45 21.58
N MET A 145 -25.28 20.70 20.95
CA MET A 145 -24.06 19.87 21.16
C MET A 145 -23.61 20.03 22.62
N GLU A 146 -23.78 21.22 23.19
CA GLU A 146 -23.28 21.55 24.56
C GLU A 146 -24.11 20.81 25.62
N GLN A 147 -25.42 20.63 25.40
CA GLN A 147 -26.26 19.78 26.27
C GLN A 147 -25.82 18.31 26.12
N HIS A 148 -25.44 17.89 24.92
CA HIS A 148 -24.91 16.54 24.63
C HIS A 148 -23.56 16.35 25.33
N HIS A 149 -22.68 17.36 25.29
CA HIS A 149 -21.32 17.27 25.90
C HIS A 149 -21.45 17.05 27.41
N PHE A 150 -22.38 17.75 28.04
CA PHE A 150 -22.65 17.62 29.50
C PHE A 150 -23.24 16.24 29.81
N SER A 151 -24.22 15.81 29.02
CA SER A 151 -24.85 14.46 29.13
C SER A 151 -23.75 13.40 29.12
N GLN A 152 -22.83 13.49 28.16
CA GLN A 152 -21.70 12.54 27.97
C GLN A 152 -20.80 12.58 29.21
N THR A 153 -20.64 13.75 29.83
CA THR A 153 -19.79 13.92 31.03
C THR A 153 -20.41 13.17 32.21
N VAL A 154 -21.72 13.29 32.39
CA VAL A 154 -22.48 12.63 33.49
C VAL A 154 -22.39 11.11 33.32
N SER A 155 -22.71 10.61 32.12
CA SER A 155 -22.67 9.16 31.76
C SER A 155 -21.31 8.57 32.14
N ILE A 156 -20.21 9.26 31.78
CA ILE A 156 -18.84 8.78 32.05
C ILE A 156 -18.61 8.74 33.56
N LEU A 157 -18.99 9.81 34.29
CA LEU A 157 -18.90 9.86 35.78
C LEU A 157 -19.64 8.67 36.41
N GLN A 158 -20.69 8.15 35.76
CA GLN A 158 -21.56 7.09 36.33
C GLN A 158 -21.04 5.69 35.95
N LEU A 159 -20.10 5.57 35.00
CA LEU A 159 -19.39 4.29 34.75
C LEU A 159 -18.79 3.81 36.08
N GLU A 160 -18.81 2.50 36.32
CA GLU A 160 -18.20 1.87 37.51
C GLU A 160 -16.77 2.36 37.69
N GLY A 161 -16.42 2.79 38.91
CA GLY A 161 -15.07 3.23 39.29
C GLY A 161 -14.60 4.47 38.54
N HIS A 162 -15.52 5.28 37.99
CA HIS A 162 -15.19 6.51 37.22
C HIS A 162 -15.58 7.78 37.98
N ASN A 163 -16.23 7.66 39.15
CA ASN A 163 -16.77 8.83 39.87
C ASN A 163 -15.65 9.49 40.67
N ILE A 164 -14.88 10.35 40.01
CA ILE A 164 -13.75 11.15 40.58
C ILE A 164 -14.25 12.05 41.72
N PHE A 165 -15.56 12.30 41.84
CA PHE A 165 -16.14 13.21 42.87
C PHE A 165 -16.69 12.41 44.06
N SER A 166 -16.49 11.10 44.07
CA SER A 166 -17.06 10.14 45.06
C SER A 166 -17.04 10.73 46.48
N THR A 167 -15.92 11.31 46.91
CA THR A 167 -15.68 11.75 48.31
C THR A 167 -16.47 13.02 48.67
N LEU A 168 -17.08 13.70 47.70
CA LEU A 168 -17.90 14.92 47.95
C LEU A 168 -19.21 14.54 48.65
N SER A 169 -19.76 15.46 49.44
CA SER A 169 -21.11 15.39 50.06
C SER A 169 -22.17 15.68 48.99
N SER A 170 -23.39 15.16 49.16
CA SER A 170 -24.54 15.37 48.24
C SER A 170 -24.59 16.85 47.80
N SER A 171 -24.21 17.76 48.70
CA SER A 171 -24.25 19.23 48.53
C SER A 171 -23.09 19.71 47.64
N GLU A 172 -21.87 19.25 47.91
CA GLU A 172 -20.66 19.59 47.13
C GLU A 172 -20.71 18.93 45.74
N TYR A 173 -21.24 17.71 45.64
CA TYR A 173 -21.38 16.96 44.36
C TYR A 173 -22.33 17.74 43.44
N GLU A 174 -23.50 18.13 43.94
CA GLU A 174 -24.50 18.91 43.16
C GLU A 174 -23.87 20.25 42.75
N GLN A 175 -23.07 20.85 43.63
CA GLN A 175 -22.42 22.15 43.38
C GLN A 175 -21.40 22.01 42.24
N VAL A 176 -20.60 20.95 42.25
CA VAL A 176 -19.53 20.73 41.22
C VAL A 176 -20.19 20.39 39.88
N LEU A 177 -21.26 19.57 39.87
CA LEU A 177 -21.96 19.17 38.61
C LEU A 177 -22.63 20.40 38.01
N GLU A 178 -23.10 21.32 38.84
CA GLU A 178 -23.79 22.58 38.42
C GLU A 178 -22.78 23.56 37.84
N ILE A 179 -21.58 23.67 38.43
CA ILE A 179 -20.45 24.47 37.87
C ILE A 179 -20.06 23.94 36.49
N ILE A 180 -19.92 22.61 36.37
CA ILE A 180 -19.53 21.95 35.11
C ILE A 180 -20.61 22.17 34.05
N ARG A 181 -21.89 21.98 34.38
CA ARG A 181 -23.01 22.17 33.40
C ARG A 181 -22.95 23.59 32.83
N LYS A 182 -22.93 24.59 33.72
CA LYS A 182 -22.93 26.02 33.30
C LYS A 182 -21.70 26.29 32.44
N ALA A 183 -20.54 25.78 32.86
CA ALA A 183 -19.25 25.96 32.17
C ALA A 183 -19.36 25.38 30.75
N ILE A 184 -19.97 24.22 30.60
CA ILE A 184 -20.00 23.52 29.27
C ILE A 184 -21.01 24.26 28.39
N ILE A 185 -22.18 24.59 28.93
CA ILE A 185 -23.23 25.34 28.18
C ILE A 185 -22.64 26.67 27.72
N ALA A 186 -21.81 27.33 28.53
CA ALA A 186 -21.25 28.66 28.20
C ALA A 186 -20.38 28.55 26.93
N THR A 187 -19.84 27.38 26.59
CA THR A 187 -18.98 27.19 25.39
C THR A 187 -19.82 27.29 24.10
N ASP A 188 -21.15 27.36 24.20
CA ASP A 188 -22.02 27.72 23.05
C ASP A 188 -21.79 29.20 22.71
N LEU A 189 -21.13 29.45 21.58
CA LEU A 189 -20.66 30.81 21.17
C LEU A 189 -21.86 31.74 20.97
N ALA A 190 -23.03 31.19 20.60
CA ALA A 190 -24.30 31.95 20.47
C ALA A 190 -24.61 32.67 21.79
N LEU A 191 -24.25 32.07 22.93
CA LEU A 191 -24.51 32.63 24.29
C LEU A 191 -23.38 33.59 24.72
N TYR A 192 -22.20 33.51 24.09
CA TYR A 192 -21.02 34.33 24.46
C TYR A 192 -21.32 35.83 24.32
N PHE A 193 -21.96 36.24 23.22
CA PHE A 193 -22.14 37.68 22.84
C PHE A 193 -22.87 38.43 23.97
N GLY A 194 -24.03 37.90 24.39
CA GLY A 194 -24.86 38.50 25.46
C GLY A 194 -24.13 38.51 26.79
N ASN A 195 -23.43 37.41 27.09
CA ASN A 195 -22.71 37.23 28.37
C ASN A 195 -21.60 38.29 28.50
N ARG A 196 -20.88 38.57 27.40
CA ARG A 196 -19.79 39.57 27.40
C ARG A 196 -20.37 40.98 27.55
N LYS A 197 -21.43 41.29 26.82
CA LYS A 197 -22.15 42.59 26.90
C LYS A 197 -22.47 42.86 28.37
N GLN A 198 -23.18 41.94 29.02
CA GLN A 198 -23.63 42.05 30.44
C GLN A 198 -22.42 42.27 31.34
N LEU A 199 -21.33 41.54 31.10
CA LEU A 199 -20.10 41.62 31.93
C LEU A 199 -19.42 42.98 31.71
N GLU A 200 -19.45 43.49 30.48
CA GLU A 200 -18.89 44.81 30.09
C GLU A 200 -19.67 45.89 30.83
N GLU A 201 -21.01 45.89 30.71
CA GLU A 201 -21.94 46.83 31.39
C GLU A 201 -21.68 46.79 32.90
N MET A 202 -21.77 45.59 33.51
CA MET A 202 -21.58 45.37 34.97
C MET A 202 -20.24 45.94 35.40
N TYR A 203 -19.19 45.66 34.64
CA TYR A 203 -17.79 46.06 34.97
C TYR A 203 -17.68 47.59 34.99
N GLN A 204 -18.36 48.27 34.07
CA GLN A 204 -18.32 49.74 33.86
C GLN A 204 -19.18 50.50 34.89
N THR A 205 -20.36 49.97 35.23
CA THR A 205 -21.30 50.59 36.21
C THR A 205 -20.84 50.26 37.65
N GLY A 206 -19.88 49.34 37.82
CA GLY A 206 -19.33 48.94 39.12
C GLY A 206 -20.25 48.01 39.89
N SER A 207 -21.19 47.35 39.20
CA SER A 207 -22.16 46.38 39.80
C SER A 207 -21.52 44.98 39.90
N LEU A 208 -20.39 44.73 39.23
CA LEU A 208 -19.77 43.38 39.20
C LEU A 208 -19.33 43.02 40.62
N ASN A 209 -19.88 41.91 41.14
CA ASN A 209 -19.74 41.44 42.53
C ASN A 209 -19.49 39.93 42.49
N LEU A 210 -18.26 39.49 42.74
CA LEU A 210 -17.86 38.05 42.64
C LEU A 210 -18.38 37.27 43.86
N ASN A 211 -19.22 37.87 44.71
CA ASN A 211 -19.98 37.18 45.78
C ASN A 211 -21.39 36.84 45.26
N ASN A 212 -21.88 37.62 44.30
CA ASN A 212 -23.10 37.32 43.53
C ASN A 212 -22.81 36.09 42.65
N GLN A 213 -23.36 34.94 43.00
CA GLN A 213 -23.18 33.67 42.26
C GLN A 213 -23.56 33.88 40.79
N SER A 214 -24.63 34.64 40.53
CA SER A 214 -25.10 34.93 39.15
C SER A 214 -23.98 35.63 38.37
N HIS A 215 -23.14 36.41 39.07
CA HIS A 215 -22.01 37.19 38.49
C HIS A 215 -20.78 36.28 38.31
N ARG A 216 -20.46 35.45 39.30
CA ARG A 216 -19.42 34.40 39.21
C ARG A 216 -19.67 33.54 37.97
N ASP A 217 -20.91 33.06 37.79
CA ASP A 217 -21.34 32.24 36.62
C ASP A 217 -20.92 32.93 35.32
N ARG A 218 -21.27 34.21 35.16
CA ARG A 218 -20.99 34.99 33.92
C ARG A 218 -19.47 35.04 33.68
N VAL A 219 -18.70 35.31 34.73
CA VAL A 219 -17.21 35.42 34.65
C VAL A 219 -16.64 34.03 34.31
N ILE A 220 -17.21 32.96 34.88
CA ILE A 220 -16.79 31.58 34.53
C ILE A 220 -17.11 31.32 33.04
N GLY A 221 -18.31 31.67 32.58
CA GLY A 221 -18.71 31.52 31.17
C GLY A 221 -17.70 32.20 30.25
N LEU A 222 -17.28 33.41 30.60
CA LEU A 222 -16.32 34.19 29.78
C LEU A 222 -14.95 33.50 29.79
N MET A 223 -14.54 32.97 30.93
CA MET A 223 -13.28 32.19 31.05
C MET A 223 -13.39 30.98 30.11
N MET A 224 -14.57 30.36 30.03
CA MET A 224 -14.77 29.15 29.18
C MET A 224 -14.66 29.57 27.71
N THR A 225 -15.27 30.68 27.31
CA THR A 225 -15.08 31.23 25.94
C THR A 225 -13.57 31.45 25.70
N ALA A 226 -12.88 32.17 26.59
CA ALA A 226 -11.45 32.49 26.49
C ALA A 226 -10.63 31.21 26.29
N CYS A 227 -10.81 30.20 27.13
CA CYS A 227 -10.07 28.91 27.03
C CYS A 227 -10.42 28.21 25.72
N ASP A 228 -11.71 28.20 25.36
CA ASP A 228 -12.21 27.45 24.19
C ASP A 228 -11.61 28.05 22.90
N LEU A 229 -11.39 29.37 22.85
CA LEU A 229 -10.89 30.09 21.65
C LEU A 229 -9.36 30.23 21.66
N CYS A 230 -8.67 29.65 22.65
CA CYS A 230 -7.26 29.98 22.97
C CYS A 230 -6.28 29.60 21.84
N SER A 231 -6.69 28.91 20.76
CA SER A 231 -5.78 28.68 19.60
C SER A 231 -5.34 30.03 19.01
N VAL A 232 -6.16 31.09 19.12
CA VAL A 232 -5.85 32.45 18.61
C VAL A 232 -4.83 33.17 19.52
N THR A 233 -4.46 32.60 20.68
CA THR A 233 -3.52 33.22 21.65
C THR A 233 -2.17 32.49 21.63
N LYS A 234 -1.99 31.55 20.71
CA LYS A 234 -0.73 30.77 20.59
C LYS A 234 0.26 31.59 19.78
N LEU A 235 1.51 31.13 19.72
CA LEU A 235 2.51 31.72 18.79
C LEU A 235 2.04 31.44 17.36
N TRP A 236 2.32 32.38 16.44
CA TRP A 236 1.70 32.47 15.09
C TRP A 236 1.71 31.14 14.37
N PRO A 237 2.84 30.38 14.34
CA PRO A 237 2.88 29.11 13.61
C PRO A 237 1.86 28.09 14.14
N VAL A 238 1.60 28.09 15.45
CA VAL A 238 0.61 27.17 16.09
C VAL A 238 -0.79 27.64 15.68
N THR A 239 -1.05 28.94 15.79
CA THR A 239 -2.35 29.58 15.43
C THR A 239 -2.66 29.27 13.97
N LYS A 240 -1.70 29.54 13.08
CA LYS A 240 -1.82 29.38 11.61
C LYS A 240 -2.11 27.91 11.29
N LEU A 241 -1.44 26.96 11.94
CA LEU A 241 -1.54 25.52 11.62
C LEU A 241 -2.84 24.95 12.19
N THR A 242 -3.29 25.42 13.36
CA THR A 242 -4.62 25.08 13.94
C THR A 242 -5.76 25.58 13.03
N ALA A 243 -5.58 26.73 12.37
CA ALA A 243 -6.58 27.33 11.46
C ALA A 243 -6.90 26.34 10.35
N ASN A 244 -5.88 25.64 9.82
CA ASN A 244 -6.03 24.56 8.79
C ASN A 244 -7.05 23.52 9.29
N ASP A 245 -6.91 23.07 10.54
CA ASP A 245 -7.77 22.00 11.14
C ASP A 245 -9.18 22.56 11.36
N ILE A 246 -9.29 23.77 11.90
CA ILE A 246 -10.59 24.47 12.10
C ILE A 246 -11.34 24.52 10.76
N TYR A 247 -10.67 24.92 9.69
CA TYR A 247 -11.34 25.18 8.38
C TYR A 247 -11.57 23.85 7.67
N ALA A 248 -10.81 22.81 8.02
CA ALA A 248 -11.03 21.41 7.58
C ALA A 248 -12.44 20.99 7.96
N GLU A 249 -12.85 21.22 9.21
CA GLU A 249 -14.20 20.90 9.72
C GLU A 249 -15.24 21.82 9.07
N PHE A 250 -14.97 23.13 8.98
CA PHE A 250 -15.93 24.11 8.40
C PHE A 250 -16.27 23.73 6.96
N TRP A 251 -15.27 23.34 6.17
CA TRP A 251 -15.45 23.01 4.73
C TRP A 251 -16.17 21.67 4.56
N ALA A 252 -15.91 20.69 5.43
CA ALA A 252 -16.69 19.43 5.47
C ALA A 252 -18.16 19.76 5.76
N GLU A 253 -18.43 20.71 6.65
CA GLU A 253 -19.83 21.08 7.01
C GLU A 253 -20.51 21.76 5.82
N GLY A 254 -19.79 22.67 5.15
CA GLY A 254 -20.27 23.36 3.95
C GLY A 254 -20.63 22.37 2.87
N ASP A 255 -19.77 21.37 2.65
CA ASP A 255 -20.02 20.23 1.73
C ASP A 255 -21.37 19.60 2.09
N GLU A 256 -21.57 19.32 3.38
CA GLU A 256 -22.79 18.63 3.87
C GLU A 256 -24.01 19.55 3.71
N MET A 257 -23.84 20.86 3.89
CA MET A 257 -24.90 21.88 3.62
C MET A 257 -25.28 21.79 2.14
N LYS A 258 -24.31 21.68 1.22
CA LYS A 258 -24.58 21.59 -0.23
C LYS A 258 -25.30 20.27 -0.54
N LYS A 259 -25.00 19.20 0.20
CA LYS A 259 -25.69 17.90 0.04
C LYS A 259 -27.18 18.05 0.40
N LEU A 260 -27.51 18.89 1.38
CA LEU A 260 -28.92 19.22 1.77
C LEU A 260 -29.53 20.26 0.83
N GLY A 261 -28.83 20.63 -0.25
CA GLY A 261 -29.30 21.62 -1.26
C GLY A 261 -29.24 23.04 -0.75
N ILE A 262 -28.42 23.31 0.30
CA ILE A 262 -28.28 24.64 0.94
C ILE A 262 -26.88 25.19 0.68
N GLN A 263 -26.76 26.32 -0.01
CA GLN A 263 -25.46 27.03 -0.17
C GLN A 263 -24.99 27.45 1.21
N PRO A 264 -23.77 27.04 1.65
CA PRO A 264 -23.28 27.38 2.98
C PRO A 264 -22.77 28.83 3.00
N ILE A 265 -22.76 29.46 4.18
CA ILE A 265 -22.09 30.77 4.41
C ILE A 265 -20.66 30.68 3.88
N PRO A 266 -20.06 31.80 3.43
CA PRO A 266 -18.70 31.81 2.90
C PRO A 266 -17.64 31.13 3.78
N MET A 267 -17.73 31.30 5.11
CA MET A 267 -16.81 30.71 6.11
C MET A 267 -16.67 29.19 5.91
N MET A 268 -17.75 28.51 5.50
CA MET A 268 -17.81 27.03 5.36
C MET A 268 -17.68 26.60 3.88
N ASP A 269 -17.59 27.53 2.94
CA ASP A 269 -17.48 27.23 1.50
C ASP A 269 -16.00 27.14 1.10
N ARG A 270 -15.55 25.96 0.67
CA ARG A 270 -14.14 25.68 0.34
C ARG A 270 -13.78 26.32 -1.01
N ASP A 271 -14.78 26.74 -1.80
CA ASP A 271 -14.58 27.54 -3.04
C ASP A 271 -14.08 28.94 -2.64
N LYS A 272 -14.55 29.45 -1.50
CA LYS A 272 -14.24 30.82 -1.00
C LYS A 272 -13.06 30.75 -0.02
N LYS A 273 -12.01 29.99 -0.37
CA LYS A 273 -10.79 29.81 0.46
C LYS A 273 -10.03 31.12 0.55
N ASP A 274 -10.04 31.91 -0.54
CA ASP A 274 -9.37 33.24 -0.66
C ASP A 274 -9.86 34.18 0.45
N GLU A 275 -11.11 34.04 0.90
CA GLU A 275 -11.78 34.96 1.86
C GLU A 275 -11.43 34.62 3.33
N VAL A 276 -10.65 33.56 3.60
CA VAL A 276 -10.35 33.11 5.00
C VAL A 276 -9.69 34.26 5.78
N PRO A 277 -8.57 34.85 5.31
CA PRO A 277 -7.87 35.87 6.10
C PRO A 277 -8.78 37.01 6.57
N GLN A 278 -9.67 37.51 5.71
CA GLN A 278 -10.66 38.56 6.07
C GLN A 278 -11.66 38.00 7.07
N GLY A 279 -12.24 36.83 6.79
CA GLY A 279 -13.09 36.07 7.72
C GLY A 279 -12.46 35.93 9.09
N GLN A 280 -11.13 35.81 9.17
CA GLN A 280 -10.35 35.72 10.44
C GLN A 280 -10.28 37.08 11.14
N LEU A 281 -10.09 38.17 10.38
CA LEU A 281 -10.11 39.55 10.94
C LEU A 281 -11.44 39.78 11.65
N GLY A 282 -12.55 39.42 11.01
CA GLY A 282 -13.91 39.59 11.55
C GLY A 282 -14.08 38.83 12.85
N PHE A 283 -13.58 37.60 12.91
CA PHE A 283 -13.64 36.73 14.11
C PHE A 283 -12.83 37.34 15.25
N TYR A 284 -11.58 37.73 14.97
CA TYR A 284 -10.71 38.40 15.97
C TYR A 284 -11.39 39.66 16.51
N ASN A 285 -11.88 40.52 15.62
CA ASN A 285 -12.45 41.85 15.99
C ASN A 285 -13.83 41.68 16.66
N ALA A 286 -14.68 40.77 16.17
CA ALA A 286 -16.07 40.61 16.65
C ALA A 286 -16.16 39.61 17.80
N VAL A 287 -15.22 38.68 17.94
CA VAL A 287 -15.32 37.60 18.98
C VAL A 287 -14.10 37.63 19.90
N ALA A 288 -12.91 37.35 19.38
CA ALA A 288 -11.70 37.00 20.18
C ALA A 288 -11.21 38.21 20.99
N ILE A 289 -10.96 39.34 20.34
CA ILE A 289 -10.35 40.52 21.02
C ILE A 289 -11.29 41.05 22.09
N PRO A 290 -12.60 41.26 21.80
CA PRO A 290 -13.57 41.62 22.84
C PRO A 290 -13.57 40.67 24.05
N CYS A 291 -13.46 39.36 23.77
CA CYS A 291 -13.45 38.28 24.80
C CYS A 291 -12.26 38.49 25.74
N TYR A 292 -11.04 38.56 25.19
CA TYR A 292 -9.80 38.68 25.99
C TYR A 292 -9.66 40.11 26.55
N THR A 293 -10.33 41.10 25.96
CA THR A 293 -10.37 42.50 26.48
C THR A 293 -11.16 42.52 27.79
N THR A 294 -12.42 42.08 27.76
CA THR A 294 -13.29 41.99 28.95
C THR A 294 -12.63 41.11 30.02
N LEU A 295 -12.06 39.96 29.64
CA LEU A 295 -11.43 39.01 30.59
C LEU A 295 -10.26 39.70 31.31
N THR A 296 -9.44 40.47 30.58
CA THR A 296 -8.29 41.22 31.16
C THR A 296 -8.81 42.26 32.16
N GLN A 297 -10.00 42.82 31.93
CA GLN A 297 -10.62 43.85 32.82
C GLN A 297 -11.01 43.22 34.16
N ILE A 298 -11.64 42.05 34.12
CA ILE A 298 -12.13 41.32 35.33
C ILE A 298 -10.91 40.68 35.99
N LEU A 299 -10.05 40.01 35.21
CA LEU A 299 -8.91 39.19 35.70
C LEU A 299 -7.62 39.71 35.09
N PRO A 300 -7.07 40.83 35.64
CA PRO A 300 -5.88 41.46 35.11
C PRO A 300 -4.71 40.53 34.76
N PRO A 301 -4.38 39.50 35.57
CA PRO A 301 -3.28 38.60 35.22
C PRO A 301 -3.44 37.80 33.90
N THR A 302 -4.62 37.76 33.28
CA THR A 302 -4.86 37.04 31.99
C THR A 302 -4.45 37.91 30.79
N GLU A 303 -3.83 39.07 31.02
CA GLU A 303 -3.48 40.06 29.96
C GLU A 303 -2.62 39.44 28.86
N PRO A 304 -1.73 38.46 29.15
CA PRO A 304 -0.96 37.79 28.10
C PRO A 304 -1.80 37.17 26.98
N LEU A 305 -3.03 36.71 27.27
CA LEU A 305 -3.96 36.13 26.26
C LEU A 305 -4.37 37.25 25.28
N LEU A 306 -4.77 38.42 25.79
CA LEU A 306 -5.16 39.58 24.94
C LEU A 306 -3.98 39.98 24.05
N LYS A 307 -2.79 40.10 24.64
CA LYS A 307 -1.56 40.56 23.95
C LYS A 307 -1.24 39.62 22.78
N ALA A 308 -1.26 38.31 23.04
CA ALA A 308 -0.96 37.24 22.04
C ALA A 308 -2.03 37.26 20.94
N CYS A 309 -3.28 37.53 21.31
CA CYS A 309 -4.43 37.59 20.36
C CYS A 309 -4.21 38.75 19.38
N ARG A 310 -3.87 39.94 19.90
CA ARG A 310 -3.63 41.15 19.06
CA ARG A 310 -3.61 41.15 19.07
C ARG A 310 -2.44 40.86 18.13
N ASP A 311 -1.40 40.20 18.64
CA ASP A 311 -0.22 39.77 17.85
C ASP A 311 -0.68 38.95 16.64
N ASN A 312 -1.63 38.03 16.86
CA ASN A 312 -2.16 37.14 15.80
C ASN A 312 -3.08 37.94 14.88
N LEU A 313 -3.83 38.92 15.40
CA LEU A 313 -4.64 39.83 14.54
C LEU A 313 -3.69 40.50 13.54
N SER A 314 -2.58 41.06 14.04
CA SER A 314 -1.52 41.72 13.21
C SER A 314 -1.02 40.78 12.11
N GLN A 315 -0.72 39.52 12.45
CA GLN A 315 -0.17 38.50 11.52
C GLN A 315 -1.18 38.25 10.37
N TRP A 316 -2.48 38.15 10.68
CA TRP A 316 -3.56 37.95 9.68
C TRP A 316 -3.67 39.17 8.78
N GLU A 317 -3.51 40.38 9.33
CA GLU A 317 -3.50 41.64 8.55
C GLU A 317 -2.27 41.63 7.63
N LYS A 318 -1.12 41.16 8.14
CA LYS A 318 0.12 40.97 7.32
C LYS A 318 -0.19 40.00 6.17
N VAL A 319 -0.96 38.94 6.44
CA VAL A 319 -1.36 37.92 5.41
C VAL A 319 -2.15 38.61 4.29
N ILE A 320 -3.07 39.51 4.63
CA ILE A 320 -3.94 40.24 3.64
C ILE A 320 -3.05 41.18 2.81
N ARG A 321 -2.11 41.90 3.44
CA ARG A 321 -1.21 42.88 2.79
C ARG A 321 -0.07 42.17 2.04
N GLY A 322 -0.15 40.84 1.88
CA GLY A 322 0.82 40.03 1.10
C GLY A 322 2.17 39.91 1.78
N GLU A 323 2.29 40.36 3.04
CA GLU A 323 3.54 40.27 3.85
C GLU A 323 3.70 38.85 4.41
N GLU A 324 2.67 37.99 4.25
CA GLU A 324 2.72 36.52 4.50
C GLU A 324 1.35 35.90 4.17
N GLN B 11 3.53 -31.56 11.79
CA GLN B 11 3.19 -30.14 11.43
C GLN B 11 4.46 -29.29 11.39
N GLY B 12 5.55 -29.80 10.80
CA GLY B 12 6.86 -29.12 10.71
C GLY B 12 7.40 -29.03 9.29
N LEU B 13 6.73 -29.68 8.33
CA LEU B 13 7.09 -29.60 6.88
C LEU B 13 6.01 -28.77 6.16
N MET B 14 5.74 -27.58 6.69
CA MET B 14 4.78 -26.59 6.14
C MET B 14 5.57 -25.40 5.56
N GLN B 15 6.09 -25.56 4.34
CA GLN B 15 6.74 -24.44 3.61
C GLN B 15 5.66 -23.37 3.36
N PHE B 16 5.91 -22.13 3.79
CA PHE B 16 5.14 -20.95 3.35
C PHE B 16 5.37 -20.78 1.84
N THR B 17 4.29 -20.62 1.09
CA THR B 17 4.31 -20.45 -0.38
C THR B 17 3.57 -19.16 -0.74
N LEU B 18 4.15 -18.37 -1.64
CA LEU B 18 3.53 -17.14 -2.16
C LEU B 18 2.92 -17.45 -3.52
N PRO B 19 2.02 -16.60 -4.04
CA PRO B 19 1.59 -16.68 -5.43
C PRO B 19 2.82 -16.58 -6.35
N VAL B 20 2.70 -17.04 -7.59
CA VAL B 20 3.85 -17.22 -8.53
C VAL B 20 4.63 -15.90 -8.60
N ARG B 21 3.96 -14.80 -8.97
CA ARG B 21 4.64 -13.52 -9.31
C ARG B 21 5.49 -13.07 -8.13
N LEU B 22 4.99 -13.24 -6.90
CA LEU B 22 5.69 -12.81 -5.66
C LEU B 22 6.90 -13.72 -5.44
N CYS B 23 6.72 -15.03 -5.56
CA CYS B 23 7.80 -16.07 -5.43
C CYS B 23 8.99 -15.72 -6.33
N LYS B 24 8.75 -15.23 -7.55
CA LYS B 24 9.82 -14.88 -8.52
C LYS B 24 10.38 -13.48 -8.22
N GLU B 25 9.51 -12.53 -7.84
CA GLU B 25 9.88 -11.10 -7.70
C GLU B 25 10.64 -10.90 -6.38
N ILE B 26 10.32 -11.70 -5.35
CA ILE B 26 10.81 -11.49 -3.96
C ILE B 26 12.34 -11.70 -3.93
N GLU B 27 12.89 -12.44 -4.90
CA GLU B 27 14.35 -12.71 -5.00
C GLU B 27 15.07 -11.45 -5.49
N LEU B 28 14.35 -10.57 -6.19
CA LEU B 28 14.90 -9.32 -6.76
C LEU B 28 15.00 -8.26 -5.66
N PHE B 29 16.07 -7.48 -5.70
CA PHE B 29 16.32 -6.35 -4.76
C PHE B 29 15.18 -5.33 -4.86
N HIS B 30 14.58 -5.10 -6.03
CA HIS B 30 13.61 -3.98 -6.24
C HIS B 30 12.16 -4.43 -5.99
N PHE B 31 11.96 -5.64 -5.46
CA PHE B 31 10.63 -6.15 -5.03
C PHE B 31 9.92 -5.11 -4.16
N ASP B 32 8.65 -4.83 -4.47
CA ASP B 32 7.70 -4.08 -3.60
C ASP B 32 6.75 -5.10 -2.97
N ILE B 33 6.52 -5.02 -1.66
CA ILE B 33 5.73 -6.03 -0.88
C ILE B 33 4.23 -5.79 -1.06
N GLY B 34 3.83 -4.76 -1.79
CA GLY B 34 2.44 -4.53 -2.22
C GLY B 34 1.59 -3.83 -1.16
N PRO B 35 0.33 -3.48 -1.50
CA PRO B 35 -0.54 -2.74 -0.59
C PRO B 35 -1.46 -3.57 0.31
N PHE B 36 -1.34 -4.91 0.30
CA PHE B 36 -2.14 -5.83 1.13
C PHE B 36 -1.38 -6.12 2.44
N GLU B 37 -1.73 -5.41 3.51
CA GLU B 37 -1.09 -5.47 4.85
C GLU B 37 -1.11 -6.91 5.36
N ASN B 38 -2.18 -7.66 5.09
CA ASN B 38 -2.44 -9.00 5.67
C ASN B 38 -1.47 -10.02 5.07
N MET B 39 -0.79 -9.70 3.96
CA MET B 39 0.17 -10.61 3.30
C MET B 39 1.60 -10.40 3.80
N TRP B 40 1.90 -9.28 4.46
CA TRP B 40 3.31 -8.93 4.83
C TRP B 40 3.85 -9.94 5.85
N PRO B 41 3.09 -10.33 6.91
CA PRO B 41 3.57 -11.32 7.87
C PRO B 41 3.96 -12.64 7.17
N GLY B 42 3.17 -13.07 6.18
CA GLY B 42 3.45 -14.29 5.40
C GLY B 42 4.70 -14.11 4.56
N ILE B 43 4.87 -12.95 3.94
CA ILE B 43 6.07 -12.59 3.15
C ILE B 43 7.29 -12.68 4.06
N PHE B 44 7.19 -12.21 5.32
CA PHE B 44 8.34 -12.21 6.25
C PHE B 44 8.72 -13.65 6.64
N VAL B 45 7.77 -14.45 7.12
CA VAL B 45 8.00 -15.87 7.53
C VAL B 45 8.59 -16.63 6.33
N TYR B 46 8.03 -16.43 5.15
CA TYR B 46 8.54 -17.03 3.89
C TYR B 46 10.05 -16.76 3.80
N MET B 47 10.43 -15.49 3.87
CA MET B 47 11.85 -15.04 3.75
C MET B 47 12.69 -15.70 4.86
N VAL B 48 12.16 -15.79 6.08
CA VAL B 48 12.90 -16.41 7.22
C VAL B 48 13.18 -17.88 6.87
N HIS B 49 12.18 -18.58 6.34
CA HIS B 49 12.22 -20.02 6.01
C HIS B 49 13.29 -20.29 4.96
N ARG B 50 13.31 -19.48 3.88
CA ARG B 50 14.30 -19.63 2.77
C ARG B 50 15.66 -19.14 3.24
N SER B 51 15.71 -18.13 4.11
CA SER B 51 16.95 -17.40 4.47
C SER B 51 17.83 -18.25 5.39
N CYS B 52 17.28 -18.75 6.51
CA CYS B 52 18.05 -19.53 7.52
C CYS B 52 17.36 -20.85 7.89
N GLY B 53 16.17 -21.14 7.35
CA GLY B 53 15.58 -22.50 7.43
C GLY B 53 14.22 -22.55 8.11
N THR B 54 13.48 -23.62 7.87
CA THR B 54 12.12 -23.91 8.44
C THR B 54 12.22 -24.16 9.96
N SER B 55 13.41 -24.49 10.46
CA SER B 55 13.67 -24.95 11.85
C SER B 55 14.30 -23.83 12.70
N CYS B 56 14.63 -22.68 12.09
CA CYS B 56 15.25 -21.51 12.78
C CYS B 56 14.38 -21.11 13.99
N PHE B 57 13.07 -21.07 13.79
CA PHE B 57 12.07 -20.62 14.80
C PHE B 57 10.91 -21.61 14.85
N GLU B 58 10.37 -21.82 16.05
CA GLU B 58 9.04 -22.47 16.24
C GLU B 58 8.02 -21.52 15.64
N LEU B 59 7.19 -22.01 14.70
CA LEU B 59 6.30 -21.20 13.84
C LEU B 59 5.33 -20.39 14.72
N GLU B 60 4.80 -21.00 15.77
CA GLU B 60 3.77 -20.39 16.66
C GLU B 60 4.39 -19.23 17.42
N LYS B 61 5.59 -19.42 17.97
CA LYS B 61 6.36 -18.35 18.67
C LYS B 61 6.72 -17.21 17.71
N LEU B 62 7.12 -17.50 16.47
CA LEU B 62 7.54 -16.47 15.48
C LEU B 62 6.32 -15.64 15.07
N CME B 63 5.19 -16.31 14.81
CA CME B 63 3.91 -15.67 14.38
CB CME B 63 2.85 -16.69 13.96
SG CME B 63 2.80 -17.10 12.19
SD CME B 63 2.55 -15.30 11.28
CE CME B 63 0.80 -15.26 10.82
CZ CME B 63 0.47 -16.09 9.61
OH CME B 63 -0.84 -16.64 9.71
C CME B 63 3.44 -14.73 15.50
O CME B 63 2.99 -13.63 15.17
N ARG B 64 3.53 -15.18 16.75
CA ARG B 64 3.19 -14.38 17.96
C ARG B 64 4.12 -13.17 18.06
N PHE B 65 5.43 -13.40 17.89
CA PHE B 65 6.45 -12.32 17.89
C PHE B 65 6.06 -11.27 16.85
N ILE B 66 5.77 -11.72 15.62
CA ILE B 66 5.55 -10.86 14.42
C ILE B 66 4.33 -9.95 14.66
N MET B 67 3.23 -10.50 15.18
CA MET B 67 1.96 -9.74 15.37
C MET B 67 2.14 -8.70 16.48
N SER B 68 2.91 -9.00 17.54
CA SER B 68 3.23 -8.01 18.60
C SER B 68 4.11 -6.88 18.05
N VAL B 69 5.08 -7.22 17.19
CA VAL B 69 5.97 -6.21 16.54
C VAL B 69 5.09 -5.31 15.68
N LYS B 70 4.27 -5.89 14.81
CA LYS B 70 3.34 -5.11 13.96
C LYS B 70 2.53 -4.14 14.84
N LYS B 71 1.96 -4.65 15.93
CA LYS B 71 1.11 -3.91 16.89
C LYS B 71 1.85 -2.68 17.41
N ASN B 72 3.18 -2.76 17.52
CA ASN B 72 4.02 -1.72 18.17
C ASN B 72 4.66 -0.83 17.10
N TYR B 73 4.25 -0.98 15.83
CA TYR B 73 4.46 0.06 14.79
C TYR B 73 3.21 0.94 14.75
N ARG B 74 3.41 2.25 14.62
CA ARG B 74 2.36 3.29 14.64
C ARG B 74 1.92 3.61 13.21
N ARG B 75 0.75 4.24 13.08
CA ARG B 75 0.08 4.52 11.78
C ARG B 75 0.58 5.86 11.25
N VAL B 76 1.90 5.96 11.07
CA VAL B 76 2.62 7.16 10.58
C VAL B 76 2.79 6.97 9.09
N PRO B 77 2.94 8.07 8.30
CA PRO B 77 3.00 7.96 6.84
C PRO B 77 4.17 7.12 6.30
N TYR B 78 5.33 7.10 6.96
CA TYR B 78 6.52 6.38 6.43
C TYR B 78 7.10 5.34 7.40
N HIS B 79 7.47 5.73 8.63
CA HIS B 79 8.15 4.85 9.61
C HIS B 79 7.13 3.89 10.24
N ASN B 80 6.56 3.03 9.40
CA ASN B 80 5.36 2.22 9.76
C ASN B 80 5.69 0.75 9.51
N TRP B 81 4.73 -0.12 9.78
CA TRP B 81 4.87 -1.59 9.64
C TRP B 81 5.35 -1.97 8.23
N LYS B 82 4.92 -1.26 7.19
CA LYS B 82 5.30 -1.60 5.79
C LYS B 82 6.79 -1.37 5.61
N HIS B 83 7.32 -0.29 6.19
CA HIS B 83 8.76 0.07 6.15
C HIS B 83 9.58 -1.07 6.74
N ALA B 84 9.19 -1.56 7.93
CA ALA B 84 9.86 -2.66 8.67
C ALA B 84 9.97 -3.90 7.79
N VAL B 85 8.89 -4.33 7.14
CA VAL B 85 8.90 -5.54 6.27
C VAL B 85 9.75 -5.25 5.03
N THR B 86 9.66 -4.04 4.47
CA THR B 86 10.42 -3.65 3.25
C THR B 86 11.93 -3.71 3.53
N VAL B 87 12.37 -3.23 4.70
CA VAL B 87 13.81 -3.24 5.08
C VAL B 87 14.24 -4.69 5.33
N ALA B 88 13.39 -5.50 5.96
CA ALA B 88 13.68 -6.93 6.19
C ALA B 88 13.88 -7.62 4.84
N HIS B 89 13.05 -7.31 3.83
CA HIS B 89 13.14 -7.91 2.49
C HIS B 89 14.49 -7.58 1.83
N CYS B 90 14.93 -6.33 1.87
CA CYS B 90 16.25 -5.93 1.31
C CYS B 90 17.34 -6.78 1.98
N MET B 91 17.27 -6.95 3.29
CA MET B 91 18.25 -7.75 4.07
C MET B 91 18.18 -9.21 3.57
N TYR B 92 16.97 -9.74 3.39
CA TYR B 92 16.74 -11.08 2.79
C TYR B 92 17.46 -11.17 1.44
N ALA B 93 17.30 -10.16 0.58
CA ALA B 93 17.91 -10.11 -0.77
C ALA B 93 19.44 -10.15 -0.63
N ILE B 94 20.00 -9.37 0.29
CA ILE B 94 21.48 -9.31 0.51
C ILE B 94 21.95 -10.68 0.99
N LEU B 95 21.28 -11.26 2.00
CA LEU B 95 21.64 -12.55 2.63
C LEU B 95 21.57 -13.69 1.61
N GLN B 96 20.56 -13.67 0.74
CA GLN B 96 20.31 -14.73 -0.26
C GLN B 96 21.38 -14.71 -1.36
N ASN B 97 21.99 -13.54 -1.63
CA ASN B 97 23.02 -13.36 -2.67
C ASN B 97 24.43 -13.47 -2.07
N ASN B 98 24.55 -13.67 -0.75
CA ASN B 98 25.86 -13.72 -0.04
C ASN B 98 25.78 -14.73 1.12
N HIS B 99 25.16 -15.89 0.92
CA HIS B 99 24.67 -16.78 2.01
C HIS B 99 25.85 -17.43 2.76
N THR B 100 26.99 -17.67 2.10
CA THR B 100 28.17 -18.35 2.69
C THR B 100 28.91 -17.41 3.66
N LEU B 101 28.87 -16.10 3.40
CA LEU B 101 29.65 -15.07 4.16
C LEU B 101 29.12 -14.92 5.59
N PHE B 102 27.85 -15.22 5.86
CA PHE B 102 27.20 -14.97 7.17
C PHE B 102 26.89 -16.29 7.88
N THR B 103 27.01 -16.26 9.21
CA THR B 103 26.74 -17.40 10.11
C THR B 103 25.23 -17.58 10.26
N ASP B 104 24.83 -18.70 10.86
CA ASP B 104 23.41 -19.06 11.16
C ASP B 104 22.81 -18.01 12.08
N LEU B 105 23.52 -17.68 13.16
CA LEU B 105 23.12 -16.64 14.15
C LEU B 105 22.88 -15.31 13.43
N GLU B 106 23.75 -14.93 12.49
CA GLU B 106 23.71 -13.61 11.83
C GLU B 106 22.47 -13.54 10.93
N ARG B 107 22.16 -14.60 10.19
CA ARG B 107 20.98 -14.64 9.28
C ARG B 107 19.70 -14.49 10.11
N LYS B 108 19.60 -15.22 11.23
CA LYS B 108 18.49 -15.16 12.20
C LYS B 108 18.35 -13.72 12.70
N GLY B 109 19.43 -13.18 13.29
CA GLY B 109 19.47 -11.89 13.98
C GLY B 109 19.18 -10.73 13.06
N LEU B 110 19.64 -10.78 11.82
CA LEU B 110 19.62 -9.60 10.92
C LEU B 110 18.22 -9.39 10.35
N LEU B 111 17.47 -10.46 10.05
CA LEU B 111 16.08 -10.32 9.53
C LEU B 111 15.19 -9.78 10.65
N ILE B 112 15.41 -10.25 11.89
CA ILE B 112 14.62 -9.83 13.09
C ILE B 112 14.98 -8.36 13.41
N ALA B 113 16.27 -8.01 13.34
CA ALA B 113 16.77 -6.64 13.59
C ALA B 113 16.06 -5.68 12.65
N CYS B 114 16.02 -6.01 11.36
CA CYS B 114 15.37 -5.19 10.31
C CYS B 114 13.87 -5.03 10.65
N LEU B 115 13.19 -6.11 11.03
CA LEU B 115 11.74 -6.04 11.34
C LEU B 115 11.51 -5.09 12.52
N CYS B 116 12.45 -5.03 13.48
CA CYS B 116 12.28 -4.32 14.78
C CYS B 116 12.94 -2.92 14.72
N HIS B 117 13.71 -2.60 13.68
CA HIS B 117 14.72 -1.50 13.67
C HIS B 117 14.08 -0.11 13.87
N ASP B 118 12.78 0.04 13.64
CA ASP B 118 12.09 1.35 13.80
C ASP B 118 10.89 1.21 14.73
N LEU B 119 10.88 0.18 15.59
CA LEU B 119 9.76 -0.14 16.51
C LEU B 119 9.31 1.11 17.26
N ASP B 120 8.01 1.37 17.23
CA ASP B 120 7.36 2.43 18.03
C ASP B 120 7.84 3.80 17.57
N HIS B 121 8.24 3.92 16.30
CA HIS B 121 8.60 5.23 15.68
C HIS B 121 7.37 6.16 15.76
N ARG B 122 7.59 7.43 16.12
CA ARG B 122 6.50 8.44 16.23
C ARG B 122 6.50 9.29 14.97
N GLY B 123 7.48 9.10 14.09
CA GLY B 123 7.64 9.83 12.82
C GLY B 123 8.53 11.06 12.96
N PHE B 124 9.20 11.24 14.11
CA PHE B 124 10.07 12.41 14.38
C PHE B 124 11.53 11.96 14.54
N SER B 125 12.45 12.84 14.13
CA SER B 125 13.93 12.66 14.21
C SER B 125 14.41 12.75 15.66
N ASN B 126 15.64 12.29 15.91
CA ASN B 126 16.34 12.38 17.21
C ASN B 126 16.48 13.86 17.60
N SER B 127 16.70 14.74 16.63
CA SER B 127 16.80 16.21 16.81
C SER B 127 15.49 16.76 17.37
N TYR B 128 14.34 16.41 16.77
CA TYR B 128 13.04 16.92 17.25
C TYR B 128 12.81 16.47 18.70
N LEU B 129 13.08 15.19 19.02
CA LEU B 129 12.89 14.61 20.38
C LEU B 129 13.78 15.40 21.37
N GLN B 130 14.97 15.83 20.94
CA GLN B 130 15.92 16.62 21.77
C GLN B 130 15.36 18.04 22.01
N LYS B 131 14.92 18.72 20.95
CA LYS B 131 14.43 20.11 21.05
C LYS B 131 13.12 20.15 21.84
N PHE B 132 12.25 19.14 21.67
CA PHE B 132 10.96 19.05 22.39
C PHE B 132 11.23 18.82 23.88
N ASP B 133 12.30 18.08 24.21
CA ASP B 133 12.62 17.59 25.57
C ASP B 133 11.67 16.44 25.90
N HIS B 134 11.49 15.50 24.96
CA HIS B 134 10.75 14.24 25.17
C HIS B 134 11.48 13.39 26.21
N PRO B 135 10.76 12.70 27.13
CA PRO B 135 11.41 11.80 28.09
C PRO B 135 12.48 10.86 27.49
N LEU B 136 12.29 10.39 26.27
CA LEU B 136 13.26 9.46 25.61
C LEU B 136 14.61 10.18 25.46
N ALA B 137 14.60 11.48 25.12
CA ALA B 137 15.82 12.32 24.98
C ALA B 137 16.68 12.22 26.26
N ALA B 138 16.06 12.29 27.45
CA ALA B 138 16.75 12.18 28.76
C ALA B 138 17.24 10.75 28.99
N LEU B 139 16.42 9.76 28.64
CA LEU B 139 16.74 8.33 28.83
C LEU B 139 17.94 7.97 27.95
N TYR B 140 17.90 8.32 26.67
CA TYR B 140 18.95 7.99 25.68
C TYR B 140 19.49 9.29 25.08
N SER B 141 20.69 9.72 25.52
CA SER B 141 21.28 11.03 25.15
C SER B 141 21.71 11.03 23.69
N THR B 142 22.09 9.87 23.14
CA THR B 142 22.54 9.70 21.73
C THR B 142 21.83 8.52 21.08
N SER B 143 21.67 8.58 19.76
CA SER B 143 20.94 7.55 18.96
C SER B 143 19.61 7.28 19.68
N THR B 144 18.89 8.35 20.03
CA THR B 144 17.78 8.34 21.02
C THR B 144 16.74 7.31 20.59
N MET B 145 16.20 7.44 19.38
CA MET B 145 15.10 6.56 18.92
C MET B 145 15.61 5.12 18.75
N GLU B 146 16.88 4.96 18.38
CA GLU B 146 17.47 3.65 18.00
C GLU B 146 17.71 2.81 19.27
N GLN B 147 18.05 3.43 20.41
CA GLN B 147 18.13 2.67 21.70
C GLN B 147 16.71 2.30 22.12
N HIS B 148 15.72 3.16 21.84
CA HIS B 148 14.28 2.89 22.13
C HIS B 148 13.85 1.67 21.28
N HIS B 149 14.11 1.69 19.98
CA HIS B 149 13.75 0.58 19.06
C HIS B 149 14.27 -0.73 19.65
N PHE B 150 15.51 -0.75 20.14
CA PHE B 150 16.14 -1.97 20.66
C PHE B 150 15.45 -2.40 21.96
N SER B 151 15.17 -1.45 22.84
CA SER B 151 14.54 -1.67 24.17
C SER B 151 13.16 -2.29 23.95
N GLN B 152 12.44 -1.83 22.93
CA GLN B 152 11.11 -2.35 22.53
C GLN B 152 11.26 -3.79 22.04
N THR B 153 12.32 -4.08 21.26
CA THR B 153 12.62 -5.44 20.74
C THR B 153 12.78 -6.40 21.92
N VAL B 154 13.60 -6.03 22.91
CA VAL B 154 13.89 -6.89 24.10
C VAL B 154 12.58 -7.08 24.87
N SER B 155 11.78 -6.03 25.01
CA SER B 155 10.50 -6.03 25.76
C SER B 155 9.53 -7.04 25.13
N ILE B 156 9.49 -7.11 23.79
CA ILE B 156 8.57 -8.02 23.05
C ILE B 156 9.08 -9.46 23.20
N LEU B 157 10.38 -9.69 23.08
CA LEU B 157 10.99 -11.03 23.24
C LEU B 157 10.70 -11.60 24.64
N GLN B 158 10.46 -10.73 25.63
CA GLN B 158 10.28 -11.15 27.06
C GLN B 158 8.79 -11.40 27.37
N LEU B 159 7.87 -11.03 26.46
CA LEU B 159 6.43 -11.40 26.54
C LEU B 159 6.28 -12.92 26.58
N GLU B 160 5.28 -13.42 27.30
CA GLU B 160 5.04 -14.88 27.45
C GLU B 160 4.82 -15.49 26.06
N GLY B 161 5.54 -16.57 25.75
CA GLY B 161 5.42 -17.31 24.48
C GLY B 161 6.04 -16.60 23.29
N HIS B 162 6.70 -15.46 23.50
CA HIS B 162 7.20 -14.57 22.41
C HIS B 162 8.68 -14.83 22.12
N ASN B 163 9.40 -15.58 22.97
CA ASN B 163 10.89 -15.67 22.87
C ASN B 163 11.30 -16.68 21.80
N ILE B 164 11.42 -16.18 20.56
CA ILE B 164 11.79 -16.92 19.32
C ILE B 164 13.22 -17.47 19.40
N PHE B 165 14.05 -17.04 20.35
CA PHE B 165 15.45 -17.53 20.51
C PHE B 165 15.51 -18.49 21.71
N SER B 166 14.42 -19.18 22.02
CA SER B 166 14.29 -20.08 23.19
C SER B 166 15.29 -21.24 23.05
N THR B 167 15.47 -21.76 21.83
CA THR B 167 16.25 -22.99 21.53
C THR B 167 17.77 -22.74 21.61
N LEU B 168 18.22 -21.48 21.71
CA LEU B 168 19.66 -21.11 21.74
C LEU B 168 20.22 -21.28 23.15
N SER B 169 21.49 -21.68 23.25
CA SER B 169 22.32 -21.63 24.49
C SER B 169 22.51 -20.16 24.90
N SER B 170 22.76 -19.91 26.19
CA SER B 170 22.95 -18.56 26.79
C SER B 170 23.95 -17.74 25.98
N SER B 171 25.02 -18.38 25.49
CA SER B 171 26.11 -17.77 24.68
C SER B 171 25.53 -17.29 23.35
N GLU B 172 24.87 -18.18 22.62
CA GLU B 172 24.23 -17.90 21.31
C GLU B 172 23.12 -16.86 21.47
N TYR B 173 22.36 -16.89 22.58
CA TYR B 173 21.30 -15.91 22.90
C TYR B 173 21.94 -14.53 23.01
N GLU B 174 22.95 -14.41 23.87
CA GLU B 174 23.66 -13.13 24.14
C GLU B 174 24.37 -12.67 22.86
N GLN B 175 24.84 -13.61 22.06
CA GLN B 175 25.51 -13.32 20.77
C GLN B 175 24.49 -12.66 19.83
N VAL B 176 23.33 -13.29 19.65
CA VAL B 176 22.28 -12.85 18.67
C VAL B 176 21.66 -11.54 19.17
N LEU B 177 21.51 -11.34 20.48
CA LEU B 177 20.94 -10.07 21.05
C LEU B 177 21.94 -8.93 20.80
N GLU B 178 23.24 -9.24 20.81
CA GLU B 178 24.30 -8.24 20.56
C GLU B 178 24.41 -7.95 19.05
N ILE B 179 24.19 -8.94 18.20
CA ILE B 179 24.05 -8.72 16.73
C ILE B 179 22.90 -7.73 16.51
N ILE B 180 21.71 -8.01 17.08
CA ILE B 180 20.48 -7.19 16.90
C ILE B 180 20.75 -5.76 17.42
N ARG B 181 21.29 -5.62 18.63
CA ARG B 181 21.57 -4.30 19.25
C ARG B 181 22.43 -3.45 18.31
N LYS B 182 23.56 -3.96 17.84
CA LYS B 182 24.51 -3.18 17.00
C LYS B 182 23.83 -2.83 15.67
N ALA B 183 23.12 -3.77 15.08
CA ALA B 183 22.43 -3.59 13.78
C ALA B 183 21.42 -2.44 13.91
N ILE B 184 20.62 -2.43 14.97
CA ILE B 184 19.56 -1.40 15.16
C ILE B 184 20.24 -0.04 15.38
N ILE B 185 21.24 0.03 16.27
CA ILE B 185 21.98 1.30 16.58
C ILE B 185 22.61 1.85 15.29
N ALA B 186 23.08 0.97 14.41
CA ALA B 186 23.72 1.32 13.11
C ALA B 186 22.74 2.07 12.20
N THR B 187 21.42 1.89 12.35
CA THR B 187 20.40 2.59 11.54
C THR B 187 20.32 4.08 11.93
N ASP B 188 21.00 4.52 12.98
CA ASP B 188 21.22 5.97 13.27
C ASP B 188 22.14 6.52 12.17
N LEU B 189 21.57 7.31 11.25
CA LEU B 189 22.20 7.72 9.98
C LEU B 189 23.39 8.63 10.29
N ALA B 190 23.38 9.26 11.46
CA ALA B 190 24.48 10.09 12.00
C ALA B 190 25.74 9.23 12.23
N LEU B 191 25.58 7.92 12.51
CA LEU B 191 26.73 7.00 12.71
C LEU B 191 27.16 6.40 11.38
N TYR B 192 26.29 6.40 10.37
CA TYR B 192 26.59 5.85 9.02
C TYR B 192 27.81 6.53 8.38
N PHE B 193 27.94 7.86 8.48
CA PHE B 193 29.01 8.62 7.75
C PHE B 193 30.40 8.13 8.15
N GLY B 194 30.69 8.08 9.45
CA GLY B 194 31.93 7.50 10.00
C GLY B 194 32.11 6.03 9.60
N ASN B 195 31.08 5.20 9.78
CA ASN B 195 31.18 3.75 9.50
C ASN B 195 31.59 3.52 8.04
N ARG B 196 30.93 4.19 7.09
CA ARG B 196 31.22 4.07 5.65
C ARG B 196 32.64 4.55 5.35
N LYS B 197 33.08 5.66 5.96
CA LYS B 197 34.44 6.23 5.75
C LYS B 197 35.49 5.18 6.14
N GLN B 198 35.38 4.63 7.35
CA GLN B 198 36.31 3.58 7.87
C GLN B 198 36.29 2.36 6.93
N LEU B 199 35.12 1.91 6.48
CA LEU B 199 34.99 0.70 5.61
C LEU B 199 35.61 0.99 4.24
N GLU B 200 35.35 2.17 3.69
CA GLU B 200 35.92 2.64 2.39
C GLU B 200 37.45 2.57 2.46
N GLU B 201 38.04 3.05 3.57
CA GLU B 201 39.51 3.08 3.76
C GLU B 201 40.04 1.64 3.94
N MET B 202 39.42 0.85 4.83
CA MET B 202 39.86 -0.55 5.12
C MET B 202 39.87 -1.35 3.82
N TYR B 203 38.83 -1.17 2.98
CA TYR B 203 38.65 -1.93 1.72
C TYR B 203 39.71 -1.52 0.69
N GLN B 204 40.00 -0.23 0.56
CA GLN B 204 40.86 0.31 -0.51
C GLN B 204 42.33 0.09 -0.17
N THR B 205 42.66 -0.05 1.11
CA THR B 205 44.01 -0.45 1.61
C THR B 205 44.15 -1.98 1.63
N GLY B 206 43.05 -2.73 1.60
CA GLY B 206 43.03 -4.21 1.65
C GLY B 206 43.26 -4.74 3.06
N SER B 207 42.93 -3.94 4.08
CA SER B 207 43.00 -4.34 5.51
C SER B 207 41.67 -4.90 6.00
N LEU B 208 40.60 -4.82 5.18
CA LEU B 208 39.23 -5.28 5.55
C LEU B 208 39.23 -6.80 5.71
N ASN B 209 38.92 -7.28 6.92
CA ASN B 209 39.03 -8.71 7.31
C ASN B 209 37.72 -9.16 7.98
N LEU B 210 36.91 -9.94 7.26
CA LEU B 210 35.56 -10.40 7.74
C LEU B 210 35.70 -11.46 8.85
N ASN B 211 36.92 -11.91 9.16
CA ASN B 211 37.19 -12.81 10.31
C ASN B 211 37.48 -11.95 11.55
N ASN B 212 37.71 -10.64 11.35
CA ASN B 212 37.79 -9.65 12.45
C ASN B 212 36.36 -9.23 12.81
N GLN B 213 35.92 -9.52 14.03
CA GLN B 213 34.52 -9.26 14.49
C GLN B 213 34.24 -7.76 14.35
N SER B 214 35.19 -6.95 14.82
CA SER B 214 35.21 -5.47 14.71
C SER B 214 34.87 -5.07 13.26
N HIS B 215 35.51 -5.69 12.26
CA HIS B 215 35.26 -5.41 10.83
C HIS B 215 33.88 -5.94 10.39
N ARG B 216 33.45 -7.10 10.90
CA ARG B 216 32.13 -7.69 10.57
C ARG B 216 31.02 -6.74 11.03
N ASP B 217 31.18 -6.20 12.26
CA ASP B 217 30.23 -5.24 12.87
C ASP B 217 30.00 -4.07 11.92
N ARG B 218 31.06 -3.50 11.37
CA ARG B 218 31.01 -2.31 10.48
C ARG B 218 30.27 -2.70 9.19
N VAL B 219 30.56 -3.89 8.65
CA VAL B 219 29.95 -4.35 7.37
C VAL B 219 28.45 -4.56 7.59
N ILE B 220 28.05 -5.16 8.73
CA ILE B 220 26.61 -5.35 9.07
C ILE B 220 25.98 -3.96 9.25
N GLY B 221 26.69 -3.04 9.90
CA GLY B 221 26.23 -1.65 10.08
C GLY B 221 25.86 -1.05 8.74
N LEU B 222 26.70 -1.26 7.72
CA LEU B 222 26.54 -0.68 6.38
C LEU B 222 25.41 -1.41 5.64
N MET B 223 25.30 -2.72 5.79
CA MET B 223 24.18 -3.50 5.22
C MET B 223 22.86 -2.94 5.77
N MET B 224 22.81 -2.65 7.07
CA MET B 224 21.62 -2.06 7.75
C MET B 224 21.28 -0.70 7.14
N THR B 225 22.27 0.19 6.92
CA THR B 225 22.02 1.49 6.24
C THR B 225 21.43 1.21 4.86
N ALA B 226 22.05 0.31 4.10
CA ALA B 226 21.65 0.02 2.70
C ALA B 226 20.19 -0.45 2.66
N CYS B 227 19.79 -1.35 3.56
CA CYS B 227 18.40 -1.89 3.65
C CYS B 227 17.42 -0.80 4.09
N ASP B 228 17.84 0.02 5.06
CA ASP B 228 17.05 1.13 5.63
C ASP B 228 16.74 2.17 4.53
N LEU B 229 17.68 2.40 3.61
CA LEU B 229 17.57 3.48 2.61
C LEU B 229 16.96 2.93 1.30
N CYS B 230 16.54 1.67 1.27
CA CYS B 230 16.34 0.88 0.01
C CYS B 230 15.15 1.39 -0.82
N SER B 231 14.37 2.34 -0.32
CA SER B 231 13.32 3.00 -1.14
C SER B 231 13.97 3.63 -2.38
N VAL B 232 15.20 4.14 -2.25
CA VAL B 232 15.93 4.83 -3.36
C VAL B 232 16.48 3.81 -4.35
N THR B 233 16.37 2.51 -4.09
CA THR B 233 16.87 1.41 -4.96
C THR B 233 15.69 0.67 -5.61
N LYS B 234 14.48 1.20 -5.47
CA LYS B 234 13.28 0.62 -6.12
C LYS B 234 13.20 1.20 -7.52
N LEU B 235 12.31 0.67 -8.34
CA LEU B 235 12.00 1.26 -9.66
C LEU B 235 11.39 2.63 -9.41
N TRP B 236 11.61 3.56 -10.34
CA TRP B 236 11.29 5.01 -10.19
C TRP B 236 9.90 5.19 -9.59
N PRO B 237 8.83 4.56 -10.15
CA PRO B 237 7.47 4.80 -9.66
C PRO B 237 7.28 4.54 -8.15
N VAL B 238 7.85 3.45 -7.64
CA VAL B 238 7.87 3.11 -6.19
C VAL B 238 8.68 4.17 -5.44
N THR B 239 9.90 4.46 -5.92
CA THR B 239 10.83 5.45 -5.30
C THR B 239 10.12 6.81 -5.19
N LYS B 240 9.57 7.30 -6.32
CA LYS B 240 8.82 8.58 -6.43
C LYS B 240 7.72 8.65 -5.35
N LEU B 241 6.84 7.64 -5.31
CA LEU B 241 5.66 7.60 -4.39
C LEU B 241 6.11 7.40 -2.93
N THR B 242 7.21 6.71 -2.66
CA THR B 242 7.73 6.53 -1.27
C THR B 242 8.25 7.88 -0.74
N ALA B 243 8.80 8.73 -1.61
CA ALA B 243 9.35 10.06 -1.25
C ALA B 243 8.23 10.95 -0.71
N ASN B 244 7.03 10.86 -1.29
CA ASN B 244 5.80 11.53 -0.81
C ASN B 244 5.58 11.22 0.69
N ASP B 245 5.75 9.97 1.10
CA ASP B 245 5.48 9.51 2.49
C ASP B 245 6.60 10.00 3.42
N ILE B 246 7.84 9.98 2.94
CA ILE B 246 9.03 10.43 3.73
C ILE B 246 8.87 11.92 4.02
N TYR B 247 8.48 12.71 3.02
CA TYR B 247 8.36 14.19 3.10
C TYR B 247 7.14 14.59 3.91
N ALA B 248 6.05 13.81 3.87
CA ALA B 248 4.88 13.96 4.77
C ALA B 248 5.38 14.01 6.22
N GLU B 249 6.25 13.08 6.61
CA GLU B 249 6.82 13.06 7.98
C GLU B 249 7.74 14.28 8.15
N PHE B 250 8.67 14.48 7.22
CA PHE B 250 9.64 15.61 7.30
C PHE B 250 8.88 16.92 7.52
N TRP B 251 7.79 17.14 6.77
CA TRP B 251 7.00 18.41 6.81
C TRP B 251 6.23 18.52 8.12
N ALA B 252 5.65 17.43 8.61
CA ALA B 252 4.99 17.34 9.93
C ALA B 252 5.99 17.73 11.03
N GLU B 253 7.22 17.20 10.97
CA GLU B 253 8.30 17.52 11.95
C GLU B 253 8.66 18.99 11.85
N GLY B 254 8.84 19.50 10.62
CA GLY B 254 9.11 20.92 10.33
C GLY B 254 8.05 21.81 10.95
N ASP B 255 6.77 21.45 10.83
CA ASP B 255 5.66 22.22 11.47
C ASP B 255 5.85 22.20 12.99
N GLU B 256 6.20 21.05 13.55
CA GLU B 256 6.36 20.90 15.01
C GLU B 256 7.55 21.75 15.47
N MET B 257 8.60 21.83 14.65
CA MET B 257 9.77 22.71 14.91
C MET B 257 9.29 24.18 14.98
N LYS B 258 8.53 24.64 13.99
CA LYS B 258 7.99 26.03 13.93
C LYS B 258 7.16 26.32 15.17
N LYS B 259 6.38 25.34 15.65
CA LYS B 259 5.55 25.48 16.87
C LYS B 259 6.43 25.70 18.11
N LEU B 260 7.65 25.15 18.12
CA LEU B 260 8.62 25.33 19.23
C LEU B 260 9.35 26.67 19.07
N GLY B 261 9.04 27.43 18.01
CA GLY B 261 9.68 28.72 17.70
C GLY B 261 11.05 28.50 17.08
N ILE B 262 11.24 27.39 16.37
CA ILE B 262 12.52 27.00 15.70
C ILE B 262 12.27 26.87 14.20
N GLN B 263 13.04 27.59 13.40
CA GLN B 263 12.98 27.50 11.92
C GLN B 263 13.59 26.17 11.51
N PRO B 264 12.83 25.28 10.84
CA PRO B 264 13.34 23.95 10.51
C PRO B 264 14.35 24.08 9.37
N ILE B 265 15.18 23.04 9.16
CA ILE B 265 16.03 22.94 7.95
C ILE B 265 15.11 22.91 6.73
N PRO B 266 15.56 23.36 5.54
CA PRO B 266 14.72 23.41 4.35
C PRO B 266 14.07 22.08 3.96
N MET B 267 14.75 20.97 4.22
CA MET B 267 14.28 19.57 3.96
C MET B 267 12.93 19.34 4.66
N MET B 268 12.71 19.95 5.83
CA MET B 268 11.53 19.70 6.70
C MET B 268 10.50 20.82 6.58
N ASP B 269 10.74 21.84 5.75
CA ASP B 269 9.85 23.01 5.61
C ASP B 269 8.91 22.78 4.42
N ARG B 270 7.61 22.64 4.68
CA ARG B 270 6.59 22.38 3.61
C ARG B 270 6.51 23.63 2.71
N ASP B 271 6.86 24.82 3.22
CA ASP B 271 6.89 26.06 2.40
C ASP B 271 7.96 25.95 1.31
N LYS B 272 9.07 25.23 1.58
CA LYS B 272 10.21 25.05 0.63
C LYS B 272 10.05 23.71 -0.12
N LYS B 273 8.83 23.42 -0.57
CA LYS B 273 8.45 22.18 -1.31
C LYS B 273 9.13 22.16 -2.68
N ASP B 274 9.33 23.33 -3.31
CA ASP B 274 9.91 23.47 -4.67
C ASP B 274 11.35 22.92 -4.68
N GLU B 275 12.05 22.94 -3.54
CA GLU B 275 13.51 22.63 -3.44
C GLU B 275 13.73 21.12 -3.17
N VAL B 276 12.70 20.27 -3.28
CA VAL B 276 12.79 18.82 -2.92
C VAL B 276 13.60 18.05 -3.96
N PRO B 277 13.42 18.29 -5.29
CA PRO B 277 14.28 17.65 -6.30
C PRO B 277 15.80 17.83 -6.08
N GLN B 278 16.24 19.04 -5.74
CA GLN B 278 17.67 19.35 -5.48
C GLN B 278 18.08 18.71 -4.14
N GLY B 279 17.15 18.64 -3.20
CA GLY B 279 17.32 18.00 -1.89
C GLY B 279 17.51 16.51 -2.03
N GLN B 280 16.70 15.86 -2.87
CA GLN B 280 16.86 14.43 -3.22
C GLN B 280 18.21 14.24 -3.91
N LEU B 281 18.52 15.08 -4.90
CA LEU B 281 19.83 15.08 -5.61
C LEU B 281 20.97 15.14 -4.59
N GLY B 282 20.85 16.01 -3.58
CA GLY B 282 21.84 16.15 -2.52
C GLY B 282 22.01 14.84 -1.76
N PHE B 283 20.90 14.33 -1.20
CA PHE B 283 20.87 13.07 -0.40
C PHE B 283 21.50 11.91 -1.18
N TYR B 284 21.19 11.76 -2.47
CA TYR B 284 21.76 10.68 -3.33
C TYR B 284 23.29 10.81 -3.41
N ASN B 285 23.80 12.00 -3.73
CA ASN B 285 25.25 12.28 -3.88
C ASN B 285 25.98 12.14 -2.54
N ALA B 286 25.36 12.58 -1.44
CA ALA B 286 26.01 12.72 -0.12
C ALA B 286 25.90 11.40 0.67
N VAL B 287 24.82 10.63 0.47
CA VAL B 287 24.50 9.47 1.35
C VAL B 287 24.29 8.21 0.51
N ALA B 288 23.29 8.20 -0.37
CA ALA B 288 22.80 6.98 -1.04
C ALA B 288 23.90 6.37 -1.92
N ILE B 289 24.42 7.12 -2.90
CA ILE B 289 25.40 6.60 -3.91
C ILE B 289 26.64 6.08 -3.18
N PRO B 290 27.26 6.85 -2.24
CA PRO B 290 28.41 6.36 -1.49
C PRO B 290 28.10 5.08 -0.70
N CYS B 291 26.94 5.03 -0.03
CA CYS B 291 26.46 3.83 0.70
C CYS B 291 26.52 2.59 -0.20
N TYR B 292 25.81 2.60 -1.34
CA TYR B 292 25.65 1.42 -2.24
C TYR B 292 26.93 1.16 -3.05
N THR B 293 27.72 2.18 -3.36
CA THR B 293 29.07 2.01 -3.98
C THR B 293 29.94 1.17 -3.05
N THR B 294 30.13 1.61 -1.81
CA THR B 294 30.94 0.88 -0.80
C THR B 294 30.34 -0.50 -0.54
N LEU B 295 29.02 -0.66 -0.52
CA LEU B 295 28.41 -1.98 -0.20
C LEU B 295 28.75 -2.94 -1.34
N THR B 296 28.63 -2.47 -2.59
CA THR B 296 28.93 -3.25 -3.82
C THR B 296 30.41 -3.65 -3.84
N GLN B 297 31.31 -2.75 -3.44
CA GLN B 297 32.76 -3.04 -3.33
C GLN B 297 32.98 -4.24 -2.40
N ILE B 298 32.33 -4.24 -1.23
CA ILE B 298 32.53 -5.28 -0.18
C ILE B 298 31.72 -6.55 -0.53
N LEU B 299 30.50 -6.38 -1.02
CA LEU B 299 29.56 -7.48 -1.39
C LEU B 299 29.14 -7.28 -2.84
N PRO B 300 30.00 -7.68 -3.81
CA PRO B 300 29.73 -7.44 -5.23
C PRO B 300 28.35 -7.91 -5.70
N PRO B 301 27.77 -9.00 -5.15
CA PRO B 301 26.40 -9.37 -5.51
C PRO B 301 25.27 -8.42 -5.06
N THR B 302 25.56 -7.32 -4.35
CA THR B 302 24.58 -6.23 -4.03
C THR B 302 24.55 -5.16 -5.13
N GLU B 303 25.33 -5.34 -6.20
CA GLU B 303 25.46 -4.42 -7.37
C GLU B 303 24.11 -3.82 -7.79
N PRO B 304 23.02 -4.62 -7.94
CA PRO B 304 21.72 -4.08 -8.36
C PRO B 304 21.18 -2.92 -7.51
N LEU B 305 21.50 -2.88 -6.22
CA LEU B 305 21.11 -1.72 -5.36
C LEU B 305 21.71 -0.45 -5.97
N LEU B 306 23.03 -0.45 -6.20
CA LEU B 306 23.77 0.71 -6.76
C LEU B 306 23.18 1.08 -8.12
N LYS B 307 23.01 0.10 -9.00
CA LYS B 307 22.49 0.33 -10.37
C LYS B 307 21.11 1.00 -10.28
N ALA B 308 20.20 0.51 -9.42
CA ALA B 308 18.85 1.10 -9.26
C ALA B 308 18.99 2.52 -8.68
N CYS B 309 19.91 2.70 -7.74
CA CYS B 309 20.16 4.00 -7.06
C CYS B 309 20.59 5.05 -8.08
N ARG B 310 21.55 4.70 -8.94
CA ARG B 310 22.08 5.62 -9.99
CA ARG B 310 22.09 5.58 -10.02
C ARG B 310 20.95 5.97 -10.97
N ASP B 311 20.13 4.99 -11.35
CA ASP B 311 18.96 5.19 -12.25
C ASP B 311 17.98 6.19 -11.65
N ASN B 312 17.69 6.10 -10.33
CA ASN B 312 16.77 7.03 -9.63
C ASN B 312 17.45 8.40 -9.51
N LEU B 313 18.77 8.47 -9.34
CA LEU B 313 19.49 9.77 -9.32
C LEU B 313 19.25 10.46 -10.66
N SER B 314 19.41 9.70 -11.76
CA SER B 314 19.21 10.18 -13.16
C SER B 314 17.78 10.69 -13.37
N GLN B 315 16.79 10.04 -12.76
CA GLN B 315 15.34 10.40 -12.85
C GLN B 315 15.10 11.72 -12.10
N TRP B 316 15.74 11.92 -10.95
CA TRP B 316 15.65 13.18 -10.17
C TRP B 316 16.25 14.34 -10.97
N GLU B 317 17.46 14.15 -11.52
CA GLU B 317 18.16 15.16 -12.36
C GLU B 317 17.20 15.65 -13.46
N LYS B 318 16.46 14.73 -14.08
CA LYS B 318 15.42 15.02 -15.11
C LYS B 318 14.35 15.96 -14.55
N VAL B 319 13.91 15.72 -13.32
CA VAL B 319 12.86 16.55 -12.63
C VAL B 319 13.39 17.99 -12.51
N ILE B 320 14.64 18.16 -12.06
CA ILE B 320 15.26 19.50 -11.80
C ILE B 320 15.29 20.30 -13.11
N ARG B 321 15.58 19.63 -14.22
CA ARG B 321 15.72 20.25 -15.57
C ARG B 321 14.32 20.53 -16.14
N GLY B 322 13.38 19.61 -15.97
CA GLY B 322 11.99 19.72 -16.47
C GLY B 322 11.67 18.71 -17.55
N GLU B 323 12.57 17.76 -17.83
CA GLU B 323 12.36 16.63 -18.77
C GLU B 323 11.41 15.61 -18.12
N GLU B 324 11.30 15.61 -16.79
CA GLU B 324 10.37 14.78 -15.97
C GLU B 324 9.56 15.70 -15.06
N THR B 325 8.40 15.24 -14.58
CA THR B 325 7.55 15.91 -13.55
C THR B 325 7.22 14.89 -12.45
N GLY C 12 -41.85 -7.72 16.37
CA GLY C 12 -42.41 -6.54 15.62
C GLY C 12 -42.81 -5.39 16.52
N LEU C 13 -42.49 -5.47 17.82
CA LEU C 13 -42.88 -4.46 18.85
C LEU C 13 -42.04 -3.19 18.68
N MET C 14 -40.74 -3.35 18.48
CA MET C 14 -39.76 -2.23 18.33
C MET C 14 -39.56 -1.89 16.85
N GLN C 15 -40.34 -0.93 16.34
CA GLN C 15 -40.16 -0.36 14.99
C GLN C 15 -39.21 0.83 15.10
N PHE C 16 -38.75 1.34 13.95
CA PHE C 16 -37.83 2.50 13.87
C PHE C 16 -38.58 3.69 13.28
N THR C 17 -38.27 4.88 13.79
CA THR C 17 -38.78 6.17 13.27
C THR C 17 -37.57 7.03 12.91
N LEU C 18 -37.70 7.79 11.84
CA LEU C 18 -36.66 8.77 11.43
C LEU C 18 -37.18 10.16 11.74
N PRO C 19 -36.29 11.12 12.08
CA PRO C 19 -36.67 12.52 12.08
C PRO C 19 -37.49 12.86 10.84
N VAL C 20 -38.37 13.86 10.94
CA VAL C 20 -39.38 14.24 9.92
C VAL C 20 -38.72 14.40 8.55
N ARG C 21 -37.56 15.09 8.45
CA ARG C 21 -36.90 15.35 7.14
C ARG C 21 -36.45 14.01 6.55
N LEU C 22 -35.84 13.14 7.35
CA LEU C 22 -35.34 11.81 6.90
C LEU C 22 -36.53 10.93 6.49
N CYS C 23 -37.57 10.88 7.33
CA CYS C 23 -38.82 10.09 7.12
C CYS C 23 -39.42 10.44 5.76
N LYS C 24 -39.36 11.72 5.37
CA LYS C 24 -39.91 12.27 4.11
C LYS C 24 -38.93 12.03 2.95
N GLU C 25 -37.66 12.41 3.14
CA GLU C 25 -36.62 12.37 2.09
C GLU C 25 -36.28 10.93 1.69
N ILE C 26 -36.41 9.97 2.62
CA ILE C 26 -35.87 8.59 2.43
C ILE C 26 -36.65 7.87 1.32
N GLU C 27 -37.86 8.32 1.02
CA GLU C 27 -38.73 7.70 -0.02
C GLU C 27 -38.28 8.17 -1.41
N LEU C 28 -37.48 9.22 -1.50
CA LEU C 28 -36.98 9.76 -2.80
C LEU C 28 -35.71 9.00 -3.20
N PHE C 29 -35.59 8.69 -4.49
CA PHE C 29 -34.44 7.93 -5.05
C PHE C 29 -33.12 8.67 -4.76
N HIS C 30 -33.12 10.00 -4.70
CA HIS C 30 -31.89 10.83 -4.64
C HIS C 30 -31.47 11.11 -3.20
N PHE C 31 -32.14 10.53 -2.22
CA PHE C 31 -31.81 10.65 -0.78
C PHE C 31 -30.33 10.38 -0.53
N ASP C 32 -29.70 11.24 0.29
CA ASP C 32 -28.33 11.08 0.81
C ASP C 32 -28.43 10.70 2.29
N ILE C 33 -27.81 9.59 2.71
CA ILE C 33 -27.98 9.00 4.09
C ILE C 33 -27.28 9.87 5.15
N GLY C 34 -26.47 10.85 4.73
CA GLY C 34 -25.89 11.86 5.63
C GLY C 34 -24.54 11.44 6.19
N PRO C 35 -23.87 12.32 6.97
CA PRO C 35 -22.52 12.04 7.47
C PRO C 35 -22.48 11.40 8.87
N PHE C 36 -23.64 11.10 9.48
CA PHE C 36 -23.73 10.50 10.83
C PHE C 36 -23.75 8.97 10.71
N GLU C 37 -22.59 8.36 10.89
CA GLU C 37 -22.35 6.88 10.82
C GLU C 37 -23.39 6.14 11.65
N ASN C 38 -23.59 6.57 12.89
CA ASN C 38 -24.34 5.82 13.92
C ASN C 38 -25.84 5.85 13.65
N MET C 39 -26.30 6.68 12.71
CA MET C 39 -27.71 6.72 12.24
C MET C 39 -27.95 5.66 11.17
N TRP C 40 -26.91 5.21 10.45
CA TRP C 40 -27.04 4.39 9.22
C TRP C 40 -27.65 3.02 9.53
N PRO C 41 -27.26 2.32 10.62
CA PRO C 41 -27.87 1.04 10.98
C PRO C 41 -29.39 1.11 11.21
N GLY C 42 -29.86 2.16 11.91
CA GLY C 42 -31.28 2.40 12.17
C GLY C 42 -32.02 2.80 10.90
N ILE C 43 -31.35 3.53 10.01
CA ILE C 43 -31.87 3.86 8.65
C ILE C 43 -32.07 2.56 7.88
N PHE C 44 -31.11 1.63 7.93
CA PHE C 44 -31.22 0.31 7.23
C PHE C 44 -32.38 -0.51 7.84
N VAL C 45 -32.47 -0.59 9.17
CA VAL C 45 -33.56 -1.39 9.82
C VAL C 45 -34.91 -0.77 9.46
N TYR C 46 -35.01 0.56 9.44
CA TYR C 46 -36.23 1.31 9.05
C TYR C 46 -36.67 0.86 7.65
N MET C 47 -35.72 0.80 6.72
CA MET C 47 -36.00 0.40 5.33
C MET C 47 -36.43 -1.07 5.28
N VAL C 48 -35.76 -1.94 6.05
CA VAL C 48 -36.11 -3.40 6.09
C VAL C 48 -37.56 -3.55 6.57
N HIS C 49 -37.92 -2.94 7.71
CA HIS C 49 -39.27 -3.05 8.32
C HIS C 49 -40.37 -2.58 7.37
N ARG C 50 -40.09 -1.55 6.56
CA ARG C 50 -41.07 -0.93 5.64
C ARG C 50 -41.12 -1.71 4.32
N SER C 51 -39.96 -2.17 3.84
CA SER C 51 -39.77 -2.85 2.54
C SER C 51 -40.21 -4.31 2.64
N CYS C 52 -39.69 -5.03 3.63
CA CYS C 52 -39.92 -6.47 3.84
C CYS C 52 -41.10 -6.65 4.81
N GLY C 53 -41.00 -6.04 5.99
CA GLY C 53 -41.97 -6.19 7.10
C GLY C 53 -41.26 -6.30 8.42
N THR C 54 -41.95 -5.96 9.51
CA THR C 54 -41.43 -6.00 10.90
C THR C 54 -41.30 -7.45 11.39
N SER C 55 -41.71 -8.41 10.55
CA SER C 55 -41.80 -9.86 10.86
C SER C 55 -40.61 -10.64 10.28
N CYS C 56 -40.02 -10.15 9.18
CA CYS C 56 -39.05 -10.88 8.32
C CYS C 56 -37.83 -11.34 9.11
N PHE C 57 -37.38 -10.53 10.07
CA PHE C 57 -36.11 -10.73 10.80
C PHE C 57 -36.31 -10.53 12.29
N GLU C 58 -35.63 -11.36 13.11
CA GLU C 58 -35.54 -11.20 14.57
C GLU C 58 -34.59 -10.03 14.83
N LEU C 59 -35.09 -8.93 15.41
CA LEU C 59 -34.36 -7.64 15.50
C LEU C 59 -33.00 -7.83 16.18
N GLU C 60 -32.93 -8.65 17.22
CA GLU C 60 -31.66 -9.00 17.92
C GLU C 60 -30.64 -9.51 16.90
N LYS C 61 -31.01 -10.56 16.16
CA LYS C 61 -30.15 -11.24 15.15
C LYS C 61 -29.72 -10.24 14.07
N LEU C 62 -30.69 -9.48 13.54
CA LEU C 62 -30.47 -8.50 12.45
C LEU C 62 -29.44 -7.45 12.90
N CME C 63 -29.58 -6.93 14.11
CA CME C 63 -28.72 -5.86 14.67
CB CME C 63 -29.29 -5.26 15.94
SG CME C 63 -30.53 -3.97 15.65
SD CME C 63 -29.46 -2.55 14.64
CE CME C 63 -29.75 -1.01 15.54
CZ CME C 63 -28.47 -0.26 15.78
OH CME C 63 -28.68 1.14 15.77
C CME C 63 -27.27 -6.34 14.79
O CME C 63 -26.37 -5.57 14.40
N ARG C 64 -27.04 -7.57 15.26
CA ARG C 64 -25.66 -8.11 15.39
C ARG C 64 -25.14 -8.56 14.02
N PHE C 65 -26.02 -8.95 13.10
CA PHE C 65 -25.65 -9.16 11.67
C PHE C 65 -25.08 -7.85 11.12
N ILE C 66 -25.92 -6.80 11.09
CA ILE C 66 -25.58 -5.45 10.57
C ILE C 66 -24.23 -5.01 11.12
N MET C 67 -24.00 -5.19 12.42
CA MET C 67 -22.80 -4.65 13.10
C MET C 67 -21.57 -5.48 12.72
N SER C 68 -21.74 -6.76 12.43
CA SER C 68 -20.66 -7.67 11.98
C SER C 68 -20.29 -7.36 10.52
N VAL C 69 -21.29 -7.07 9.70
CA VAL C 69 -21.09 -6.59 8.29
C VAL C 69 -20.31 -5.28 8.33
N LYS C 70 -20.80 -4.30 9.09
CA LYS C 70 -20.15 -2.98 9.26
C LYS C 70 -18.67 -3.16 9.60
N LYS C 71 -18.39 -4.03 10.58
CA LYS C 71 -17.03 -4.34 11.08
C LYS C 71 -16.16 -4.82 9.91
N ASN C 72 -16.74 -5.49 8.92
CA ASN C 72 -15.98 -6.15 7.83
C ASN C 72 -15.94 -5.29 6.56
N TYR C 73 -16.41 -4.05 6.63
CA TYR C 73 -16.12 -3.01 5.61
C TYR C 73 -14.89 -2.24 6.10
N ARG C 74 -13.95 -1.98 5.20
CA ARG C 74 -12.67 -1.28 5.53
C ARG C 74 -12.86 0.23 5.41
N ARG C 75 -11.95 0.98 6.03
CA ARG C 75 -11.90 2.46 5.98
C ARG C 75 -11.17 2.87 4.71
N VAL C 76 -11.84 2.70 3.58
CA VAL C 76 -11.36 3.13 2.24
C VAL C 76 -12.19 4.35 1.82
N PRO C 77 -11.72 5.13 0.83
CA PRO C 77 -12.39 6.38 0.46
C PRO C 77 -13.83 6.25 -0.05
N TYR C 78 -14.17 5.15 -0.71
CA TYR C 78 -15.48 4.98 -1.41
C TYR C 78 -16.13 3.63 -1.09
N HIS C 79 -15.45 2.50 -1.31
CA HIS C 79 -16.05 1.15 -1.15
C HIS C 79 -16.15 0.78 0.34
N ASN C 80 -16.84 1.64 1.09
CA ASN C 80 -16.87 1.65 2.58
C ASN C 80 -18.31 1.38 3.04
N TRP C 81 -18.53 1.45 4.35
CA TRP C 81 -19.83 1.21 5.02
C TRP C 81 -20.91 2.18 4.50
N LYS C 82 -20.53 3.43 4.21
CA LYS C 82 -21.47 4.44 3.68
C LYS C 82 -22.03 3.98 2.34
N HIS C 83 -21.18 3.43 1.45
CA HIS C 83 -21.57 2.95 0.10
C HIS C 83 -22.55 1.78 0.20
N ALA C 84 -22.30 0.82 1.10
CA ALA C 84 -23.18 -0.35 1.37
C ALA C 84 -24.60 0.12 1.69
N VAL C 85 -24.75 1.06 2.63
CA VAL C 85 -26.09 1.53 3.07
C VAL C 85 -26.70 2.39 1.96
N THR C 86 -25.89 3.16 1.24
CA THR C 86 -26.37 4.04 0.14
C THR C 86 -26.94 3.16 -0.97
N VAL C 87 -26.30 2.03 -1.25
CA VAL C 87 -26.79 1.05 -2.26
C VAL C 87 -28.04 0.35 -1.74
N ALA C 88 -28.07 -0.04 -0.47
CA ALA C 88 -29.27 -0.63 0.16
C ALA C 88 -30.45 0.34 0.00
N HIS C 89 -30.21 1.64 0.19
CA HIS C 89 -31.28 2.67 0.12
C HIS C 89 -31.85 2.74 -1.30
N CYS C 90 -31.01 2.66 -2.32
CA CYS C 90 -31.51 2.69 -3.72
C CYS C 90 -32.41 1.46 -3.94
N MET C 91 -32.01 0.28 -3.46
CA MET C 91 -32.81 -0.96 -3.60
C MET C 91 -34.14 -0.76 -2.88
N TYR C 92 -34.10 -0.20 -1.66
CA TYR C 92 -35.30 0.15 -0.86
C TYR C 92 -36.26 1.00 -1.71
N ALA C 93 -35.75 2.04 -2.37
CA ALA C 93 -36.54 2.94 -3.24
C ALA C 93 -37.15 2.15 -4.41
N ILE C 94 -36.37 1.28 -5.07
CA ILE C 94 -36.85 0.47 -6.22
C ILE C 94 -37.99 -0.46 -5.74
N LEU C 95 -37.80 -1.18 -4.62
CA LEU C 95 -38.79 -2.16 -4.09
C LEU C 95 -40.09 -1.43 -3.67
N GLN C 96 -39.99 -0.25 -3.06
CA GLN C 96 -41.16 0.51 -2.55
C GLN C 96 -42.01 1.04 -3.71
N ASN C 97 -41.43 1.27 -4.89
CA ASN C 97 -42.11 1.88 -6.06
C ASN C 97 -42.57 0.80 -7.06
N ASN C 98 -42.23 -0.46 -6.81
CA ASN C 98 -42.60 -1.63 -7.65
C ASN C 98 -42.95 -2.79 -6.72
N HIS C 99 -43.73 -2.51 -5.67
CA HIS C 99 -43.92 -3.42 -4.51
C HIS C 99 -44.66 -4.70 -4.91
N THR C 100 -45.52 -4.64 -5.93
CA THR C 100 -46.33 -5.79 -6.38
C THR C 100 -45.47 -6.80 -7.15
N LEU C 101 -44.27 -6.43 -7.61
CA LEU C 101 -43.52 -7.22 -8.62
C LEU C 101 -42.57 -8.23 -8.00
N PHE C 102 -42.23 -8.14 -6.71
CA PHE C 102 -41.19 -8.99 -6.07
C PHE C 102 -41.77 -9.84 -4.94
N THR C 103 -41.27 -11.08 -4.84
CA THR C 103 -41.72 -12.09 -3.84
C THR C 103 -41.25 -11.68 -2.45
N ASP C 104 -41.69 -12.42 -1.43
CA ASP C 104 -41.28 -12.25 -0.02
C ASP C 104 -39.78 -12.51 0.14
N LEU C 105 -39.27 -13.58 -0.47
CA LEU C 105 -37.85 -14.02 -0.34
C LEU C 105 -36.94 -12.96 -0.97
N GLU C 106 -37.34 -12.42 -2.12
CA GLU C 106 -36.58 -11.39 -2.87
C GLU C 106 -36.46 -10.14 -1.99
N ARG C 107 -37.53 -9.74 -1.32
CA ARG C 107 -37.54 -8.51 -0.48
C ARG C 107 -36.52 -8.68 0.65
N LYS C 108 -36.57 -9.82 1.37
CA LYS C 108 -35.58 -10.23 2.40
C LYS C 108 -34.17 -10.22 1.81
N GLY C 109 -33.99 -10.85 0.64
CA GLY C 109 -32.68 -11.16 0.05
C GLY C 109 -31.95 -9.92 -0.46
N LEU C 110 -32.67 -8.99 -1.09
CA LEU C 110 -32.04 -7.94 -1.93
C LEU C 110 -31.44 -6.83 -1.04
N LEU C 111 -32.11 -6.45 0.04
CA LEU C 111 -31.61 -5.40 0.96
C LEU C 111 -30.37 -5.92 1.69
N ILE C 112 -30.33 -7.21 2.03
CA ILE C 112 -29.15 -7.88 2.65
C ILE C 112 -28.05 -7.95 1.59
N ALA C 113 -28.38 -8.38 0.37
CA ALA C 113 -27.42 -8.52 -0.74
C ALA C 113 -26.71 -7.19 -0.97
N CYS C 114 -27.47 -6.09 -1.02
CA CYS C 114 -26.96 -4.71 -1.25
C CYS C 114 -26.02 -4.32 -0.10
N LEU C 115 -26.45 -4.54 1.13
CA LEU C 115 -25.64 -4.18 2.33
C LEU C 115 -24.31 -4.95 2.32
N CYS C 116 -24.28 -6.17 1.75
CA CYS C 116 -23.10 -7.07 1.81
C CYS C 116 -22.29 -7.08 0.50
N HIS C 117 -22.71 -6.35 -0.53
CA HIS C 117 -22.26 -6.59 -1.93
C HIS C 117 -20.78 -6.21 -2.09
N ASP C 118 -20.21 -5.44 -1.17
CA ASP C 118 -18.79 -5.00 -1.25
C ASP C 118 -18.04 -5.35 0.03
N LEU C 119 -18.47 -6.39 0.73
CA LEU C 119 -17.86 -6.80 2.03
C LEU C 119 -16.36 -6.97 1.85
N ASP C 120 -15.58 -6.30 2.70
CA ASP C 120 -14.11 -6.51 2.83
C ASP C 120 -13.42 -6.05 1.54
N HIS C 121 -14.00 -5.07 0.84
CA HIS C 121 -13.42 -4.43 -0.38
C HIS C 121 -12.20 -3.62 0.03
N ARG C 122 -11.10 -3.71 -0.73
CA ARG C 122 -9.82 -3.05 -0.35
C ARG C 122 -9.60 -1.80 -1.19
N GLY C 123 -10.58 -1.40 -2.01
CA GLY C 123 -10.51 -0.23 -2.90
C GLY C 123 -9.84 -0.57 -4.23
N PHE C 124 -9.55 -1.85 -4.47
CA PHE C 124 -8.85 -2.34 -5.69
C PHE C 124 -9.82 -3.17 -6.54
N SER C 125 -9.63 -3.09 -7.85
CA SER C 125 -10.46 -3.74 -8.90
C SER C 125 -10.02 -5.20 -9.06
N ASN C 126 -10.83 -6.00 -9.76
CA ASN C 126 -10.53 -7.41 -10.10
C ASN C 126 -9.27 -7.48 -10.99
N SER C 127 -9.06 -6.50 -11.87
CA SER C 127 -7.86 -6.39 -12.75
C SER C 127 -6.60 -6.30 -11.88
N TYR C 128 -6.57 -5.40 -10.91
CA TYR C 128 -5.36 -5.18 -10.07
C TYR C 128 -5.06 -6.46 -9.29
N LEU C 129 -6.07 -7.03 -8.63
CA LEU C 129 -5.92 -8.33 -7.92
C LEU C 129 -5.26 -9.33 -8.86
N GLN C 130 -5.76 -9.43 -10.10
CA GLN C 130 -5.27 -10.37 -11.14
C GLN C 130 -3.79 -10.10 -11.41
N LYS C 131 -3.45 -8.86 -11.76
CA LYS C 131 -2.08 -8.43 -12.15
C LYS C 131 -1.13 -8.57 -10.96
N PHE C 132 -1.59 -8.26 -9.75
CA PHE C 132 -0.78 -8.39 -8.50
C PHE C 132 -0.53 -9.88 -8.20
N ASP C 133 -1.38 -10.76 -8.75
CA ASP C 133 -1.35 -12.21 -8.45
C ASP C 133 -1.79 -12.40 -7.00
N HIS C 134 -2.88 -11.74 -6.58
CA HIS C 134 -3.48 -11.86 -5.23
C HIS C 134 -4.05 -13.26 -5.02
N PRO C 135 -3.92 -13.86 -3.82
CA PRO C 135 -4.50 -15.18 -3.55
C PRO C 135 -5.99 -15.36 -3.90
N LEU C 136 -6.80 -14.30 -3.77
CA LEU C 136 -8.23 -14.33 -4.16
C LEU C 136 -8.35 -14.59 -5.68
N ALA C 137 -7.44 -14.03 -6.49
CA ALA C 137 -7.46 -14.12 -7.97
C ALA C 137 -7.24 -15.56 -8.43
N ALA C 138 -6.64 -16.42 -7.59
CA ALA C 138 -6.43 -17.86 -7.86
C ALA C 138 -7.69 -18.63 -7.47
N LEU C 139 -8.18 -18.38 -6.24
CA LEU C 139 -9.41 -18.97 -5.68
C LEU C 139 -10.62 -18.67 -6.58
N TYR C 140 -10.73 -17.44 -7.10
CA TYR C 140 -11.84 -16.96 -7.95
C TYR C 140 -11.27 -16.39 -9.24
N SER C 141 -11.23 -17.19 -10.30
CA SER C 141 -10.62 -16.81 -11.61
C SER C 141 -11.40 -15.63 -12.19
N THR C 142 -12.72 -15.59 -12.03
CA THR C 142 -13.60 -14.50 -12.55
C THR C 142 -14.50 -13.95 -11.44
N SER C 143 -14.95 -12.70 -11.61
CA SER C 143 -15.73 -11.95 -10.59
C SER C 143 -15.04 -12.12 -9.23
N THR C 144 -13.71 -11.97 -9.18
CA THR C 144 -12.88 -12.35 -8.00
C THR C 144 -13.45 -11.71 -6.72
N MET C 145 -13.59 -10.39 -6.67
CA MET C 145 -13.98 -9.66 -5.44
C MET C 145 -15.44 -9.97 -5.11
N GLU C 146 -16.28 -10.16 -6.13
CA GLU C 146 -17.74 -10.39 -5.97
C GLU C 146 -17.95 -11.76 -5.32
N GLN C 147 -17.24 -12.78 -5.79
CA GLN C 147 -17.22 -14.13 -5.16
C GLN C 147 -16.75 -14.00 -3.70
N HIS C 148 -15.73 -13.18 -3.46
CA HIS C 148 -15.22 -12.91 -2.09
C HIS C 148 -16.33 -12.24 -1.25
N HIS C 149 -17.07 -11.28 -1.81
CA HIS C 149 -18.12 -10.53 -1.07
C HIS C 149 -19.19 -11.51 -0.60
N PHE C 150 -19.66 -12.38 -1.50
CA PHE C 150 -20.68 -13.41 -1.18
C PHE C 150 -20.12 -14.38 -0.13
N SER C 151 -18.89 -14.87 -0.32
CA SER C 151 -18.21 -15.76 0.64
C SER C 151 -18.24 -15.12 2.03
N GLN C 152 -17.77 -13.87 2.15
CA GLN C 152 -17.74 -13.11 3.43
C GLN C 152 -19.14 -13.03 4.02
N THR C 153 -20.18 -12.88 3.20
CA THR C 153 -21.60 -12.81 3.63
C THR C 153 -21.98 -14.12 4.33
N VAL C 154 -21.65 -15.25 3.72
CA VAL C 154 -21.97 -16.61 4.23
C VAL C 154 -21.25 -16.81 5.58
N SER C 155 -20.02 -16.32 5.72
CA SER C 155 -19.20 -16.43 6.95
C SER C 155 -19.91 -15.71 8.10
N ILE C 156 -20.32 -14.46 7.87
CA ILE C 156 -21.09 -13.65 8.86
C ILE C 156 -22.39 -14.39 9.20
N LEU C 157 -23.08 -14.94 8.20
CA LEU C 157 -24.36 -15.69 8.42
C LEU C 157 -24.12 -16.94 9.27
N GLN C 158 -22.94 -17.56 9.19
CA GLN C 158 -22.61 -18.84 9.88
C GLN C 158 -22.07 -18.56 11.29
N LEU C 159 -21.83 -17.28 11.62
CA LEU C 159 -21.43 -16.83 12.97
C LEU C 159 -22.57 -17.11 13.95
N GLU C 160 -22.26 -17.25 15.23
CA GLU C 160 -23.25 -17.61 16.28
C GLU C 160 -24.13 -16.39 16.57
N GLY C 161 -25.46 -16.60 16.59
CA GLY C 161 -26.47 -15.55 16.81
C GLY C 161 -26.67 -14.65 15.58
N HIS C 162 -26.10 -15.01 14.43
CA HIS C 162 -26.07 -14.13 13.22
C HIS C 162 -26.98 -14.65 12.11
N ASN C 163 -27.56 -15.85 12.23
CA ASN C 163 -28.38 -16.41 11.12
C ASN C 163 -29.78 -15.78 11.17
N ILE C 164 -29.90 -14.62 10.53
CA ILE C 164 -31.15 -13.84 10.35
C ILE C 164 -32.19 -14.65 9.55
N PHE C 165 -31.79 -15.74 8.89
CA PHE C 165 -32.67 -16.55 8.01
C PHE C 165 -33.03 -17.88 8.68
N SER C 166 -32.88 -18.00 10.01
CA SER C 166 -33.00 -19.29 10.74
C SER C 166 -34.45 -19.77 10.83
N THR C 167 -35.44 -18.95 10.44
CA THR C 167 -36.88 -19.33 10.43
C THR C 167 -37.29 -19.94 9.09
N LEU C 168 -36.50 -19.75 8.03
CA LEU C 168 -36.79 -20.29 6.67
C LEU C 168 -36.72 -21.81 6.72
N SER C 169 -37.45 -22.51 5.85
CA SER C 169 -37.26 -23.95 5.54
C SER C 169 -35.91 -24.11 4.82
N SER C 170 -35.36 -25.32 4.82
CA SER C 170 -34.11 -25.67 4.07
C SER C 170 -34.20 -25.09 2.66
N SER C 171 -35.33 -25.31 1.97
CA SER C 171 -35.56 -24.92 0.55
C SER C 171 -35.61 -23.39 0.42
N GLU C 172 -36.25 -22.69 1.35
CA GLU C 172 -36.35 -21.21 1.32
C GLU C 172 -35.00 -20.58 1.68
N TYR C 173 -34.25 -21.23 2.59
CA TYR C 173 -32.89 -20.82 2.99
C TYR C 173 -31.96 -20.88 1.77
N GLU C 174 -31.96 -21.99 1.05
CA GLU C 174 -31.15 -22.20 -0.19
C GLU C 174 -31.54 -21.13 -1.21
N GLN C 175 -32.84 -20.88 -1.33
CA GLN C 175 -33.42 -19.97 -2.35
C GLN C 175 -32.96 -18.53 -2.08
N VAL C 176 -33.05 -18.07 -0.83
CA VAL C 176 -32.66 -16.68 -0.47
C VAL C 176 -31.14 -16.54 -0.59
N LEU C 177 -30.40 -17.63 -0.31
CA LEU C 177 -28.91 -17.65 -0.43
C LEU C 177 -28.56 -17.57 -1.92
N GLU C 178 -29.34 -18.23 -2.78
CA GLU C 178 -29.10 -18.20 -4.25
C GLU C 178 -29.41 -16.80 -4.80
N ILE C 179 -30.52 -16.18 -4.35
CA ILE C 179 -30.91 -14.79 -4.75
C ILE C 179 -29.74 -13.86 -4.40
N ILE C 180 -29.19 -14.00 -3.20
CA ILE C 180 -28.11 -13.12 -2.66
C ILE C 180 -26.85 -13.34 -3.51
N ARG C 181 -26.49 -14.60 -3.79
CA ARG C 181 -25.27 -14.92 -4.57
C ARG C 181 -25.35 -14.21 -5.94
N LYS C 182 -26.35 -14.52 -6.75
CA LYS C 182 -26.50 -13.96 -8.11
C LYS C 182 -26.48 -12.42 -8.05
N ALA C 183 -27.20 -11.86 -7.08
CA ALA C 183 -27.33 -10.41 -6.86
C ALA C 183 -25.94 -9.79 -6.65
N ILE C 184 -25.12 -10.39 -5.80
CA ILE C 184 -23.77 -9.84 -5.45
C ILE C 184 -22.83 -10.05 -6.64
N ILE C 185 -22.91 -11.21 -7.30
CA ILE C 185 -22.10 -11.52 -8.52
C ILE C 185 -22.49 -10.57 -9.64
N ALA C 186 -23.77 -10.18 -9.70
CA ALA C 186 -24.31 -9.26 -10.73
C ALA C 186 -23.61 -7.89 -10.64
N THR C 187 -23.06 -7.53 -9.48
CA THR C 187 -22.38 -6.21 -9.28
C THR C 187 -20.98 -6.21 -9.89
N ASP C 188 -20.56 -7.30 -10.53
CA ASP C 188 -19.35 -7.29 -11.40
C ASP C 188 -19.71 -6.58 -12.70
N LEU C 189 -19.26 -5.32 -12.85
CA LEU C 189 -19.56 -4.46 -14.02
C LEU C 189 -19.25 -5.18 -15.33
N ALA C 190 -18.29 -6.12 -15.32
CA ALA C 190 -17.88 -6.88 -16.52
C ALA C 190 -19.04 -7.79 -16.98
N LEU C 191 -19.91 -8.23 -16.07
CA LEU C 191 -21.11 -9.05 -16.39
C LEU C 191 -22.32 -8.14 -16.69
N TYR C 192 -22.28 -6.87 -16.28
CA TYR C 192 -23.40 -5.91 -16.52
C TYR C 192 -23.65 -5.74 -18.04
N PHE C 193 -22.59 -5.58 -18.84
CA PHE C 193 -22.67 -5.20 -20.28
C PHE C 193 -23.51 -6.26 -21.02
N GLY C 194 -23.17 -7.53 -20.84
CA GLY C 194 -23.86 -8.67 -21.45
C GLY C 194 -25.27 -8.85 -20.89
N ASN C 195 -25.45 -8.64 -19.59
CA ASN C 195 -26.77 -8.76 -18.91
C ASN C 195 -27.73 -7.73 -19.50
N ARG C 196 -27.30 -6.46 -19.63
CA ARG C 196 -28.14 -5.34 -20.11
C ARG C 196 -28.51 -5.59 -21.58
N LYS C 197 -27.57 -6.07 -22.39
CA LYS C 197 -27.81 -6.39 -23.82
C LYS C 197 -28.90 -7.47 -23.91
N GLN C 198 -28.79 -8.56 -23.13
CA GLN C 198 -29.77 -9.68 -23.15
C GLN C 198 -31.14 -9.17 -22.68
N LEU C 199 -31.20 -8.39 -21.60
CA LEU C 199 -32.47 -7.86 -21.04
C LEU C 199 -33.12 -6.90 -22.04
N GLU C 200 -32.32 -6.03 -22.67
CA GLU C 200 -32.76 -5.07 -23.70
C GLU C 200 -33.47 -5.82 -24.84
N GLU C 201 -32.82 -6.84 -25.41
CA GLU C 201 -33.37 -7.64 -26.53
C GLU C 201 -34.68 -8.30 -26.08
N MET C 202 -34.67 -8.93 -24.91
CA MET C 202 -35.87 -9.62 -24.35
C MET C 202 -36.99 -8.60 -24.17
N TYR C 203 -36.69 -7.40 -23.66
CA TYR C 203 -37.72 -6.35 -23.44
C TYR C 203 -38.28 -5.89 -24.79
N GLN C 204 -37.41 -5.62 -25.77
CA GLN C 204 -37.79 -5.08 -27.10
C GLN C 204 -38.62 -6.13 -27.88
N THR C 205 -38.20 -7.40 -27.87
CA THR C 205 -38.87 -8.50 -28.63
C THR C 205 -40.19 -8.88 -27.94
N GLY C 206 -40.37 -8.43 -26.69
CA GLY C 206 -41.56 -8.73 -25.89
C GLY C 206 -41.51 -10.12 -25.26
N SER C 207 -40.34 -10.78 -25.29
CA SER C 207 -40.15 -12.15 -24.75
C SER C 207 -39.91 -12.09 -23.23
N LEU C 208 -39.72 -10.90 -22.66
CA LEU C 208 -39.40 -10.74 -21.21
C LEU C 208 -40.57 -11.21 -20.35
N ASN C 209 -40.32 -12.21 -19.50
CA ASN C 209 -41.34 -12.99 -18.76
C ASN C 209 -40.93 -13.06 -17.29
N LEU C 210 -41.55 -12.24 -16.44
CA LEU C 210 -41.23 -12.16 -14.99
C LEU C 210 -41.66 -13.43 -14.25
N ASN C 211 -42.29 -14.40 -14.93
CA ASN C 211 -42.61 -15.75 -14.38
C ASN C 211 -41.44 -16.71 -14.62
N ASN C 212 -40.62 -16.45 -15.64
CA ASN C 212 -39.36 -17.18 -15.93
C ASN C 212 -38.32 -16.75 -14.91
N GLN C 213 -37.72 -17.70 -14.17
CA GLN C 213 -36.74 -17.43 -13.07
C GLN C 213 -35.43 -16.86 -13.65
N SER C 214 -34.96 -17.36 -14.80
CA SER C 214 -33.74 -16.86 -15.50
C SER C 214 -33.93 -15.39 -15.91
N HIS C 215 -35.15 -15.01 -16.28
CA HIS C 215 -35.51 -13.62 -16.67
C HIS C 215 -35.52 -12.74 -15.42
N ARG C 216 -36.16 -13.23 -14.34
CA ARG C 216 -36.20 -12.57 -13.01
C ARG C 216 -34.77 -12.29 -12.58
N ASP C 217 -33.88 -13.30 -12.66
CA ASP C 217 -32.44 -13.21 -12.30
C ASP C 217 -31.78 -12.02 -13.00
N ARG C 218 -32.00 -11.89 -14.32
CA ARG C 218 -31.38 -10.84 -15.15
C ARG C 218 -31.88 -9.47 -14.67
N VAL C 219 -33.19 -9.35 -14.45
CA VAL C 219 -33.86 -8.09 -14.00
C VAL C 219 -33.27 -7.68 -12.65
N ILE C 220 -33.17 -8.62 -11.71
CA ILE C 220 -32.57 -8.39 -10.36
C ILE C 220 -31.11 -7.96 -10.56
N GLY C 221 -30.40 -8.59 -11.50
CA GLY C 221 -29.00 -8.25 -11.83
C GLY C 221 -28.84 -6.79 -12.19
N LEU C 222 -29.70 -6.28 -13.08
CA LEU C 222 -29.68 -4.88 -13.58
C LEU C 222 -30.08 -3.93 -12.45
N MET C 223 -30.97 -4.37 -11.57
CA MET C 223 -31.39 -3.60 -10.37
C MET C 223 -30.16 -3.38 -9.47
N MET C 224 -29.30 -4.40 -9.36
CA MET C 224 -28.07 -4.38 -8.52
C MET C 224 -27.07 -3.39 -9.11
N THR C 225 -26.87 -3.40 -10.43
CA THR C 225 -26.01 -2.42 -11.13
C THR C 225 -26.56 -1.02 -10.84
N ALA C 226 -27.85 -0.80 -11.12
CA ALA C 226 -28.55 0.48 -10.92
C ALA C 226 -28.31 1.01 -9.50
N CYS C 227 -28.49 0.17 -8.48
CA CYS C 227 -28.31 0.54 -7.05
C CYS C 227 -26.83 0.83 -6.78
N ASP C 228 -25.95 0.02 -7.36
CA ASP C 228 -24.48 0.07 -7.18
C ASP C 228 -23.95 1.41 -7.72
N LEU C 229 -24.45 1.85 -8.88
CA LEU C 229 -23.96 3.05 -9.58
C LEU C 229 -24.70 4.30 -9.11
N CYS C 230 -25.55 4.21 -8.08
CA CYS C 230 -26.59 5.24 -7.78
C CYS C 230 -25.99 6.60 -7.37
N SER C 231 -24.69 6.68 -7.07
CA SER C 231 -24.00 7.98 -6.83
C SER C 231 -24.23 8.94 -8.00
N VAL C 232 -24.35 8.42 -9.23
CA VAL C 232 -24.51 9.25 -10.47
C VAL C 232 -25.97 9.72 -10.62
N THR C 233 -26.86 9.38 -9.69
CA THR C 233 -28.30 9.74 -9.75
C THR C 233 -28.71 10.58 -8.55
N LYS C 234 -27.72 11.11 -7.82
CA LYS C 234 -27.95 12.02 -6.67
C LYS C 234 -28.05 13.44 -7.21
N LEU C 235 -28.38 14.38 -6.32
CA LEU C 235 -28.30 15.83 -6.62
C LEU C 235 -26.82 16.16 -6.85
N TRP C 236 -26.55 17.11 -7.74
CA TRP C 236 -25.21 17.33 -8.34
C TRP C 236 -24.14 17.52 -7.27
N PRO C 237 -24.38 18.32 -6.21
CA PRO C 237 -23.38 18.53 -5.15
C PRO C 237 -22.96 17.22 -4.46
N VAL C 238 -23.86 16.25 -4.36
CA VAL C 238 -23.57 14.90 -3.79
C VAL C 238 -22.75 14.12 -4.83
N THR C 239 -23.20 14.09 -6.08
CA THR C 239 -22.50 13.36 -7.17
C THR C 239 -21.07 13.87 -7.30
N LYS C 240 -20.89 15.19 -7.33
CA LYS C 240 -19.58 15.87 -7.48
C LYS C 240 -18.62 15.39 -6.38
N LEU C 241 -19.08 15.40 -5.12
CA LEU C 241 -18.26 15.06 -3.93
C LEU C 241 -18.00 13.55 -3.89
N THR C 242 -18.98 12.71 -4.25
CA THR C 242 -18.80 11.23 -4.27
C THR C 242 -17.72 10.86 -5.29
N ALA C 243 -17.70 11.50 -6.46
CA ALA C 243 -16.70 11.29 -7.54
C ALA C 243 -15.27 11.52 -7.01
N ASN C 244 -15.07 12.49 -6.14
CA ASN C 244 -13.79 12.75 -5.43
C ASN C 244 -13.32 11.48 -4.71
N ASP C 245 -14.23 10.78 -4.02
CA ASP C 245 -13.96 9.55 -3.25
C ASP C 245 -13.67 8.38 -4.20
N ILE C 246 -14.46 8.25 -5.27
CA ILE C 246 -14.32 7.21 -6.33
C ILE C 246 -12.93 7.29 -6.96
N TYR C 247 -12.49 8.51 -7.30
CA TYR C 247 -11.23 8.75 -8.05
C TYR C 247 -10.03 8.66 -7.12
N ALA C 248 -10.19 8.99 -5.83
CA ALA C 248 -9.15 8.75 -4.80
C ALA C 248 -8.78 7.27 -4.79
N GLU C 249 -9.77 6.38 -4.96
CA GLU C 249 -9.51 4.92 -5.02
C GLU C 249 -8.84 4.57 -6.34
N PHE C 250 -9.34 5.10 -7.47
CA PHE C 250 -8.80 4.85 -8.84
C PHE C 250 -7.33 5.26 -8.88
N TRP C 251 -7.03 6.47 -8.40
CA TRP C 251 -5.65 7.03 -8.42
C TRP C 251 -4.71 6.16 -7.60
N ALA C 252 -5.14 5.68 -6.44
CA ALA C 252 -4.39 4.76 -5.54
C ALA C 252 -4.16 3.43 -6.27
N GLU C 253 -5.15 2.92 -7.00
CA GLU C 253 -4.98 1.68 -7.79
C GLU C 253 -3.97 1.94 -8.91
N GLY C 254 -4.06 3.09 -9.58
CA GLY C 254 -3.09 3.53 -10.60
C GLY C 254 -1.68 3.59 -10.04
N ASP C 255 -1.50 4.19 -8.85
CA ASP C 255 -0.20 4.23 -8.15
C ASP C 255 0.33 2.80 -7.99
N GLU C 256 -0.53 1.88 -7.54
CA GLU C 256 -0.15 0.46 -7.29
C GLU C 256 0.15 -0.25 -8.62
N MET C 257 -0.53 0.14 -9.71
CA MET C 257 -0.30 -0.42 -11.06
C MET C 257 1.08 0.02 -11.54
N LYS C 258 1.41 1.30 -11.35
CA LYS C 258 2.74 1.89 -11.67
C LYS C 258 3.84 1.15 -10.89
N LYS C 259 3.55 0.72 -9.66
CA LYS C 259 4.50 0.03 -8.76
C LYS C 259 4.77 -1.40 -9.25
N LEU C 260 3.78 -2.05 -9.88
CA LEU C 260 3.93 -3.40 -10.49
C LEU C 260 4.70 -3.32 -11.81
N GLY C 261 4.89 -2.11 -12.35
CA GLY C 261 5.61 -1.86 -13.61
C GLY C 261 4.66 -1.81 -14.79
N ILE C 262 3.44 -1.31 -14.57
CA ILE C 262 2.34 -1.22 -15.58
C ILE C 262 1.86 0.23 -15.62
N GLN C 263 1.87 0.88 -16.80
CA GLN C 263 1.22 2.20 -16.96
C GLN C 263 -0.27 1.93 -16.82
N PRO C 264 -0.99 2.64 -15.93
CA PRO C 264 -2.42 2.40 -15.73
C PRO C 264 -3.21 3.08 -16.85
N ILE C 265 -4.46 2.66 -17.05
CA ILE C 265 -5.45 3.35 -17.93
C ILE C 265 -5.64 4.77 -17.39
N PRO C 266 -5.84 5.79 -18.26
CA PRO C 266 -5.92 7.19 -17.82
C PRO C 266 -6.91 7.47 -16.68
N MET C 267 -7.96 6.67 -16.57
CA MET C 267 -8.96 6.76 -15.47
C MET C 267 -8.24 6.68 -14.13
N MET C 268 -7.21 5.84 -14.00
CA MET C 268 -6.55 5.51 -12.71
C MET C 268 -5.20 6.24 -12.57
N ASP C 269 -4.88 7.15 -13.49
CA ASP C 269 -3.59 7.91 -13.49
C ASP C 269 -3.84 9.30 -12.90
N ARG C 270 -3.24 9.59 -11.74
CA ARG C 270 -3.43 10.91 -11.05
C ARG C 270 -2.71 12.02 -11.85
N ASP C 271 -1.76 11.67 -12.71
CA ASP C 271 -1.05 12.65 -13.58
C ASP C 271 -1.97 13.10 -14.73
N LYS C 272 -3.01 12.33 -15.04
CA LYS C 272 -3.97 12.58 -16.16
C LYS C 272 -5.32 13.03 -15.61
N LYS C 273 -5.29 13.93 -14.62
CA LYS C 273 -6.46 14.37 -13.81
C LYS C 273 -7.40 15.25 -14.65
N ASP C 274 -6.84 16.11 -15.50
CA ASP C 274 -7.58 17.09 -16.34
C ASP C 274 -8.57 16.38 -17.28
N GLU C 275 -8.38 15.07 -17.54
CA GLU C 275 -9.24 14.26 -18.45
C GLU C 275 -10.44 13.66 -17.70
N VAL C 276 -10.62 13.97 -16.41
CA VAL C 276 -11.68 13.34 -15.56
C VAL C 276 -13.07 13.75 -16.06
N PRO C 277 -13.35 15.04 -16.34
CA PRO C 277 -14.65 15.44 -16.89
C PRO C 277 -15.03 14.64 -18.14
N GLN C 278 -14.10 14.55 -19.10
CA GLN C 278 -14.27 13.80 -20.37
C GLN C 278 -14.47 12.31 -20.06
N GLY C 279 -13.73 11.80 -19.07
CA GLY C 279 -13.76 10.39 -18.63
C GLY C 279 -15.10 10.01 -18.03
N GLN C 280 -15.79 10.98 -17.41
CA GLN C 280 -17.11 10.80 -16.78
C GLN C 280 -18.19 10.75 -17.86
N LEU C 281 -18.15 11.70 -18.82
CA LEU C 281 -19.04 11.70 -20.02
C LEU C 281 -19.08 10.30 -20.61
N GLY C 282 -17.90 9.76 -20.93
CA GLY C 282 -17.75 8.41 -21.50
C GLY C 282 -18.45 7.37 -20.64
N PHE C 283 -18.26 7.45 -19.32
CA PHE C 283 -18.86 6.51 -18.34
C PHE C 283 -20.39 6.63 -18.34
N TYR C 284 -20.92 7.86 -18.28
CA TYR C 284 -22.38 8.10 -18.34
C TYR C 284 -22.94 7.55 -19.66
N ASN C 285 -22.32 7.93 -20.78
CA ASN C 285 -22.76 7.57 -22.15
C ASN C 285 -22.75 6.05 -22.33
N ALA C 286 -21.71 5.36 -21.87
CA ALA C 286 -21.46 3.93 -22.15
C ALA C 286 -22.07 3.03 -21.06
N VAL C 287 -22.16 3.48 -19.82
CA VAL C 287 -22.50 2.57 -18.67
C VAL C 287 -23.81 3.02 -17.98
N ALA C 288 -23.81 4.22 -17.40
CA ALA C 288 -24.88 4.69 -16.49
C ALA C 288 -26.18 4.93 -17.26
N ILE C 289 -26.14 5.69 -18.36
CA ILE C 289 -27.36 6.05 -19.13
C ILE C 289 -28.01 4.78 -19.66
N PRO C 290 -27.31 3.85 -20.36
CA PRO C 290 -27.94 2.61 -20.80
C PRO C 290 -28.54 1.78 -19.66
N CYS C 291 -27.90 1.80 -18.48
CA CYS C 291 -28.33 1.03 -17.28
C CYS C 291 -29.69 1.54 -16.81
N TYR C 292 -29.82 2.85 -16.57
CA TYR C 292 -31.06 3.45 -16.03
C TYR C 292 -32.13 3.52 -17.13
N THR C 293 -31.73 3.65 -18.40
CA THR C 293 -32.65 3.67 -19.58
C THR C 293 -33.41 2.35 -19.65
N THR C 294 -32.69 1.23 -19.72
CA THR C 294 -33.22 -0.15 -19.71
C THR C 294 -34.02 -0.42 -18.42
N LEU C 295 -33.56 0.07 -17.27
CA LEU C 295 -34.20 -0.18 -15.96
C LEU C 295 -35.58 0.50 -15.93
N THR C 296 -35.70 1.69 -16.53
CA THR C 296 -36.98 2.44 -16.61
C THR C 296 -37.92 1.75 -17.60
N GLN C 297 -37.41 1.20 -18.71
CA GLN C 297 -38.23 0.43 -19.70
C GLN C 297 -38.89 -0.76 -19.01
N ILE C 298 -38.14 -1.49 -18.16
CA ILE C 298 -38.68 -2.68 -17.43
C ILE C 298 -39.48 -2.21 -16.22
N LEU C 299 -38.97 -1.24 -15.45
CA LEU C 299 -39.64 -0.74 -14.21
C LEU C 299 -39.87 0.76 -14.32
N PRO C 300 -40.93 1.19 -15.03
CA PRO C 300 -41.22 2.61 -15.26
C PRO C 300 -41.12 3.53 -14.04
N PRO C 301 -41.58 3.13 -12.83
CA PRO C 301 -41.41 3.97 -11.64
C PRO C 301 -39.97 4.27 -11.17
N THR C 302 -38.94 3.67 -11.79
CA THR C 302 -37.50 3.98 -11.52
C THR C 302 -37.03 5.15 -12.38
N GLU C 303 -37.96 5.84 -13.06
CA GLU C 303 -37.70 6.96 -14.00
C GLU C 303 -36.85 8.05 -13.34
N PRO C 304 -37.11 8.44 -12.07
CA PRO C 304 -36.31 9.46 -11.41
C PRO C 304 -34.80 9.21 -11.40
N LEU C 305 -34.37 7.94 -11.34
CA LEU C 305 -32.93 7.58 -11.41
C LEU C 305 -32.36 8.07 -12.75
N LEU C 306 -33.05 7.74 -13.85
CA LEU C 306 -32.62 8.06 -15.23
C LEU C 306 -32.57 9.58 -15.39
N LYS C 307 -33.60 10.29 -14.94
CA LYS C 307 -33.70 11.76 -15.04
C LYS C 307 -32.52 12.39 -14.28
N ALA C 308 -32.24 11.93 -13.06
CA ALA C 308 -31.17 12.49 -12.20
C ALA C 308 -29.81 12.25 -12.85
N CYS C 309 -29.63 11.06 -13.46
CA CYS C 309 -28.43 10.65 -14.24
C CYS C 309 -28.24 11.58 -15.45
N ARG C 310 -29.29 11.78 -16.27
CA ARG C 310 -29.22 12.69 -17.45
CA ARG C 310 -29.25 12.70 -17.44
C ARG C 310 -28.86 14.10 -16.97
N ASP C 311 -29.43 14.55 -15.85
CA ASP C 311 -29.16 15.90 -15.27
C ASP C 311 -27.70 16.00 -14.85
N ASN C 312 -27.13 14.92 -14.33
CA ASN C 312 -25.71 14.85 -13.89
C ASN C 312 -24.78 14.82 -15.10
N LEU C 313 -25.20 14.18 -16.20
CA LEU C 313 -24.48 14.19 -17.51
C LEU C 313 -24.35 15.64 -17.97
N SER C 314 -25.45 16.38 -17.97
CA SER C 314 -25.52 17.83 -18.35
C SER C 314 -24.56 18.67 -17.51
N GLN C 315 -24.35 18.32 -16.24
CA GLN C 315 -23.42 19.03 -15.32
C GLN C 315 -21.97 18.76 -15.72
N TRP C 316 -21.65 17.51 -16.11
CA TRP C 316 -20.29 17.13 -16.57
C TRP C 316 -19.96 17.83 -17.89
N GLU C 317 -20.96 18.00 -18.76
CA GLU C 317 -20.81 18.69 -20.07
C GLU C 317 -20.51 20.17 -19.81
N LYS C 318 -21.22 20.79 -18.87
CA LYS C 318 -20.96 22.19 -18.43
C LYS C 318 -19.53 22.31 -17.91
N VAL C 319 -19.10 21.37 -17.05
CA VAL C 319 -17.74 21.33 -16.44
C VAL C 319 -16.69 21.18 -17.56
N ILE C 320 -17.02 20.51 -18.66
CA ILE C 320 -16.10 20.34 -19.83
C ILE C 320 -16.00 21.68 -20.59
N ARG C 321 -17.08 22.45 -20.66
CA ARG C 321 -17.13 23.74 -21.39
C ARG C 321 -16.62 24.88 -20.50
N GLY C 322 -16.16 24.58 -19.28
CA GLY C 322 -15.52 25.55 -18.38
C GLY C 322 -16.53 26.48 -17.70
N GLU C 323 -17.83 26.14 -17.73
CA GLU C 323 -18.92 26.89 -17.04
C GLU C 323 -18.94 26.51 -15.56
N GLU C 324 -18.34 25.37 -15.21
CA GLU C 324 -18.17 24.92 -13.80
C GLU C 324 -17.03 23.90 -13.73
N TRP D 10 -4.02 -41.86 -42.06
CA TRP D 10 -4.07 -43.32 -42.38
C TRP D 10 -2.82 -44.01 -41.85
N GLN D 11 -1.64 -43.61 -42.36
CA GLN D 11 -0.31 -44.14 -41.96
C GLN D 11 0.44 -43.10 -41.12
N GLY D 12 -0.21 -41.96 -40.83
CA GLY D 12 0.34 -40.87 -39.99
C GLY D 12 -0.04 -41.03 -38.51
N LEU D 13 -0.28 -42.28 -38.09
CA LEU D 13 -0.67 -42.64 -36.70
C LEU D 13 0.59 -43.08 -35.91
N MET D 14 1.78 -42.83 -36.47
CA MET D 14 3.07 -43.31 -35.94
C MET D 14 3.69 -42.23 -35.04
N GLN D 15 3.52 -42.35 -33.72
CA GLN D 15 4.09 -41.43 -32.71
C GLN D 15 5.30 -42.07 -32.04
N PHE D 16 6.23 -41.25 -31.55
CA PHE D 16 7.38 -41.67 -30.71
C PHE D 16 6.93 -41.67 -29.25
N THR D 17 7.32 -42.71 -28.51
CA THR D 17 7.16 -42.82 -27.04
C THR D 17 8.56 -42.96 -26.43
N LEU D 18 8.81 -42.27 -25.33
CA LEU D 18 10.03 -42.45 -24.52
C LEU D 18 9.72 -43.50 -23.46
N PRO D 19 10.72 -44.22 -22.92
CA PRO D 19 10.54 -44.97 -21.68
C PRO D 19 9.91 -44.07 -20.59
N VAL D 20 9.32 -44.69 -19.57
CA VAL D 20 8.49 -44.01 -18.53
C VAL D 20 9.30 -42.88 -17.90
N ARG D 21 10.54 -43.14 -17.47
CA ARG D 21 11.34 -42.13 -16.72
C ARG D 21 11.61 -40.91 -17.62
N LEU D 22 11.97 -41.11 -18.89
CA LEU D 22 12.31 -40.02 -19.85
C LEU D 22 11.04 -39.23 -20.17
N CYS D 23 9.97 -39.95 -20.51
CA CYS D 23 8.60 -39.41 -20.75
C CYS D 23 8.27 -38.40 -19.65
N LYS D 24 8.52 -38.77 -18.39
CA LYS D 24 8.27 -37.92 -17.20
C LYS D 24 9.34 -36.80 -17.11
N GLU D 25 10.62 -37.16 -17.14
CA GLU D 25 11.73 -36.25 -16.77
C GLU D 25 11.95 -35.22 -17.89
N ILE D 26 11.59 -35.54 -19.13
CA ILE D 26 11.80 -34.64 -20.31
C ILE D 26 11.02 -33.34 -20.09
N GLU D 27 9.96 -33.34 -19.26
CA GLU D 27 9.14 -32.14 -19.01
C GLU D 27 9.87 -31.20 -18.03
N LEU D 28 10.89 -31.69 -17.32
CA LEU D 28 11.73 -30.88 -16.38
C LEU D 28 12.75 -30.08 -17.19
N PHE D 29 13.06 -28.84 -16.78
CA PHE D 29 14.08 -27.97 -17.41
C PHE D 29 15.45 -28.67 -17.34
N HIS D 30 15.77 -29.30 -16.21
CA HIS D 30 17.11 -29.86 -15.91
C HIS D 30 17.29 -31.27 -16.51
N PHE D 31 16.36 -31.75 -17.35
CA PHE D 31 16.49 -33.05 -18.03
C PHE D 31 17.84 -33.11 -18.77
N ASP D 32 18.51 -34.25 -18.65
CA ASP D 32 19.72 -34.63 -19.42
C ASP D 32 19.26 -35.66 -20.46
N ILE D 33 19.71 -35.55 -21.71
CA ILE D 33 19.23 -36.41 -22.82
C ILE D 33 19.93 -37.78 -22.80
N GLY D 34 20.94 -37.97 -21.95
CA GLY D 34 21.61 -39.26 -21.74
C GLY D 34 22.82 -39.47 -22.65
N PRO D 35 23.59 -40.57 -22.45
CA PRO D 35 24.78 -40.85 -23.26
C PRO D 35 24.53 -41.75 -24.49
N PHE D 36 23.29 -42.18 -24.72
CA PHE D 36 22.90 -43.04 -25.87
C PHE D 36 22.56 -42.15 -27.07
N GLU D 37 23.56 -41.86 -27.89
CA GLU D 37 23.47 -41.05 -29.13
C GLU D 37 22.23 -41.47 -29.94
N ASN D 38 22.02 -42.77 -30.11
CA ASN D 38 21.04 -43.34 -31.07
C ASN D 38 19.60 -43.07 -30.60
N MET D 39 19.41 -42.54 -29.39
CA MET D 39 18.07 -42.16 -28.86
C MET D 39 17.80 -40.65 -29.03
N TRP D 40 18.82 -39.84 -29.32
CA TRP D 40 18.67 -38.36 -29.39
C TRP D 40 17.72 -38.00 -30.53
N PRO D 41 17.86 -38.57 -31.75
CA PRO D 41 16.93 -38.27 -32.85
C PRO D 41 15.45 -38.48 -32.49
N GLY D 42 15.10 -39.63 -31.91
CA GLY D 42 13.74 -39.93 -31.44
C GLY D 42 13.30 -38.98 -30.32
N ILE D 43 14.21 -38.55 -29.46
CA ILE D 43 13.89 -37.56 -28.38
C ILE D 43 13.50 -36.24 -29.05
N PHE D 44 14.19 -35.85 -30.13
CA PHE D 44 13.91 -34.56 -30.81
C PHE D 44 12.53 -34.64 -31.47
N VAL D 45 12.29 -35.71 -32.24
CA VAL D 45 10.98 -35.92 -32.94
C VAL D 45 9.86 -35.90 -31.89
N TYR D 46 10.08 -36.55 -30.74
CA TYR D 46 9.09 -36.63 -29.64
C TYR D 46 8.70 -35.22 -29.18
N MET D 47 9.71 -34.38 -28.93
CA MET D 47 9.53 -32.97 -28.48
C MET D 47 8.79 -32.18 -29.55
N VAL D 48 9.17 -32.34 -30.82
CA VAL D 48 8.57 -31.62 -31.98
C VAL D 48 7.09 -31.98 -32.08
N HIS D 49 6.75 -33.28 -31.95
CA HIS D 49 5.36 -33.79 -32.03
C HIS D 49 4.51 -33.19 -30.90
N ARG D 50 5.02 -33.19 -29.67
CA ARG D 50 4.24 -32.72 -28.49
C ARG D 50 4.19 -31.19 -28.45
N SER D 51 5.19 -30.52 -29.02
CA SER D 51 5.44 -29.07 -28.86
C SER D 51 4.58 -28.26 -29.84
N CYS D 52 4.51 -28.69 -31.10
CA CYS D 52 3.82 -27.94 -32.19
C CYS D 52 2.84 -28.84 -32.97
N GLY D 53 2.93 -30.16 -32.85
CA GLY D 53 1.94 -31.10 -33.43
C GLY D 53 2.57 -32.23 -34.23
N THR D 54 1.87 -33.36 -34.33
CA THR D 54 2.33 -34.62 -34.98
C THR D 54 2.31 -34.47 -36.51
N SER D 55 1.65 -33.43 -37.02
CA SER D 55 1.38 -33.21 -38.46
C SER D 55 2.13 -31.98 -39.00
N CYS D 56 2.85 -31.26 -38.14
CA CYS D 56 3.57 -30.01 -38.51
C CYS D 56 4.64 -30.33 -39.57
N PHE D 57 5.28 -31.50 -39.48
CA PHE D 57 6.31 -31.98 -40.43
C PHE D 57 5.94 -33.38 -40.94
N GLU D 58 6.37 -33.69 -42.17
CA GLU D 58 6.34 -35.06 -42.77
C GLU D 58 7.50 -35.86 -42.16
N LEU D 59 7.22 -37.03 -41.59
CA LEU D 59 8.17 -37.79 -40.74
C LEU D 59 9.43 -38.17 -41.56
N GLU D 60 9.28 -38.46 -42.85
CA GLU D 60 10.40 -38.95 -43.71
C GLU D 60 11.36 -37.80 -44.03
N LYS D 61 10.81 -36.62 -44.36
CA LYS D 61 11.61 -35.38 -44.60
C LYS D 61 12.26 -34.95 -43.28
N LEU D 62 11.49 -34.96 -42.20
CA LEU D 62 11.95 -34.56 -40.85
C LEU D 62 13.10 -35.47 -40.38
N CME D 63 12.97 -36.79 -40.55
CA CME D 63 14.02 -37.77 -40.14
CB CME D 63 13.53 -39.22 -40.16
SG CME D 63 12.90 -39.86 -38.58
SD CME D 63 14.41 -39.55 -37.25
CE CME D 63 15.37 -41.09 -37.24
CZ CME D 63 15.08 -41.96 -36.05
OH CME D 63 15.78 -43.19 -36.11
C CME D 63 15.28 -37.58 -40.98
O CME D 63 16.38 -37.63 -40.41
N ARG D 64 15.16 -37.38 -42.31
CA ARG D 64 16.34 -37.25 -43.19
C ARG D 64 16.95 -35.85 -43.01
N PHE D 65 16.15 -34.84 -42.68
CA PHE D 65 16.62 -33.52 -42.20
C PHE D 65 17.50 -33.72 -40.95
N ILE D 66 16.97 -34.41 -39.93
CA ILE D 66 17.65 -34.63 -38.62
C ILE D 66 19.01 -35.32 -38.83
N MET D 67 19.06 -36.37 -39.65
CA MET D 67 20.27 -37.20 -39.82
C MET D 67 21.31 -36.44 -40.64
N SER D 68 20.89 -35.55 -41.56
CA SER D 68 21.79 -34.65 -42.31
C SER D 68 22.42 -33.61 -41.36
N VAL D 69 21.60 -33.03 -40.48
CA VAL D 69 22.04 -32.05 -39.45
C VAL D 69 23.09 -32.70 -38.54
N LYS D 70 22.79 -33.92 -38.05
CA LYS D 70 23.71 -34.73 -37.20
C LYS D 70 25.06 -34.86 -37.88
N LYS D 71 25.06 -35.25 -39.17
CA LYS D 71 26.29 -35.54 -39.95
C LYS D 71 27.11 -34.26 -40.13
N ASN D 72 26.47 -33.08 -40.00
CA ASN D 72 27.15 -31.77 -40.21
C ASN D 72 27.48 -31.12 -38.87
N TYR D 73 27.32 -31.83 -37.76
CA TYR D 73 28.03 -31.54 -36.48
C TYR D 73 29.32 -32.36 -36.45
N ARG D 74 30.38 -31.78 -35.90
CA ARG D 74 31.71 -32.43 -35.85
C ARG D 74 31.91 -33.14 -34.51
N ARG D 75 32.90 -34.02 -34.46
CA ARG D 75 33.37 -34.73 -33.24
C ARG D 75 34.27 -33.79 -32.44
N VAL D 76 33.72 -32.68 -31.96
CA VAL D 76 34.43 -31.73 -31.05
C VAL D 76 33.98 -32.02 -29.63
N PRO D 77 34.75 -31.63 -28.59
CA PRO D 77 34.38 -31.96 -27.20
C PRO D 77 33.02 -31.41 -26.75
N TYR D 78 32.62 -30.22 -27.21
CA TYR D 78 31.44 -29.52 -26.65
C TYR D 78 30.42 -29.12 -27.72
N HIS D 79 30.83 -28.42 -28.79
CA HIS D 79 29.92 -27.84 -29.82
C HIS D 79 29.52 -28.95 -30.82
N ASN D 80 28.85 -29.98 -30.31
CA ASN D 80 28.63 -31.26 -31.01
C ASN D 80 27.14 -31.57 -31.05
N TRP D 81 26.81 -32.74 -31.60
CA TRP D 81 25.41 -33.22 -31.80
C TRP D 81 24.66 -33.18 -30.48
N LYS D 82 25.28 -33.64 -29.38
CA LYS D 82 24.64 -33.68 -28.05
C LYS D 82 24.18 -32.26 -27.66
N HIS D 83 25.03 -31.25 -27.84
CA HIS D 83 24.71 -29.83 -27.54
C HIS D 83 23.47 -29.40 -28.35
N ALA D 84 23.45 -29.66 -29.66
CA ALA D 84 22.34 -29.27 -30.56
C ALA D 84 21.00 -29.75 -29.99
N VAL D 85 20.92 -31.01 -29.56
CA VAL D 85 19.67 -31.62 -29.01
C VAL D 85 19.41 -31.08 -27.59
N THR D 86 20.45 -30.87 -26.79
CA THR D 86 20.32 -30.35 -25.41
C THR D 86 19.67 -28.97 -25.46
N VAL D 87 20.16 -28.10 -26.34
CA VAL D 87 19.62 -26.71 -26.50
C VAL D 87 18.18 -26.77 -27.00
N ALA D 88 17.86 -27.70 -27.90
CA ALA D 88 16.52 -27.91 -28.49
C ALA D 88 15.55 -28.28 -27.37
N HIS D 89 15.98 -29.16 -26.45
CA HIS D 89 15.16 -29.60 -25.31
C HIS D 89 14.83 -28.39 -24.42
N CYS D 90 15.81 -27.54 -24.12
CA CYS D 90 15.56 -26.34 -23.27
C CYS D 90 14.49 -25.49 -23.92
N MET D 91 14.54 -25.31 -25.25
CA MET D 91 13.53 -24.53 -26.01
C MET D 91 12.19 -25.26 -25.94
N TYR D 92 12.22 -26.60 -26.04
CA TYR D 92 11.03 -27.46 -25.82
C TYR D 92 10.39 -27.10 -24.46
N ALA D 93 11.19 -27.15 -23.39
CA ALA D 93 10.76 -26.87 -21.99
C ALA D 93 10.09 -25.51 -21.91
N ILE D 94 10.70 -24.48 -22.51
CA ILE D 94 10.19 -23.07 -22.49
C ILE D 94 8.84 -23.02 -23.23
N LEU D 95 8.76 -23.64 -24.42
CA LEU D 95 7.56 -23.58 -25.29
C LEU D 95 6.37 -24.26 -24.59
N GLN D 96 6.58 -25.43 -23.97
CA GLN D 96 5.48 -26.18 -23.31
C GLN D 96 4.94 -25.39 -22.12
N ASN D 97 5.78 -24.58 -21.47
CA ASN D 97 5.46 -23.93 -20.17
C ASN D 97 5.00 -22.48 -20.42
N ASN D 98 5.11 -21.99 -21.66
CA ASN D 98 4.61 -20.66 -22.11
C ASN D 98 3.80 -20.83 -23.40
N HIS D 99 3.07 -21.95 -23.53
CA HIS D 99 2.54 -22.45 -24.83
C HIS D 99 1.51 -21.48 -25.43
N THR D 100 0.86 -20.65 -24.61
CA THR D 100 -0.18 -19.69 -25.09
C THR D 100 0.49 -18.49 -25.78
N LEU D 101 1.77 -18.21 -25.49
CA LEU D 101 2.45 -16.94 -25.88
C LEU D 101 2.98 -16.98 -27.32
N PHE D 102 3.16 -18.16 -27.93
CA PHE D 102 3.93 -18.31 -29.19
C PHE D 102 3.04 -18.81 -30.33
N THR D 103 3.31 -18.31 -31.55
CA THR D 103 2.58 -18.67 -32.79
C THR D 103 3.06 -20.05 -33.25
N ASP D 104 2.37 -20.62 -34.25
CA ASP D 104 2.64 -21.97 -34.81
C ASP D 104 3.95 -21.96 -35.59
N LEU D 105 4.21 -20.91 -36.38
CA LEU D 105 5.49 -20.72 -37.14
C LEU D 105 6.66 -20.65 -36.15
N GLU D 106 6.47 -19.96 -35.02
CA GLU D 106 7.51 -19.77 -33.99
C GLU D 106 7.88 -21.14 -33.40
N ARG D 107 6.86 -21.93 -33.02
CA ARG D 107 7.04 -23.28 -32.43
C ARG D 107 7.79 -24.18 -33.41
N LYS D 108 7.39 -24.19 -34.69
CA LYS D 108 8.06 -24.96 -35.78
C LYS D 108 9.51 -24.47 -35.93
N GLY D 109 9.68 -23.15 -36.09
CA GLY D 109 10.98 -22.51 -36.42
C GLY D 109 12.01 -22.65 -35.32
N LEU D 110 11.60 -22.56 -34.05
CA LEU D 110 12.54 -22.37 -32.90
C LEU D 110 13.24 -23.68 -32.54
N LEU D 111 12.52 -24.80 -32.49
CA LEU D 111 13.13 -26.12 -32.18
C LEU D 111 14.13 -26.46 -33.29
N ILE D 112 13.76 -26.21 -34.55
CA ILE D 112 14.67 -26.38 -35.72
C ILE D 112 15.85 -25.42 -35.56
N ALA D 113 15.60 -24.16 -35.20
CA ALA D 113 16.66 -23.14 -35.02
C ALA D 113 17.66 -23.66 -33.98
N CYS D 114 17.17 -24.26 -32.90
CA CYS D 114 17.99 -24.74 -31.77
C CYS D 114 18.87 -25.91 -32.22
N LEU D 115 18.30 -26.91 -32.88
CA LEU D 115 19.03 -28.09 -33.40
C LEU D 115 20.11 -27.66 -34.40
N CYS D 116 19.89 -26.57 -35.15
CA CYS D 116 20.77 -26.13 -36.26
C CYS D 116 21.75 -25.02 -35.83
N HIS D 117 21.67 -24.54 -34.59
CA HIS D 117 22.24 -23.23 -34.17
C HIS D 117 23.77 -23.26 -34.13
N ASP D 118 24.40 -24.44 -34.10
CA ASP D 118 25.88 -24.57 -34.04
C ASP D 118 26.40 -25.50 -35.17
N LEU D 119 25.67 -25.63 -36.28
CA LEU D 119 26.07 -26.54 -37.40
C LEU D 119 27.51 -26.25 -37.83
N ASP D 120 28.32 -27.30 -37.96
CA ASP D 120 29.67 -27.30 -38.58
C ASP D 120 30.62 -26.43 -37.75
N HIS D 121 30.44 -26.45 -36.43
CA HIS D 121 31.31 -25.77 -35.43
C HIS D 121 32.61 -26.58 -35.30
N ARG D 122 33.76 -25.91 -35.25
CA ARG D 122 35.11 -26.52 -35.16
C ARG D 122 35.64 -26.43 -33.73
N GLY D 123 34.85 -25.89 -32.79
CA GLY D 123 35.27 -25.70 -31.39
C GLY D 123 36.07 -24.43 -31.20
N PHE D 124 35.99 -23.51 -32.17
CA PHE D 124 36.74 -22.22 -32.15
C PHE D 124 35.73 -21.06 -32.18
N SER D 125 36.08 -19.97 -31.49
CA SER D 125 35.29 -18.73 -31.37
C SER D 125 35.48 -17.89 -32.63
N ASN D 126 34.61 -16.90 -32.82
CA ASN D 126 34.71 -15.89 -33.90
C ASN D 126 36.02 -15.11 -33.76
N SER D 127 36.49 -14.86 -32.53
CA SER D 127 37.76 -14.14 -32.25
C SER D 127 38.94 -14.86 -32.91
N TYR D 128 39.05 -16.18 -32.73
CA TYR D 128 40.19 -16.97 -33.26
C TYR D 128 40.14 -16.96 -34.80
N LEU D 129 38.95 -17.19 -35.39
CA LEU D 129 38.79 -17.17 -36.87
C LEU D 129 39.28 -15.83 -37.44
N GLN D 130 39.05 -14.74 -36.71
CA GLN D 130 39.49 -13.35 -37.08
C GLN D 130 41.02 -13.28 -37.04
N LYS D 131 41.64 -13.73 -35.95
CA LYS D 131 43.11 -13.63 -35.73
C LYS D 131 43.84 -14.63 -36.65
N PHE D 132 43.25 -15.80 -36.88
CA PHE D 132 43.77 -16.80 -37.84
C PHE D 132 43.66 -16.27 -39.28
N ASP D 133 42.70 -15.36 -39.52
CA ASP D 133 42.39 -14.80 -40.86
C ASP D 133 41.63 -15.88 -41.66
N HIS D 134 40.76 -16.64 -40.99
CA HIS D 134 40.03 -17.78 -41.60
C HIS D 134 39.12 -17.25 -42.71
N PRO D 135 39.00 -17.96 -43.86
CA PRO D 135 38.14 -17.53 -44.96
C PRO D 135 36.70 -17.13 -44.55
N LEU D 136 36.13 -17.78 -43.53
CA LEU D 136 34.80 -17.43 -42.99
C LEU D 136 34.82 -16.00 -42.43
N ALA D 137 35.92 -15.56 -41.80
CA ALA D 137 36.05 -14.20 -41.22
C ALA D 137 36.01 -13.15 -42.34
N ALA D 138 36.48 -13.48 -43.54
CA ALA D 138 36.47 -12.58 -44.72
C ALA D 138 35.05 -12.51 -45.26
N LEU D 139 34.36 -13.65 -45.29
CA LEU D 139 32.98 -13.78 -45.81
C LEU D 139 31.99 -13.16 -44.83
N TYR D 140 32.22 -13.35 -43.52
CA TYR D 140 31.34 -12.87 -42.42
C TYR D 140 32.19 -12.11 -41.38
N SER D 141 32.16 -10.77 -41.44
CA SER D 141 33.01 -9.87 -40.64
C SER D 141 32.49 -9.79 -39.20
N THR D 142 31.18 -9.96 -39.03
CA THR D 142 30.48 -9.99 -37.71
C THR D 142 29.70 -11.29 -37.57
N SER D 143 29.54 -11.77 -36.33
CA SER D 143 28.77 -13.00 -36.00
C SER D 143 29.17 -14.12 -36.96
N THR D 144 30.48 -14.31 -37.13
CA THR D 144 31.11 -15.09 -38.22
C THR D 144 30.49 -16.50 -38.25
N MET D 145 30.65 -17.26 -37.18
CA MET D 145 30.22 -18.68 -37.11
C MET D 145 28.69 -18.74 -37.26
N GLU D 146 27.97 -17.81 -36.60
CA GLU D 146 26.49 -17.79 -36.57
C GLU D 146 25.93 -17.58 -37.99
N GLN D 147 26.58 -16.77 -38.82
CA GLN D 147 26.17 -16.58 -40.24
C GLN D 147 26.43 -17.88 -41.01
N HIS D 148 27.55 -18.55 -40.72
CA HIS D 148 27.88 -19.89 -41.26
C HIS D 148 26.83 -20.92 -40.83
N HIS D 149 26.44 -20.93 -39.54
CA HIS D 149 25.48 -21.92 -38.98
C HIS D 149 24.18 -21.83 -39.80
N PHE D 150 23.69 -20.61 -40.03
CA PHE D 150 22.42 -20.36 -40.76
C PHE D 150 22.58 -20.76 -42.24
N SER D 151 23.71 -20.40 -42.85
CA SER D 151 24.08 -20.78 -44.24
C SER D 151 23.96 -22.31 -44.37
N GLN D 152 24.49 -23.07 -43.40
CA GLN D 152 24.50 -24.56 -43.40
C GLN D 152 23.06 -25.07 -43.27
N THR D 153 22.25 -24.46 -42.41
CA THR D 153 20.82 -24.79 -42.22
C THR D 153 20.08 -24.71 -43.56
N VAL D 154 20.30 -23.62 -44.30
CA VAL D 154 19.65 -23.34 -45.62
C VAL D 154 20.10 -24.42 -46.62
N SER D 155 21.39 -24.73 -46.66
CA SER D 155 21.99 -25.75 -47.55
C SER D 155 21.31 -27.10 -47.31
N ILE D 156 21.12 -27.49 -46.05
CA ILE D 156 20.50 -28.80 -45.67
C ILE D 156 19.04 -28.79 -46.11
N LEU D 157 18.31 -27.69 -45.89
CA LEU D 157 16.88 -27.57 -46.28
C LEU D 157 16.72 -27.73 -47.80
N GLN D 158 17.74 -27.36 -48.58
CA GLN D 158 17.70 -27.36 -50.06
C GLN D 158 18.26 -28.68 -50.62
N LEU D 159 18.75 -29.57 -49.76
CA LEU D 159 19.07 -30.98 -50.14
C LEU D 159 17.76 -31.64 -50.59
N GLU D 160 17.87 -32.64 -51.48
CA GLU D 160 16.71 -33.31 -52.11
C GLU D 160 15.90 -34.03 -51.02
N GLY D 161 14.60 -33.73 -50.92
CA GLY D 161 13.65 -34.38 -50.00
C GLY D 161 13.89 -33.98 -48.54
N HIS D 162 14.63 -32.91 -48.27
CA HIS D 162 15.03 -32.46 -46.92
C HIS D 162 14.14 -31.30 -46.45
N ASN D 163 13.49 -30.59 -47.38
CA ASN D 163 12.80 -29.32 -47.04
C ASN D 163 11.53 -29.64 -46.25
N ILE D 164 11.65 -29.58 -44.91
CA ILE D 164 10.56 -29.93 -43.95
C ILE D 164 9.49 -28.82 -43.94
N PHE D 165 9.72 -27.69 -44.61
CA PHE D 165 8.78 -26.53 -44.60
C PHE D 165 8.00 -26.45 -45.92
N SER D 166 8.12 -27.48 -46.78
CA SER D 166 7.55 -27.50 -48.16
C SER D 166 6.06 -27.20 -48.12
N THR D 167 5.34 -27.66 -47.08
CA THR D 167 3.85 -27.56 -46.97
C THR D 167 3.41 -26.19 -46.45
N LEU D 168 4.32 -25.23 -46.28
CA LEU D 168 3.99 -23.82 -45.93
C LEU D 168 3.74 -23.05 -47.23
N SER D 169 3.01 -21.94 -47.16
CA SER D 169 2.93 -20.90 -48.22
C SER D 169 4.31 -20.23 -48.35
N SER D 170 4.55 -19.46 -49.42
CA SER D 170 5.84 -18.76 -49.64
C SER D 170 6.00 -17.70 -48.56
N SER D 171 4.88 -17.11 -48.11
CA SER D 171 4.82 -16.03 -47.09
C SER D 171 5.19 -16.60 -45.70
N GLU D 172 4.66 -17.79 -45.38
CA GLU D 172 4.95 -18.50 -44.10
C GLU D 172 6.36 -19.10 -44.13
N TYR D 173 6.85 -19.53 -45.30
CA TYR D 173 8.21 -20.08 -45.49
C TYR D 173 9.23 -18.98 -45.18
N GLU D 174 9.17 -17.87 -45.91
CA GLU D 174 10.15 -16.75 -45.78
C GLU D 174 10.06 -16.19 -44.35
N GLN D 175 8.91 -16.31 -43.72
CA GLN D 175 8.66 -15.87 -42.32
C GLN D 175 9.41 -16.80 -41.35
N VAL D 176 9.24 -18.11 -41.49
CA VAL D 176 9.88 -19.11 -40.57
C VAL D 176 11.40 -19.07 -40.78
N LEU D 177 11.89 -18.91 -42.01
CA LEU D 177 13.35 -18.83 -42.29
C LEU D 177 13.94 -17.59 -41.60
N GLU D 178 13.17 -16.50 -41.52
CA GLU D 178 13.57 -15.24 -40.85
C GLU D 178 13.61 -15.44 -39.33
N ILE D 179 12.61 -16.11 -38.76
CA ILE D 179 12.59 -16.52 -37.32
C ILE D 179 13.89 -17.30 -37.03
N ILE D 180 14.26 -18.24 -37.91
CA ILE D 180 15.42 -19.16 -37.68
C ILE D 180 16.70 -18.33 -37.74
N ARG D 181 16.84 -17.49 -38.77
CA ARG D 181 18.05 -16.66 -38.99
C ARG D 181 18.32 -15.78 -37.77
N LYS D 182 17.30 -15.02 -37.35
CA LYS D 182 17.38 -14.11 -36.18
C LYS D 182 17.74 -14.90 -34.93
N ALA D 183 17.15 -16.09 -34.77
CA ALA D 183 17.35 -16.96 -33.58
C ALA D 183 18.81 -17.44 -33.57
N ILE D 184 19.34 -17.87 -34.71
CA ILE D 184 20.71 -18.43 -34.80
C ILE D 184 21.73 -17.30 -34.60
N ILE D 185 21.53 -16.14 -35.25
CA ILE D 185 22.40 -14.93 -35.09
C ILE D 185 22.41 -14.49 -33.62
N ALA D 186 21.29 -14.64 -32.90
CA ALA D 186 21.12 -14.21 -31.49
C ALA D 186 22.00 -15.05 -30.54
N THR D 187 22.45 -16.24 -30.96
CA THR D 187 23.33 -17.12 -30.13
C THR D 187 24.79 -16.63 -30.14
N ASP D 188 25.10 -15.59 -30.93
CA ASP D 188 26.39 -14.85 -30.83
C ASP D 188 26.38 -14.07 -29.52
N LEU D 189 27.16 -14.52 -28.53
CA LEU D 189 27.09 -13.96 -27.15
C LEU D 189 27.39 -12.46 -27.18
N ALA D 190 28.25 -11.99 -28.09
CA ALA D 190 28.58 -10.55 -28.25
C ALA D 190 27.29 -9.72 -28.34
N LEU D 191 26.25 -10.23 -29.02
CA LEU D 191 24.96 -9.53 -29.22
C LEU D 191 24.06 -9.63 -27.97
N TYR D 192 24.21 -10.69 -27.16
CA TYR D 192 23.35 -10.97 -25.98
C TYR D 192 23.33 -9.75 -25.04
N PHE D 193 24.51 -9.19 -24.71
CA PHE D 193 24.68 -8.15 -23.67
C PHE D 193 23.77 -6.96 -23.98
N GLY D 194 23.88 -6.40 -25.20
CA GLY D 194 23.02 -5.30 -25.69
C GLY D 194 21.55 -5.68 -25.69
N ASN D 195 21.22 -6.91 -26.09
CA ASN D 195 19.83 -7.43 -26.18
C ASN D 195 19.20 -7.53 -24.79
N ARG D 196 19.95 -7.99 -23.80
CA ARG D 196 19.44 -8.16 -22.41
C ARG D 196 19.18 -6.78 -21.79
N LYS D 197 20.15 -5.86 -21.89
CA LYS D 197 20.06 -4.48 -21.35
C LYS D 197 18.82 -3.78 -21.92
N GLN D 198 18.55 -3.90 -23.21
CA GLN D 198 17.34 -3.35 -23.89
C GLN D 198 16.07 -3.94 -23.24
N LEU D 199 15.95 -5.26 -23.22
CA LEU D 199 14.76 -5.98 -22.68
C LEU D 199 14.55 -5.61 -21.21
N GLU D 200 15.63 -5.60 -20.41
CA GLU D 200 15.56 -5.27 -18.96
C GLU D 200 14.77 -3.98 -18.82
N GLU D 201 15.25 -2.93 -19.50
CA GLU D 201 14.64 -1.58 -19.47
C GLU D 201 13.19 -1.64 -19.95
N MET D 202 12.95 -2.27 -21.10
CA MET D 202 11.60 -2.38 -21.71
C MET D 202 10.62 -2.99 -20.71
N TYR D 203 11.01 -4.12 -20.07
CA TYR D 203 10.15 -4.87 -19.12
C TYR D 203 9.90 -4.04 -17.85
N GLN D 204 10.97 -3.59 -17.20
CA GLN D 204 10.95 -2.91 -15.88
C GLN D 204 10.14 -1.60 -15.98
N THR D 205 10.25 -0.86 -17.09
CA THR D 205 9.54 0.43 -17.30
C THR D 205 8.17 0.18 -17.94
N GLY D 206 7.84 -1.08 -18.26
CA GLY D 206 6.49 -1.50 -18.70
C GLY D 206 6.17 -1.09 -20.13
N SER D 207 7.17 -1.04 -21.02
CA SER D 207 7.00 -0.74 -22.46
C SER D 207 7.08 -2.03 -23.29
N LEU D 208 7.55 -3.14 -22.72
CA LEU D 208 7.65 -4.44 -23.44
C LEU D 208 6.26 -4.89 -23.88
N ASN D 209 6.13 -5.21 -25.18
CA ASN D 209 4.85 -5.47 -25.88
C ASN D 209 5.07 -6.60 -26.89
N LEU D 210 4.59 -7.80 -26.59
CA LEU D 210 4.84 -9.03 -27.40
C LEU D 210 4.00 -9.00 -28.69
N ASN D 211 3.32 -7.88 -28.97
CA ASN D 211 2.56 -7.66 -30.24
C ASN D 211 3.38 -6.79 -31.19
N ASN D 212 4.46 -6.18 -30.69
CA ASN D 212 5.51 -5.51 -31.51
C ASN D 212 6.50 -6.60 -31.92
N GLN D 213 6.66 -6.83 -33.24
CA GLN D 213 7.52 -7.92 -33.80
C GLN D 213 8.96 -7.74 -33.32
N SER D 214 9.44 -6.49 -33.28
CA SER D 214 10.81 -6.10 -32.83
C SER D 214 11.03 -6.61 -31.40
N HIS D 215 10.01 -6.46 -30.54
CA HIS D 215 10.03 -6.89 -29.11
C HIS D 215 10.10 -8.42 -29.04
N ARG D 216 9.30 -9.13 -29.86
CA ARG D 216 9.29 -10.61 -29.92
C ARG D 216 10.67 -11.13 -30.31
N ASP D 217 11.29 -10.54 -31.34
CA ASP D 217 12.64 -10.89 -31.86
C ASP D 217 13.67 -10.82 -30.71
N ARG D 218 13.58 -9.79 -29.87
CA ARG D 218 14.47 -9.64 -28.68
C ARG D 218 14.17 -10.76 -27.68
N VAL D 219 12.90 -11.00 -27.36
CA VAL D 219 12.49 -12.05 -26.38
C VAL D 219 13.01 -13.40 -26.88
N ILE D 220 12.71 -13.74 -28.13
CA ILE D 220 13.19 -15.00 -28.78
C ILE D 220 14.72 -15.02 -28.72
N GLY D 221 15.36 -13.88 -28.99
CA GLY D 221 16.82 -13.70 -28.90
C GLY D 221 17.34 -14.12 -27.54
N LEU D 222 16.68 -13.66 -26.47
CA LEU D 222 17.04 -13.98 -25.07
C LEU D 222 16.73 -15.45 -24.79
N MET D 223 15.63 -15.98 -25.33
CA MET D 223 15.29 -17.43 -25.19
C MET D 223 16.42 -18.27 -25.79
N MET D 224 16.95 -17.87 -26.94
CA MET D 224 18.07 -18.60 -27.62
C MET D 224 19.30 -18.66 -26.70
N THR D 225 19.75 -17.52 -26.18
CA THR D 225 20.89 -17.44 -25.21
C THR D 225 20.64 -18.38 -24.04
N ALA D 226 19.46 -18.27 -23.41
CA ALA D 226 19.04 -19.07 -22.25
C ALA D 226 19.16 -20.56 -22.56
N CYS D 227 18.61 -21.00 -23.69
CA CYS D 227 18.72 -22.42 -24.13
C CYS D 227 20.19 -22.77 -24.40
N ASP D 228 20.92 -21.87 -25.06
CA ASP D 228 22.31 -22.11 -25.50
C ASP D 228 23.25 -22.27 -24.29
N LEU D 229 22.97 -21.59 -23.17
CA LEU D 229 23.83 -21.62 -21.97
C LEU D 229 23.30 -22.65 -20.96
N CYS D 230 22.34 -23.48 -21.36
CA CYS D 230 21.47 -24.24 -20.40
C CYS D 230 22.26 -25.35 -19.69
N SER D 231 23.53 -25.60 -20.04
CA SER D 231 24.42 -26.48 -19.25
C SER D 231 24.53 -25.96 -17.81
N VAL D 232 24.47 -24.63 -17.60
CA VAL D 232 24.61 -23.98 -16.27
C VAL D 232 23.27 -24.06 -15.48
N THR D 233 22.20 -24.63 -16.05
CA THR D 233 20.88 -24.74 -15.37
C THR D 233 20.54 -26.21 -15.08
N LYS D 234 21.51 -27.11 -15.21
CA LYS D 234 21.33 -28.55 -14.91
C LYS D 234 21.70 -28.81 -13.46
N LEU D 235 21.48 -30.04 -12.99
CA LEU D 235 21.94 -30.50 -11.64
C LEU D 235 23.47 -30.50 -11.65
N TRP D 236 24.06 -30.18 -10.50
CA TRP D 236 25.51 -29.90 -10.31
C TRP D 236 26.38 -30.89 -11.10
N PRO D 237 26.17 -32.22 -10.98
CA PRO D 237 27.07 -33.19 -11.60
C PRO D 237 27.12 -33.11 -13.13
N VAL D 238 25.98 -32.79 -13.78
CA VAL D 238 25.88 -32.55 -15.25
C VAL D 238 26.67 -31.27 -15.58
N THR D 239 26.35 -30.16 -14.91
CA THR D 239 26.97 -28.82 -15.12
C THR D 239 28.48 -28.90 -14.94
N LYS D 240 28.95 -29.58 -13.88
CA LYS D 240 30.40 -29.74 -13.58
C LYS D 240 31.07 -30.53 -14.69
N LEU D 241 30.48 -31.67 -15.10
CA LEU D 241 31.06 -32.55 -16.14
C LEU D 241 30.99 -31.85 -17.50
N THR D 242 29.90 -31.13 -17.80
CA THR D 242 29.76 -30.38 -19.08
C THR D 242 30.84 -29.28 -19.15
N ALA D 243 31.23 -28.70 -18.01
CA ALA D 243 32.27 -27.66 -17.96
C ALA D 243 33.62 -28.22 -18.43
N ASN D 244 33.91 -29.50 -18.17
CA ASN D 244 35.15 -30.15 -18.64
C ASN D 244 35.24 -30.06 -20.17
N ASP D 245 34.16 -30.47 -20.85
CA ASP D 245 34.03 -30.43 -22.33
C ASP D 245 34.17 -29.00 -22.82
N ILE D 246 33.50 -28.06 -22.16
CA ILE D 246 33.52 -26.61 -22.52
C ILE D 246 34.97 -26.13 -22.50
N TYR D 247 35.73 -26.45 -21.44
CA TYR D 247 37.12 -25.95 -21.23
C TYR D 247 38.11 -26.73 -22.10
N ALA D 248 37.82 -27.99 -22.42
CA ALA D 248 38.64 -28.78 -23.37
C ALA D 248 38.77 -27.97 -24.65
N GLU D 249 37.65 -27.39 -25.10
CA GLU D 249 37.59 -26.52 -26.31
C GLU D 249 38.29 -25.17 -26.08
N PHE D 250 38.09 -24.53 -24.92
CA PHE D 250 38.71 -23.23 -24.58
C PHE D 250 40.24 -23.36 -24.62
N TRP D 251 40.76 -24.40 -23.96
CA TRP D 251 42.22 -24.65 -23.86
C TRP D 251 42.81 -24.98 -25.24
N ALA D 252 42.13 -25.81 -26.04
CA ALA D 252 42.58 -26.12 -27.42
C ALA D 252 42.68 -24.82 -28.23
N GLU D 253 41.76 -23.87 -28.00
CA GLU D 253 41.76 -22.56 -28.72
C GLU D 253 42.92 -21.70 -28.20
N GLY D 254 43.11 -21.65 -26.88
CA GLY D 254 44.27 -20.98 -26.25
C GLY D 254 45.58 -21.49 -26.84
N ASP D 255 45.66 -22.80 -27.11
CA ASP D 255 46.87 -23.45 -27.69
C ASP D 255 47.12 -22.84 -29.08
N GLU D 256 46.06 -22.76 -29.89
CA GLU D 256 46.11 -22.23 -31.28
C GLU D 256 46.41 -20.72 -31.24
N MET D 257 46.00 -20.01 -30.18
CA MET D 257 46.34 -18.58 -29.98
C MET D 257 47.83 -18.45 -29.70
N LYS D 258 48.37 -19.25 -28.77
CA LYS D 258 49.83 -19.35 -28.51
C LYS D 258 50.57 -19.69 -29.81
N LYS D 259 49.99 -20.54 -30.66
CA LYS D 259 50.60 -20.97 -31.95
C LYS D 259 50.62 -19.79 -32.94
N LEU D 260 49.73 -18.80 -32.75
CA LEU D 260 49.70 -17.56 -33.56
C LEU D 260 50.56 -16.45 -32.92
N GLY D 261 51.39 -16.76 -31.92
CA GLY D 261 52.22 -15.78 -31.20
C GLY D 261 51.37 -14.78 -30.44
N ILE D 262 50.23 -15.22 -29.89
CA ILE D 262 49.28 -14.38 -29.10
C ILE D 262 49.04 -15.06 -27.75
N GLN D 263 49.21 -14.31 -26.65
CA GLN D 263 48.92 -14.80 -25.28
C GLN D 263 47.40 -14.81 -25.14
N PRO D 264 46.76 -15.99 -24.99
CA PRO D 264 45.30 -16.04 -24.89
C PRO D 264 44.85 -15.48 -23.53
N ILE D 265 43.57 -15.12 -23.42
CA ILE D 265 42.94 -14.75 -22.12
C ILE D 265 43.03 -15.96 -21.20
N PRO D 266 43.11 -15.74 -19.86
CA PRO D 266 43.34 -16.83 -18.89
C PRO D 266 42.30 -17.96 -18.93
N MET D 267 41.06 -17.63 -19.30
CA MET D 267 39.92 -18.59 -19.47
C MET D 267 40.32 -19.69 -20.46
N MET D 268 41.17 -19.36 -21.43
CA MET D 268 41.57 -20.25 -22.56
C MET D 268 42.98 -20.80 -22.35
N ASP D 269 43.65 -20.47 -21.22
CA ASP D 269 45.04 -20.88 -20.95
C ASP D 269 45.04 -22.11 -20.04
N ARG D 270 45.48 -23.26 -20.57
CA ARG D 270 45.49 -24.54 -19.82
C ARG D 270 46.55 -24.52 -18.71
N ASP D 271 47.46 -23.53 -18.72
CA ASP D 271 48.46 -23.31 -17.64
C ASP D 271 47.81 -22.56 -16.46
N LYS D 272 46.68 -21.90 -16.67
CA LYS D 272 45.90 -21.19 -15.62
C LYS D 272 44.63 -22.01 -15.35
N LYS D 273 44.80 -23.32 -15.25
CA LYS D 273 43.75 -24.33 -14.95
C LYS D 273 43.20 -24.07 -13.53
N ASP D 274 44.10 -23.76 -12.61
CA ASP D 274 43.84 -23.40 -11.18
C ASP D 274 42.73 -22.35 -11.08
N GLU D 275 42.69 -21.39 -12.02
CA GLU D 275 41.84 -20.17 -11.94
C GLU D 275 40.41 -20.43 -12.47
N VAL D 276 40.05 -21.69 -12.76
CA VAL D 276 38.76 -22.03 -13.44
C VAL D 276 37.58 -21.75 -12.50
N PRO D 277 37.60 -22.18 -11.21
CA PRO D 277 36.49 -21.90 -10.31
C PRO D 277 36.18 -20.39 -10.24
N GLN D 278 37.21 -19.55 -10.10
CA GLN D 278 37.09 -18.07 -10.02
C GLN D 278 36.51 -17.53 -11.34
N GLY D 279 36.91 -18.10 -12.47
CA GLY D 279 36.47 -17.67 -13.82
C GLY D 279 35.03 -18.05 -14.10
N GLN D 280 34.57 -19.18 -13.56
CA GLN D 280 33.16 -19.65 -13.64
C GLN D 280 32.28 -18.71 -12.82
N LEU D 281 32.71 -18.41 -11.59
CA LEU D 281 32.05 -17.42 -10.70
C LEU D 281 31.79 -16.14 -11.49
N GLY D 282 32.82 -15.63 -12.18
CA GLY D 282 32.76 -14.39 -12.98
C GLY D 282 31.80 -14.52 -14.14
N PHE D 283 31.76 -15.69 -14.78
CA PHE D 283 30.87 -15.99 -15.93
C PHE D 283 29.40 -15.96 -15.48
N TYR D 284 29.08 -16.61 -14.36
CA TYR D 284 27.70 -16.72 -13.84
C TYR D 284 27.17 -15.32 -13.50
N ASN D 285 27.94 -14.56 -12.72
CA ASN D 285 27.60 -13.20 -12.24
C ASN D 285 27.39 -12.25 -13.43
N ALA D 286 28.29 -12.28 -14.41
CA ALA D 286 28.34 -11.29 -15.52
C ALA D 286 27.49 -11.73 -16.72
N VAL D 287 27.14 -13.02 -16.84
CA VAL D 287 26.44 -13.54 -18.06
C VAL D 287 25.19 -14.35 -17.69
N ALA D 288 25.37 -15.51 -17.05
CA ALA D 288 24.32 -16.54 -16.85
C ALA D 288 23.17 -16.00 -15.98
N ILE D 289 23.47 -15.52 -14.77
CA ILE D 289 22.43 -15.11 -13.77
C ILE D 289 21.62 -13.94 -14.33
N PRO D 290 22.24 -12.87 -14.88
CA PRO D 290 21.48 -11.80 -15.53
C PRO D 290 20.56 -12.31 -16.67
N CYS D 291 21.00 -13.31 -17.42
CA CYS D 291 20.24 -13.91 -18.56
C CYS D 291 18.94 -14.54 -18.05
N TYR D 292 19.03 -15.43 -17.08
CA TYR D 292 17.88 -16.21 -16.52
C TYR D 292 17.02 -15.31 -15.61
N THR D 293 17.60 -14.25 -15.03
CA THR D 293 16.85 -13.26 -14.20
C THR D 293 15.97 -12.42 -15.13
N THR D 294 16.55 -11.88 -16.19
CA THR D 294 15.81 -11.10 -17.21
C THR D 294 14.78 -12.02 -17.88
N LEU D 295 15.15 -13.27 -18.20
CA LEU D 295 14.24 -14.23 -18.87
C LEU D 295 13.06 -14.55 -17.96
N THR D 296 13.31 -14.93 -16.71
CA THR D 296 12.26 -15.30 -15.71
C THR D 296 11.30 -14.11 -15.52
N GLN D 297 11.82 -12.87 -15.54
CA GLN D 297 11.03 -11.62 -15.44
C GLN D 297 9.96 -11.59 -16.55
N ILE D 298 10.35 -11.87 -17.79
CA ILE D 298 9.46 -11.80 -19.00
C ILE D 298 8.59 -13.05 -19.08
N LEU D 299 9.16 -14.24 -18.84
CA LEU D 299 8.47 -15.54 -18.90
C LEU D 299 8.63 -16.25 -17.56
N PRO D 300 7.78 -15.94 -16.56
CA PRO D 300 7.89 -16.48 -15.21
C PRO D 300 7.99 -18.01 -15.09
N PRO D 301 7.25 -18.80 -15.91
CA PRO D 301 7.37 -20.26 -15.85
C PRO D 301 8.76 -20.82 -16.20
N THR D 302 9.71 -19.97 -16.65
CA THR D 302 11.13 -20.36 -16.89
C THR D 302 11.97 -20.17 -15.62
N GLU D 303 11.32 -19.90 -14.47
CA GLU D 303 11.97 -19.69 -13.15
C GLU D 303 12.91 -20.85 -12.81
N PRO D 304 12.54 -22.14 -13.01
CA PRO D 304 13.42 -23.25 -12.66
C PRO D 304 14.82 -23.19 -13.30
N LEU D 305 14.96 -22.54 -14.46
CA LEU D 305 16.29 -22.23 -15.05
C LEU D 305 17.07 -21.31 -14.10
N LEU D 306 16.43 -20.26 -13.56
CA LEU D 306 17.11 -19.29 -12.66
C LEU D 306 17.53 -20.01 -11.36
N LYS D 307 16.61 -20.73 -10.71
CA LYS D 307 16.88 -21.50 -9.46
C LYS D 307 18.12 -22.36 -9.66
N ALA D 308 18.08 -23.27 -10.64
CA ALA D 308 19.13 -24.28 -10.89
C ALA D 308 20.47 -23.57 -11.15
N CYS D 309 20.44 -22.41 -11.83
CA CYS D 309 21.63 -21.57 -12.12
C CYS D 309 22.22 -21.03 -10.82
N ARG D 310 21.39 -20.44 -9.95
CA ARG D 310 21.82 -19.93 -8.62
C ARG D 310 22.43 -21.08 -7.79
N ASP D 311 21.82 -22.27 -7.84
CA ASP D 311 22.32 -23.46 -7.09
C ASP D 311 23.74 -23.80 -7.56
N ASN D 312 24.00 -23.78 -8.87
CA ASN D 312 25.32 -24.10 -9.48
C ASN D 312 26.36 -23.03 -9.11
N LEU D 313 25.96 -21.75 -9.08
CA LEU D 313 26.85 -20.63 -8.65
C LEU D 313 27.33 -20.88 -7.21
N SER D 314 26.46 -21.40 -6.34
CA SER D 314 26.79 -21.67 -4.91
C SER D 314 27.64 -22.94 -4.80
N GLN D 315 27.56 -23.84 -5.78
CA GLN D 315 28.44 -25.03 -5.87
C GLN D 315 29.86 -24.59 -6.27
N TRP D 316 29.98 -23.69 -7.25
CA TRP D 316 31.29 -23.11 -7.67
C TRP D 316 31.94 -22.37 -6.48
N GLU D 317 31.14 -21.64 -5.70
CA GLU D 317 31.57 -20.95 -4.44
C GLU D 317 32.13 -21.96 -3.43
N LYS D 318 31.56 -23.17 -3.38
CA LYS D 318 32.07 -24.30 -2.53
C LYS D 318 33.45 -24.76 -3.06
N VAL D 319 33.62 -24.82 -4.38
CA VAL D 319 34.86 -25.32 -5.04
C VAL D 319 36.03 -24.37 -4.69
N ILE D 320 35.75 -23.07 -4.56
CA ILE D 320 36.79 -22.01 -4.36
C ILE D 320 37.44 -22.15 -2.97
N ARG D 321 36.84 -22.89 -2.03
CA ARG D 321 37.45 -23.20 -0.70
C ARG D 321 37.48 -24.71 -0.49
N GLY D 322 36.32 -25.36 -0.52
CA GLY D 322 36.12 -26.80 -0.24
C GLY D 322 34.78 -27.05 0.43
ZN ZN E . -14.24 23.51 22.13
MG MG F . -18.01 23.03 21.63
CL CL G . 1.03 26.65 42.84
C1 GOL H . 2.48 8.75 20.88
O1 GOL H . 2.78 9.75 21.85
C2 GOL H . 2.84 9.20 19.47
O2 GOL H . 4.11 9.84 19.46
C3 GOL H . 1.81 10.12 18.85
O3 GOL H . 2.18 10.52 17.54
C6 KF9 I . -17.28 31.50 14.22
C7 KF9 I . -18.30 33.43 13.64
C8 KF9 I . -16.39 30.48 14.54
C13 KF9 I . -18.63 31.35 14.53
C15 KF9 I . -13.27 31.26 12.80
C17 KF9 I . -10.92 30.21 16.56
C20 KF9 I . -10.53 29.48 17.67
C21 KF9 I . -14.59 27.97 18.07
C26 KF9 I . -16.84 29.34 15.18
C28 KF9 I . -13.91 27.11 15.95
C1 KF9 I . -12.93 30.23 15.03
N2 KF9 I . -14.23 30.20 15.15
C3 KF9 I . -12.15 29.73 16.17
N4 KF9 I . -15.02 30.63 14.24
N5 KF9 I . -12.50 28.73 17.05
O9 KF9 I . -17.06 32.69 13.60
O10 KF9 I . -19.29 32.49 14.11
N11 KF9 I . -11.45 28.60 17.95
C12 KF9 I . -12.37 30.80 13.79
C14 KF9 I . -14.59 31.15 13.07
C16 KF9 I . -13.67 27.94 17.03
N18 KF9 I . -17.44 27.15 19.94
C19 KF9 I . -16.68 27.15 19.10
O22 KF9 I . -11.17 30.90 13.61
F23 KF9 I . -18.24 34.53 14.49
F24 KF9 I . -18.58 33.87 12.36
C25 KF9 I . -15.74 27.16 18.01
C27 KF9 I . -19.08 30.19 15.15
C29 KF9 I . -18.19 29.19 15.47
C30 KF9 I . -15.05 26.31 15.88
C31 KF9 I . -15.96 26.33 16.92
ZN ZN J . 14.08 2.69 9.14
MG MG K . 15.29 4.53 12.44
PR PR L . 17.42 1.61 -16.27
PR PR M . 26.61 11.43 -13.51
PR PR N . 6.37 -17.47 32.64
PR PR O . 28.16 -15.91 28.93
PR PR P . 2.51 -17.80 32.96
C6 KF9 Q . 18.48 12.86 5.63
C7 KF9 Q . 20.25 14.24 5.38
C8 KF9 Q . 17.41 11.97 5.49
C13 KF9 Q . 19.02 13.08 6.89
C15 KF9 Q . 16.08 12.46 2.11
C17 KF9 Q . 15.47 7.99 1.62
C20 KF9 Q . 15.12 6.68 1.94
C21 KF9 Q . 15.97 7.58 6.12
C26 KF9 Q . 16.94 11.31 6.61
C28 KF9 Q . 14.11 8.98 5.62
C1 KF9 Q . 15.87 10.13 2.91
N2 KF9 Q . 16.44 10.52 4.03
C3 KF9 Q . 15.51 8.72 2.78
N4 KF9 Q . 16.82 11.72 4.23
N5 KF9 Q . 15.23 7.85 3.81
O9 KF9 Q . 19.13 13.63 4.69
O10 KF9 Q . 20.03 14.00 6.77
N11 KF9 Q . 14.97 6.60 3.24
C12 KF9 Q . 15.65 11.13 1.84
C14 KF9 Q . 16.66 12.70 3.32
C16 KF9 Q . 15.12 8.14 5.18
N18 KF9 Q . 17.45 6.74 9.13
C19 KF9 Q . 16.72 7.25 8.42
O22 KF9 Q . 15.13 10.84 0.77
F23 KF9 Q . 21.46 13.65 5.04
F24 KF9 Q . 20.27 15.60 5.11
C25 KF9 Q . 15.82 7.86 7.47
C27 KF9 Q . 18.53 12.43 8.00
C29 KF9 Q . 17.47 11.52 7.86
C30 KF9 Q . 13.95 9.27 6.97
C31 KF9 Q . 14.80 8.70 7.90
ZN ZN R . -20.51 -1.36 -4.81
MG MG S . -18.19 -4.27 -5.88
PR PR T . -32.44 -29.37 -0.80
PR PR U . -22.08 -23.77 16.96
PR PR V . -20.43 -22.17 20.39
C6 KF9 W . -15.68 2.18 -14.80
C7 KF9 W . -15.42 2.03 -17.02
C8 KF9 W . -15.96 2.52 -13.50
C13 KF9 W . -15.32 0.86 -15.10
C15 KF9 W . -16.26 6.15 -13.43
C17 KF9 W . -19.83 5.87 -10.67
C20 KF9 W . -20.61 5.43 -9.59
C21 KF9 W . -18.66 1.57 -9.77
C26 KF9 W . -15.93 1.57 -12.50
C28 KF9 W . -16.86 3.06 -9.30
C1 KF9 W . -17.76 5.00 -11.87
N2 KF9 W . -17.28 3.86 -12.30
C3 KF9 W . -18.82 4.96 -10.85
N4 KF9 W . -16.36 3.82 -13.19
N5 KF9 W . -18.99 3.97 -9.94
O9 KF9 W . -15.67 2.94 -15.94
O10 KF9 W . -15.07 0.76 -16.43
N11 KF9 W . -20.09 4.31 -9.16
C12 KF9 W . -17.27 6.25 -12.44
C14 KF9 W . -15.82 4.90 -13.78
C16 KF9 W . -18.17 2.85 -9.70
N18 KF9 W . -18.68 -1.91 -9.58
C19 KF9 W . -18.31 -0.84 -9.53
O22 KF9 W . -17.71 7.32 -12.06
F23 KF9 W . -16.56 1.88 -17.80
F24 KF9 W . -14.37 2.55 -17.78
C25 KF9 W . -17.82 0.50 -9.46
C27 KF9 W . -15.26 -0.09 -14.09
C29 KF9 W . -15.57 0.26 -12.79
C30 KF9 W . -16.02 2.02 -8.99
C31 KF9 W . -16.48 0.71 -9.06
ZN ZN X . 25.56 -23.36 -28.92
MG MG Y . 27.53 -20.87 -31.24
C6 KF9 Z . 32.38 -16.75 -22.15
C7 KF9 Z . 32.96 -14.83 -21.12
C8 KF9 Z . 31.99 -18.04 -22.48
C13 KF9 Z . 32.56 -15.78 -23.14
C15 KF9 Z . 32.53 -19.96 -19.41
C17 KF9 Z . 28.51 -22.04 -20.04
C20 KF9 Z . 27.49 -22.66 -20.74
C21 KF9 Z . 28.70 -20.68 -24.42
C26 KF9 Z . 31.77 -18.35 -23.81
C28 KF9 Z . 30.67 -21.90 -23.82
C1 KF9 Z . 30.57 -20.72 -20.70
N2 KF9 Z . 30.82 -19.79 -21.58
C3 KF9 Z . 29.37 -21.50 -20.98
N4 KF9 Z . 31.81 -18.99 -21.46
N5 KF9 Z . 28.85 -21.75 -22.23
O9 KF9 Z . 32.64 -16.22 -20.93
O10 KF9 Z . 32.96 -14.60 -22.56
N11 KF9 Z . 27.68 -22.51 -22.04
C12 KF9 Z . 31.43 -20.86 -19.50
C14 KF9 Z . 32.68 -19.04 -20.40
C16 KF9 Z . 29.40 -21.42 -23.48
N18 KF9 Z . 27.86 -19.02 -27.31
C19 KF9 Z . 28.51 -19.64 -26.61
O22 KF9 Z . 31.23 -21.71 -18.63
F23 KF9 Z . 32.01 -14.01 -20.54
F24 KF9 Z . 34.22 -14.59 -20.56
C25 KF9 Z . 29.28 -20.40 -25.67
C27 KF9 Z . 32.34 -16.11 -24.48
C29 KF9 Z . 31.94 -17.39 -24.80
C30 KF9 Z . 31.24 -21.64 -25.05
C31 KF9 Z . 30.55 -20.89 -25.99
#